data_5C0A
#
_entry.id   5C0A
#
_cell.length_a   43.880
_cell.length_b   100.020
_cell.length_c   123.280
_cell.angle_alpha   96.670
_cell.angle_beta   98.580
_cell.angle_gamma   95.800
#
_symmetry.space_group_name_H-M   'P 1'
#
loop_
_entity.id
_entity.type
_entity.pdbx_description
1 polymer 'HLA class I histocompatibility antigen, A-2 alpha chain'
2 polymer Beta-2-microglobulin
3 polymer 'Marker peptide'
4 polymer '1E6 TCR Alpha Chain'
5 polymer '1E6 TCR Beta Chain'
6 non-polymer 1,2-ETHANEDIOL
7 non-polymer 'SULFATE ION'
8 non-polymer GLYCEROL
9 water water
#
loop_
_entity_poly.entity_id
_entity_poly.type
_entity_poly.pdbx_seq_one_letter_code
_entity_poly.pdbx_strand_id
1 'polypeptide(L)'
;GSHSMRYFFTSVSRPGRGEPRFIAVGYVDDTQFVRFDSDAASQRMEPRAPWIEQEGPEYWDGETRKVKAHSQTHRVDLGT
LRGYYNQSEAGSHTVQRMYGCDVGSDWRFLRGYHQYAYDGKDYIALKEDLRSWTAADMAAQTTKHKWEAAHVAEQLRAYL
EGTCVEWLRRYLENGKETLQRTDAPKTHMTHHAVSDHEATLRCWALSFYPAEITLTWQRDGEDQTQDTELVETRPAGDGT
FQKWAAVVVPSGQEQRYTCHVQHEGLPKPLTLRWEP
;
A,F
2 'polypeptide(L)'
;MIQRTPKIQVYSRHPAENGKSNFLNCYVSGFHPSDIEVDLLKNGERIEKVEHSDLSFSKDWSFYLLYYTEFTPTEKDEYA
CRVNHVTLSQPKIVKWDRDM
;
B,G
3 'polypeptide(L)' MVWGPDPLYV C,H
4 'polypeptide(L)'
;EVEQDPGPLSVPEGAIVSLNCTYSNSAFQYFMWYRQYSRKGPELLMYTYSSGNKEDGRFTAQVDKSSKYISLFIRDSQPS
DSATYLCAMRGDSSYKLIFGSGTRLLVRPDIQNPDPAVYQLRDSKSSDKSVCLFTDFDSQTNVSQSKDSDVYITDKCVLD
MRSMDFKSNSAVAWSNKSDFACANAFNNSIIPEDTFF
;
D,I
5 'polypeptide(L)'
;DAGVIQSPRHEVTEMGQQVTLRCKPISGHDYLFWYRQTMMRGLELLIYFNNNVPIDDSGMPEDRFSAKMPNASFSTLKIQ
PSEPRDSAVYFCASSLWEKLAKNIQYFGAGTRLSVLEDLKNVFPPEVAVFEPSEAEISHTQKATLVCLATGFYPDHVELS
WWVNGKEVHSGVCTDPQPLKEQPALNDSRYALSSRLRVSATFWQDPRNHFRCQVQFYGLSENDEWTQDRAKPVTQIVSAE
AWGRAD
;
E,J
#
loop_
_chem_comp.id
_chem_comp.type
_chem_comp.name
_chem_comp.formula
EDO non-polymer 1,2-ETHANEDIOL 'C2 H6 O2'
GOL non-polymer GLYCEROL 'C3 H8 O3'
SO4 non-polymer 'SULFATE ION' 'O4 S -2'
#
# COMPACT_ATOMS: atom_id res chain seq x y z
N GLY A 1 20.31 -12.41 30.91
CA GLY A 1 19.69 -13.71 30.57
C GLY A 1 20.74 -14.69 30.11
N SER A 2 20.31 -15.74 29.42
CA SER A 2 21.25 -16.70 28.89
C SER A 2 21.88 -16.15 27.59
N HIS A 3 23.05 -16.68 27.27
CA HIS A 3 23.89 -16.17 26.18
C HIS A 3 24.46 -17.37 25.44
N SER A 4 24.90 -17.16 24.19
CA SER A 4 25.47 -18.24 23.37
C SER A 4 26.76 -17.83 22.69
N MET A 5 27.63 -18.82 22.47
CA MET A 5 28.66 -18.69 21.46
C MET A 5 28.51 -19.81 20.45
N ARG A 6 28.42 -19.44 19.18
CA ARG A 6 28.27 -20.44 18.11
C ARG A 6 29.22 -20.15 16.99
N TYR A 7 29.81 -21.19 16.46
CA TYR A 7 30.60 -21.11 15.22
C TYR A 7 29.91 -21.91 14.10
N PHE A 8 29.88 -21.32 12.91
CA PHE A 8 29.24 -21.93 11.73
C PHE A 8 30.27 -22.11 10.58
N PHE A 9 30.41 -23.31 10.04
CA PHE A 9 31.42 -23.60 9.02
C PHE A 9 30.73 -24.15 7.76
N THR A 10 31.01 -23.61 6.58
CA THR A 10 30.35 -24.07 5.38
C THR A 10 31.44 -24.41 4.39
N SER A 11 31.36 -25.57 3.77
CA SER A 11 32.25 -25.92 2.74
C SER A 11 31.49 -26.38 1.53
N VAL A 12 31.84 -25.82 0.36
CA VAL A 12 31.20 -26.10 -0.89
C VAL A 12 32.21 -26.60 -1.93
N SER A 13 31.99 -27.80 -2.49
CA SER A 13 32.90 -28.31 -3.52
C SER A 13 32.63 -27.63 -4.81
N ARG A 14 33.69 -27.49 -5.58
CA ARG A 14 33.72 -26.72 -6.80
C ARG A 14 34.51 -27.47 -7.86
N PRO A 15 33.86 -28.43 -8.51
CA PRO A 15 34.45 -29.13 -9.64
C PRO A 15 35.05 -28.17 -10.68
N GLY A 16 36.33 -28.32 -10.98
CA GLY A 16 37.00 -27.46 -11.94
C GLY A 16 37.76 -26.33 -11.32
N ARG A 17 37.61 -26.09 -10.03
CA ARG A 17 38.49 -25.23 -9.27
C ARG A 17 39.38 -26.07 -8.39
N GLY A 18 40.51 -25.53 -8.00
CA GLY A 18 41.44 -26.27 -7.13
C GLY A 18 40.95 -26.67 -5.72
N GLU A 19 40.10 -25.84 -5.11
CA GLU A 19 39.73 -26.01 -3.70
C GLU A 19 38.28 -25.70 -3.59
N PRO A 20 37.63 -26.23 -2.56
CA PRO A 20 36.30 -25.87 -2.20
C PRO A 20 36.27 -24.53 -1.54
N ARG A 21 35.15 -23.82 -1.61
CA ARG A 21 34.92 -22.60 -0.86
C ARG A 21 34.70 -22.94 0.57
N PHE A 22 35.45 -22.31 1.46
CA PHE A 22 35.21 -22.53 2.90
C PHE A 22 34.96 -21.21 3.56
N ILE A 23 33.89 -21.14 4.34
CA ILE A 23 33.55 -19.93 5.09
C ILE A 23 33.19 -20.28 6.52
N ALA A 24 33.85 -19.61 7.47
CA ALA A 24 33.63 -19.80 8.89
C ALA A 24 33.24 -18.47 9.50
N VAL A 25 32.22 -18.48 10.35
CA VAL A 25 31.84 -17.30 11.13
C VAL A 25 31.53 -17.68 12.56
N GLY A 26 31.83 -16.76 13.46
CA GLY A 26 31.54 -16.91 14.87
C GLY A 26 30.66 -15.78 15.40
N TYR A 27 29.80 -16.16 16.32
CA TYR A 27 28.87 -15.25 16.92
C TYR A 27 28.97 -15.34 18.42
N VAL A 28 28.65 -14.26 19.11
CA VAL A 28 28.23 -14.33 20.52
C VAL A 28 26.85 -13.72 20.58
N ASP A 29 25.87 -14.50 21.02
CA ASP A 29 24.45 -14.14 20.87
C ASP A 29 24.12 -13.84 19.41
N ASP A 30 23.55 -12.70 19.12
CA ASP A 30 23.25 -12.33 17.75
C ASP A 30 24.31 -11.41 17.16
N THR A 31 25.52 -11.39 17.73
CA THR A 31 26.57 -10.50 17.23
C THR A 31 27.76 -11.27 16.66
N GLN A 32 28.02 -11.07 15.37
CA GLN A 32 29.16 -11.67 14.69
C GLN A 32 30.46 -11.03 15.15
N PHE A 33 31.48 -11.84 15.40
CA PHE A 33 32.76 -11.29 15.84
C PHE A 33 34.00 -11.74 15.11
N VAL A 34 33.90 -12.80 14.33
CA VAL A 34 35.01 -13.26 13.47
C VAL A 34 34.53 -13.94 12.23
N ARG A 35 35.44 -14.00 11.26
CA ARG A 35 35.20 -14.69 10.02
C ARG A 35 36.51 -15.24 9.47
N PHE A 36 36.37 -16.23 8.59
CA PHE A 36 37.43 -16.72 7.73
C PHE A 36 36.80 -17.04 6.39
N ASP A 37 37.48 -16.66 5.30
CA ASP A 37 36.98 -16.98 3.96
C ASP A 37 38.15 -17.48 3.14
N SER A 38 38.10 -18.73 2.70
CA SER A 38 39.18 -19.32 1.92
C SER A 38 39.59 -18.58 0.64
N ASP A 39 38.73 -17.71 0.13
CA ASP A 39 39.00 -17.02 -1.12
C ASP A 39 39.55 -15.62 -0.90
N ALA A 40 39.63 -15.19 0.34
CA ALA A 40 40.14 -13.87 0.60
C ALA A 40 41.68 -13.97 0.63
N ALA A 41 42.32 -12.86 0.30
CA ALA A 41 43.79 -12.83 0.19
C ALA A 41 44.52 -12.98 1.53
N SER A 42 43.91 -12.50 2.61
CA SER A 42 44.54 -12.52 3.93
C SER A 42 44.91 -13.95 4.35
N GLN A 43 43.99 -14.89 4.13
CA GLN A 43 44.15 -16.23 4.68
C GLN A 43 44.29 -16.27 6.22
N ARG A 44 43.68 -15.31 6.92
CA ARG A 44 43.71 -15.24 8.39
C ARG A 44 42.29 -15.26 8.91
N MET A 45 42.11 -15.71 10.14
CA MET A 45 40.84 -15.42 10.86
C MET A 45 40.81 -13.88 11.06
N GLU A 46 39.68 -13.24 10.81
CA GLU A 46 39.59 -11.77 10.81
C GLU A 46 38.53 -11.27 11.78
N PRO A 47 38.80 -10.19 12.50
CA PRO A 47 37.86 -9.62 13.43
C PRO A 47 36.68 -8.93 12.74
N ARG A 48 35.50 -9.03 13.33
CA ARG A 48 34.28 -8.33 12.85
C ARG A 48 33.52 -7.55 13.92
N ALA A 49 34.05 -7.51 15.13
CA ALA A 49 33.44 -6.76 16.22
C ALA A 49 34.57 -5.99 16.93
N PRO A 50 34.37 -4.71 17.27
CA PRO A 50 35.48 -3.93 17.86
C PRO A 50 36.18 -4.54 19.09
N TRP A 51 35.44 -5.26 19.92
CA TRP A 51 35.98 -5.80 21.18
C TRP A 51 36.89 -7.05 21.05
N ILE A 52 37.04 -7.68 19.87
CA ILE A 52 38.06 -8.75 19.71
C ILE A 52 39.34 -8.22 19.08
N GLU A 53 39.34 -7.02 18.53
CA GLU A 53 40.57 -6.46 17.98
C GLU A 53 41.67 -6.33 19.04
N GLN A 54 41.30 -6.27 20.32
CA GLN A 54 42.29 -6.18 21.36
C GLN A 54 43.07 -7.46 21.64
N GLU A 55 42.60 -8.60 21.16
CA GLU A 55 43.38 -9.83 21.34
C GLU A 55 44.70 -9.77 20.56
N GLY A 56 45.71 -10.37 21.16
CA GLY A 56 47.08 -10.25 20.69
C GLY A 56 47.43 -11.28 19.65
N PRO A 57 48.68 -11.27 19.21
CA PRO A 57 49.07 -12.08 18.04
C PRO A 57 48.99 -13.60 18.25
N GLU A 58 49.16 -14.05 19.48
CA GLU A 58 49.07 -15.45 19.80
C GLU A 58 47.64 -15.92 19.58
N TYR A 59 46.66 -15.10 19.98
CA TYR A 59 45.25 -15.40 19.73
C TYR A 59 44.94 -15.55 18.24
N TRP A 60 45.37 -14.60 17.43
CA TRP A 60 45.04 -14.64 16.00
C TRP A 60 45.79 -15.76 15.24
N ASP A 61 47.05 -16.04 15.61
CA ASP A 61 47.81 -17.17 15.01
C ASP A 61 47.12 -18.49 15.32
N GLY A 62 46.64 -18.65 16.56
CA GLY A 62 45.96 -19.88 16.95
C GLY A 62 44.61 -20.08 16.25
N GLU A 63 43.80 -19.02 16.24
CA GLU A 63 42.49 -19.12 15.68
C GLU A 63 42.60 -19.41 14.20
N THR A 64 43.56 -18.80 13.56
CA THR A 64 43.79 -19.02 12.13
C THR A 64 44.30 -20.41 11.85
N ARG A 65 45.22 -20.89 12.66
CA ARG A 65 45.69 -22.25 12.46
C ARG A 65 44.53 -23.24 12.64
N LYS A 66 43.71 -23.07 13.67
CA LYS A 66 42.62 -24.01 13.88
C LYS A 66 41.56 -23.97 12.77
N VAL A 67 41.24 -22.79 12.30
CA VAL A 67 40.17 -22.66 11.33
C VAL A 67 40.66 -23.16 9.97
N LYS A 68 41.91 -22.91 9.63
CA LYS A 68 42.52 -23.55 8.45
C LYS A 68 42.53 -25.05 8.53
N ALA A 69 42.73 -25.58 9.73
CA ALA A 69 42.65 -27.02 9.90
C ALA A 69 41.25 -27.61 9.71
N HIS A 70 40.21 -26.90 10.15
CA HIS A 70 38.82 -27.30 9.88
C HIS A 70 38.50 -27.34 8.37
N SER A 71 38.98 -26.37 7.61
CA SER A 71 38.77 -26.38 6.16
C SER A 71 39.43 -27.60 5.50
N GLN A 72 40.60 -28.00 5.99
CA GLN A 72 41.30 -29.18 5.44
C GLN A 72 40.54 -30.48 5.75
N THR A 73 39.97 -30.56 6.95
CA THR A 73 39.12 -31.67 7.28
C THR A 73 37.86 -31.65 6.40
N HIS A 74 37.20 -30.52 6.21
CA HIS A 74 36.02 -30.55 5.33
C HIS A 74 36.41 -30.87 3.85
N ARG A 75 37.61 -30.50 3.42
CA ARG A 75 38.04 -30.79 2.07
C ARG A 75 38.05 -32.30 1.85
N VAL A 76 38.58 -33.03 2.84
CA VAL A 76 38.57 -34.47 2.75
C VAL A 76 37.14 -35.05 2.88
N ASP A 77 36.30 -34.46 3.74
CA ASP A 77 34.92 -34.96 4.03
C ASP A 77 34.02 -34.88 2.79
N LEU A 78 34.19 -33.83 2.04
CA LEU A 78 33.59 -33.66 0.72
C LEU A 78 33.88 -34.87 -0.22
N GLY A 79 35.12 -35.32 -0.32
CA GLY A 79 35.48 -36.50 -1.13
C GLY A 79 34.99 -37.82 -0.53
N THR A 80 35.10 -37.97 0.79
CA THR A 80 34.61 -39.15 1.42
C THR A 80 33.11 -39.34 1.20
N LEU A 81 32.32 -38.31 1.43
CA LEU A 81 30.85 -38.35 1.30
C LEU A 81 30.39 -38.54 -0.14
N ARG A 82 31.00 -37.86 -1.09
CA ARG A 82 30.80 -38.18 -2.51
C ARG A 82 30.92 -39.69 -2.79
N GLY A 83 31.96 -40.31 -2.26
CA GLY A 83 32.15 -41.73 -2.34
C GLY A 83 31.04 -42.51 -1.66
N TYR A 84 30.70 -42.17 -0.42
CA TYR A 84 29.68 -42.95 0.31
C TYR A 84 28.38 -42.99 -0.47
N TYR A 85 27.94 -41.85 -0.98
CA TYR A 85 26.71 -41.81 -1.78
C TYR A 85 26.95 -42.10 -3.29
N ASN A 86 28.17 -42.49 -3.66
CA ASN A 86 28.53 -42.78 -5.06
C ASN A 86 28.16 -41.67 -6.06
N GLN A 87 28.42 -40.44 -5.70
CA GLN A 87 27.97 -39.32 -6.48
C GLN A 87 28.99 -38.96 -7.52
N SER A 88 28.54 -38.37 -8.62
CA SER A 88 29.45 -37.87 -9.62
C SER A 88 30.40 -36.77 -9.06
N GLU A 89 31.59 -36.69 -9.63
CA GLU A 89 32.60 -35.72 -9.29
C GLU A 89 32.28 -34.42 -10.00
N ALA A 90 31.21 -34.43 -10.79
CA ALA A 90 30.81 -33.25 -11.56
C ALA A 90 29.93 -32.27 -10.79
N GLY A 91 29.31 -32.67 -9.71
CA GLY A 91 28.36 -31.80 -9.05
C GLY A 91 28.98 -31.10 -7.86
N SER A 92 28.42 -29.96 -7.53
CA SER A 92 28.75 -29.24 -6.31
C SER A 92 27.93 -29.77 -5.13
N HIS A 93 28.60 -29.99 -4.02
CA HIS A 93 28.00 -30.44 -2.76
C HIS A 93 28.44 -29.60 -1.58
N THR A 94 27.66 -29.66 -0.50
CA THR A 94 27.90 -28.84 0.73
C THR A 94 28.07 -29.65 2.02
N VAL A 95 29.07 -29.28 2.85
CA VAL A 95 29.07 -29.70 4.25
C VAL A 95 28.87 -28.49 5.15
N GLN A 96 28.14 -28.67 6.23
CA GLN A 96 27.96 -27.59 7.16
C GLN A 96 28.18 -28.19 8.55
N ARG A 97 28.75 -27.38 9.42
CA ARG A 97 29.06 -27.77 10.78
C ARG A 97 28.74 -26.60 11.68
N MET A 98 28.08 -26.89 12.79
CA MET A 98 27.75 -25.86 13.72
C MET A 98 28.07 -26.45 15.06
N TYR A 99 28.83 -25.72 15.87
CA TYR A 99 28.94 -26.07 17.27
C TYR A 99 29.05 -24.87 18.19
N GLY A 100 28.83 -25.11 19.48
CA GLY A 100 28.91 -24.06 20.48
C GLY A 100 28.27 -24.43 21.81
N CYS A 101 28.22 -23.44 22.69
CA CYS A 101 27.74 -23.64 24.04
C CYS A 101 26.81 -22.53 24.44
N ASP A 102 25.87 -22.87 25.31
CA ASP A 102 25.03 -21.88 25.93
C ASP A 102 25.43 -21.77 27.38
N VAL A 103 25.11 -20.63 27.93
CA VAL A 103 25.42 -20.32 29.30
C VAL A 103 24.19 -19.63 29.87
N GLY A 104 23.84 -19.90 31.13
CA GLY A 104 22.66 -19.29 31.79
C GLY A 104 22.88 -17.89 32.31
N SER A 105 21.90 -17.37 33.04
CA SER A 105 22.01 -16.01 33.62
C SER A 105 23.14 -15.87 34.64
N ASP A 106 23.48 -16.98 35.29
CA ASP A 106 24.65 -17.04 36.18
C ASP A 106 25.96 -17.25 35.42
N TRP A 107 25.87 -17.39 34.10
CA TRP A 107 27.01 -17.63 33.24
C TRP A 107 27.64 -19.00 33.45
N ARG A 108 26.95 -19.91 34.11
CA ARG A 108 27.39 -21.30 34.14
C ARG A 108 26.91 -22.07 32.91
N PHE A 109 27.63 -23.11 32.55
CA PHE A 109 27.29 -23.98 31.44
C PHE A 109 25.83 -24.44 31.48
N LEU A 110 25.08 -24.21 30.40
CA LEU A 110 23.72 -24.75 30.21
C LEU A 110 23.78 -25.97 29.28
N ARG A 111 24.30 -25.76 28.08
CA ARG A 111 24.33 -26.84 27.10
C ARG A 111 25.39 -26.61 26.02
N GLY A 112 25.62 -27.70 25.30
CA GLY A 112 26.63 -27.75 24.27
C GLY A 112 26.09 -28.56 23.10
N TYR A 113 26.59 -28.26 21.90
CA TYR A 113 26.12 -28.93 20.71
C TYR A 113 27.14 -28.92 19.59
N HIS A 114 26.92 -29.85 18.67
CA HIS A 114 27.76 -30.05 17.56
C HIS A 114 26.97 -30.80 16.53
N GLN A 115 26.69 -30.16 15.40
CA GLN A 115 25.88 -30.78 14.36
C GLN A 115 26.57 -30.74 13.01
N TYR A 116 26.30 -31.74 12.19
CA TYR A 116 26.97 -31.84 10.90
C TYR A 116 25.95 -32.19 9.81
N ALA A 117 25.97 -31.48 8.70
CA ALA A 117 24.99 -31.75 7.66
C ALA A 117 25.70 -31.91 6.32
N TYR A 118 25.13 -32.75 5.46
CA TYR A 118 25.56 -32.92 4.10
C TYR A 118 24.45 -32.51 3.20
N ASP A 119 24.73 -31.64 2.23
CA ASP A 119 23.69 -31.14 1.31
C ASP A 119 22.42 -30.69 2.01
N GLY A 120 22.58 -29.98 3.11
CA GLY A 120 21.45 -29.33 3.72
C GLY A 120 20.58 -30.21 4.59
N LYS A 121 21.02 -31.42 4.87
CA LYS A 121 20.27 -32.30 5.76
C LYS A 121 21.15 -32.97 6.75
N ASP A 122 20.55 -33.24 7.91
CA ASP A 122 21.23 -33.76 9.09
C ASP A 122 21.99 -34.98 8.70
N TYR A 123 23.23 -35.07 9.12
CA TYR A 123 24.06 -36.25 8.87
C TYR A 123 24.44 -36.85 10.22
N ILE A 124 25.14 -36.11 11.06
CA ILE A 124 25.48 -36.62 12.39
C ILE A 124 25.42 -35.53 13.45
N ALA A 125 25.12 -35.91 14.68
CA ALA A 125 24.93 -34.90 15.75
C ALA A 125 25.24 -35.45 17.14
N LEU A 126 25.86 -34.62 17.96
CA LEU A 126 26.15 -34.96 19.33
C LEU A 126 24.86 -34.85 20.16
N LYS A 127 24.55 -35.87 20.95
CA LYS A 127 23.34 -35.79 21.80
C LYS A 127 23.64 -34.92 23.00
N GLU A 128 22.59 -34.53 23.73
CA GLU A 128 22.75 -33.55 24.82
C GLU A 128 23.72 -34.00 25.91
N ASP A 129 23.77 -35.29 26.21
CA ASP A 129 24.77 -35.81 27.17
C ASP A 129 26.25 -35.55 26.78
N LEU A 130 26.53 -35.28 25.52
CA LEU A 130 27.88 -35.01 25.07
C LEU A 130 28.80 -36.23 25.15
N ARG A 131 28.18 -37.40 25.06
CA ARG A 131 28.92 -38.66 25.09
C ARG A 131 28.52 -39.58 23.92
N SER A 132 27.50 -39.20 23.16
CA SER A 132 26.94 -40.09 22.16
C SER A 132 26.40 -39.33 20.95
N TRP A 133 26.09 -40.10 19.90
CA TRP A 133 25.82 -39.55 18.61
C TRP A 133 24.51 -40.03 18.07
N THR A 134 23.87 -39.20 17.27
CA THR A 134 22.76 -39.58 16.46
C THR A 134 23.19 -39.48 14.99
N ALA A 135 22.92 -40.54 14.23
CA ALA A 135 23.30 -40.64 12.84
C ALA A 135 22.02 -40.75 11.99
N ALA A 136 21.96 -40.08 10.85
CA ALA A 136 20.72 -40.04 10.07
C ALA A 136 20.49 -41.27 9.18
N ASP A 137 21.56 -41.88 8.68
CA ASP A 137 21.45 -42.95 7.66
C ASP A 137 22.67 -43.88 7.76
N MET A 138 22.81 -44.83 6.83
CA MET A 138 23.90 -45.81 6.95
C MET A 138 25.28 -45.23 6.67
N ALA A 139 25.37 -44.18 5.85
CA ALA A 139 26.68 -43.55 5.69
C ALA A 139 27.11 -42.90 7.01
N ALA A 140 26.20 -42.15 7.63
CA ALA A 140 26.46 -41.53 8.94
C ALA A 140 26.75 -42.53 10.03
N GLN A 141 26.18 -43.72 9.93
CA GLN A 141 26.42 -44.79 10.90
C GLN A 141 27.91 -45.19 10.89
N THR A 142 28.50 -45.24 9.70
CA THR A 142 29.94 -45.54 9.51
C THR A 142 30.88 -44.51 10.17
N THR A 143 30.59 -43.24 9.93
CA THR A 143 31.22 -42.12 10.64
C THR A 143 31.03 -42.24 12.14
N LYS A 144 29.80 -42.55 12.58
CA LYS A 144 29.52 -42.78 14.02
C LYS A 144 30.45 -43.82 14.65
N HIS A 145 30.63 -44.94 13.95
CA HIS A 145 31.55 -45.98 14.40
C HIS A 145 32.96 -45.43 14.48
N LYS A 146 33.37 -44.71 13.44
CA LYS A 146 34.70 -44.11 13.38
C LYS A 146 34.98 -43.16 14.55
N TRP A 147 34.01 -42.28 14.82
CA TRP A 147 34.11 -41.27 15.88
C TRP A 147 34.00 -41.83 17.27
N GLU A 148 33.29 -42.94 17.39
CA GLU A 148 33.27 -43.69 18.65
C GLU A 148 34.60 -44.41 18.90
N ALA A 149 35.13 -45.08 17.87
CA ALA A 149 36.47 -45.69 17.96
C ALA A 149 37.58 -44.69 18.22
N ALA A 150 37.43 -43.45 17.74
CA ALA A 150 38.45 -42.44 17.91
C ALA A 150 38.29 -41.56 19.15
N HIS A 151 37.19 -41.73 19.88
CA HIS A 151 36.89 -40.93 21.08
C HIS A 151 36.66 -39.47 20.78
N VAL A 152 36.01 -39.14 19.68
CA VAL A 152 35.80 -37.71 19.42
C VAL A 152 34.86 -37.08 20.45
N ALA A 153 33.90 -37.82 21.04
CA ALA A 153 32.96 -37.17 21.98
C ALA A 153 33.67 -36.61 23.21
N GLU A 154 34.63 -37.36 23.72
CA GLU A 154 35.45 -36.94 24.85
C GLU A 154 36.20 -35.63 24.56
N GLN A 155 36.85 -35.54 23.40
CA GLN A 155 37.61 -34.33 23.04
C GLN A 155 36.66 -33.13 23.05
N LEU A 156 35.51 -33.32 22.45
CA LEU A 156 34.52 -32.25 22.25
C LEU A 156 33.88 -31.84 23.55
N ARG A 157 33.52 -32.83 24.36
CA ARG A 157 32.95 -32.53 25.66
C ARG A 157 33.90 -31.56 26.42
N ALA A 158 35.19 -31.91 26.44
CA ALA A 158 36.18 -31.07 27.13
C ALA A 158 36.21 -29.65 26.57
N TYR A 159 36.16 -29.51 25.25
CA TYR A 159 36.11 -28.18 24.66
C TYR A 159 34.83 -27.40 24.99
N LEU A 160 33.68 -28.04 24.81
CA LEU A 160 32.38 -27.39 25.04
C LEU A 160 32.14 -27.00 26.50
N GLU A 161 32.58 -27.83 27.45
CA GLU A 161 32.37 -27.54 28.86
C GLU A 161 33.48 -26.71 29.46
N GLY A 162 34.66 -26.74 28.85
CA GLY A 162 35.78 -25.93 29.29
C GLY A 162 35.97 -24.70 28.43
N THR A 163 36.75 -24.90 27.37
CA THR A 163 37.21 -23.81 26.54
C THR A 163 36.06 -22.94 26.03
N CYS A 164 35.04 -23.55 25.43
CA CYS A 164 33.96 -22.77 24.79
C CYS A 164 33.39 -21.84 25.84
N VAL A 165 33.03 -22.43 26.96
CA VAL A 165 32.34 -21.67 28.00
C VAL A 165 33.22 -20.54 28.57
N GLU A 166 34.50 -20.81 28.77
CA GLU A 166 35.41 -19.83 29.35
C GLU A 166 35.64 -18.61 28.47
N TRP A 167 35.84 -18.83 27.19
CA TRP A 167 36.11 -17.74 26.29
C TRP A 167 34.83 -16.96 26.00
N LEU A 168 33.70 -17.66 26.04
CA LEU A 168 32.40 -16.94 25.99
C LEU A 168 32.34 -15.95 27.15
N ARG A 169 32.58 -16.39 28.37
CA ARG A 169 32.58 -15.46 29.51
C ARG A 169 33.53 -14.29 29.27
N ARG A 170 34.68 -14.58 28.68
CA ARG A 170 35.70 -13.59 28.47
C ARG A 170 35.28 -12.53 27.45
N TYR A 171 34.66 -12.99 26.37
CA TYR A 171 34.12 -12.08 25.35
C TYR A 171 32.96 -11.23 25.94
N LEU A 172 32.13 -11.82 26.78
CA LEU A 172 31.08 -11.07 27.46
C LEU A 172 31.58 -9.86 28.23
N GLU A 173 32.71 -10.01 28.90
CA GLU A 173 33.28 -8.94 29.73
C GLU A 173 33.93 -7.85 28.87
N ASN A 174 34.79 -8.26 27.95
CA ASN A 174 35.39 -7.35 27.00
C ASN A 174 34.21 -7.02 26.07
N GLY A 175 33.93 -5.77 25.72
CA GLY A 175 32.75 -5.57 24.85
C GLY A 175 31.43 -5.55 25.60
N LYS A 176 31.50 -5.53 26.93
CA LYS A 176 30.36 -5.33 27.80
C LYS A 176 29.36 -4.31 27.28
N GLU A 177 29.85 -3.16 26.80
CA GLU A 177 28.98 -2.09 26.34
C GLU A 177 28.21 -2.45 25.06
N THR A 178 28.71 -3.45 24.35
CA THR A 178 28.16 -3.90 23.10
C THR A 178 27.25 -5.09 23.44
N LEU A 179 27.83 -6.15 23.98
CA LEU A 179 27.13 -7.42 24.09
C LEU A 179 26.10 -7.47 25.18
N GLN A 180 26.40 -6.85 26.32
CA GLN A 180 25.49 -6.93 27.48
C GLN A 180 24.33 -5.96 27.35
N ARG A 181 24.52 -4.93 26.51
CA ARG A 181 23.61 -3.80 26.40
C ARG A 181 22.45 -4.00 25.43
N THR A 182 21.33 -3.40 25.81
CA THR A 182 20.02 -3.71 25.28
C THR A 182 19.46 -2.43 24.63
N ASP A 183 18.92 -2.58 23.42
CA ASP A 183 18.28 -1.48 22.70
C ASP A 183 16.82 -1.83 22.60
N ALA A 184 15.97 -1.07 23.28
CA ALA A 184 14.53 -1.27 23.17
C ALA A 184 14.02 -0.86 21.79
N PRO A 185 12.99 -1.55 21.30
CA PRO A 185 12.45 -1.18 19.99
C PRO A 185 11.81 0.21 19.97
N LYS A 186 11.97 0.91 18.86
CA LYS A 186 11.29 2.15 18.55
C LYS A 186 10.09 1.72 17.72
N THR A 187 8.88 2.12 18.11
CA THR A 187 7.68 1.52 17.51
C THR A 187 6.83 2.54 16.82
N HIS A 188 5.97 2.09 15.93
CA HIS A 188 4.95 2.92 15.34
C HIS A 188 4.03 2.07 14.47
N MET A 189 2.89 2.66 14.11
CA MET A 189 1.89 1.96 13.35
C MET A 189 1.58 2.70 12.06
N THR A 190 1.37 1.95 11.00
CA THR A 190 0.91 2.56 9.75
C THR A 190 -0.42 1.99 9.36
N HIS A 191 -1.06 2.71 8.44
CA HIS A 191 -2.40 2.40 8.00
C HIS A 191 -2.52 2.46 6.48
N HIS A 192 -3.10 1.44 5.89
CA HIS A 192 -3.31 1.40 4.44
C HIS A 192 -4.68 0.90 4.06
N ALA A 193 -5.36 1.67 3.20
CA ALA A 193 -6.53 1.18 2.52
C ALA A 193 -6.03 0.09 1.58
N VAL A 194 -6.47 -1.15 1.80
CA VAL A 194 -6.21 -2.24 0.85
C VAL A 194 -7.36 -2.44 -0.12
N SER A 195 -8.54 -1.94 0.23
CA SER A 195 -9.71 -2.05 -0.64
C SER A 195 -10.76 -1.00 -0.23
N ASP A 196 -12.04 -1.28 -0.46
CA ASP A 196 -13.17 -0.41 -0.08
C ASP A 196 -13.82 -0.85 1.21
N HIS A 197 -13.66 -2.13 1.54
CA HIS A 197 -14.24 -2.72 2.72
C HIS A 197 -13.20 -3.13 3.78
N GLU A 198 -11.90 -3.05 3.44
CA GLU A 198 -10.84 -3.53 4.32
C GLU A 198 -9.66 -2.56 4.40
N ALA A 199 -8.80 -2.78 5.38
CA ALA A 199 -7.65 -1.91 5.63
C ALA A 199 -6.56 -2.63 6.46
N THR A 200 -5.28 -2.31 6.22
CA THR A 200 -4.15 -2.96 6.91
C THR A 200 -3.63 -2.08 8.02
N LEU A 201 -3.44 -2.69 9.19
CA LEU A 201 -2.72 -2.07 10.30
C LEU A 201 -1.34 -2.76 10.35
N ARG A 202 -0.27 -1.98 10.28
CA ARG A 202 1.07 -2.57 10.36
C ARG A 202 1.77 -1.97 11.53
N CYS A 203 2.16 -2.86 12.43
CA CYS A 203 2.91 -2.55 13.62
C CYS A 203 4.41 -2.83 13.45
N TRP A 204 5.22 -1.80 13.65
CA TRP A 204 6.66 -1.85 13.48
C TRP A 204 7.44 -1.82 14.78
N ALA A 205 8.46 -2.68 14.85
CA ALA A 205 9.52 -2.56 15.84
C ALA A 205 10.83 -2.38 15.11
N LEU A 206 11.51 -1.32 15.46
CA LEU A 206 12.70 -0.88 14.77
C LEU A 206 13.87 -0.76 15.76
N SER A 207 15.06 -1.01 15.25
CA SER A 207 16.28 -0.62 15.94
C SER A 207 16.48 -1.25 17.33
N PHE A 208 16.11 -2.52 17.51
CA PHE A 208 16.29 -3.22 18.80
C PHE A 208 17.43 -4.26 18.76
N TYR A 209 17.87 -4.65 19.94
CA TYR A 209 18.86 -5.70 20.17
C TYR A 209 18.63 -6.23 21.59
N PRO A 210 18.61 -7.55 21.83
CA PRO A 210 18.83 -8.61 20.83
C PRO A 210 17.63 -8.82 19.93
N ALA A 211 17.63 -9.90 19.15
CA ALA A 211 16.62 -10.14 18.10
C ALA A 211 15.35 -10.85 18.57
N GLU A 212 15.41 -11.48 19.73
CA GLU A 212 14.25 -12.15 20.26
C GLU A 212 13.18 -11.09 20.55
N ILE A 213 11.98 -11.27 20.01
CA ILE A 213 10.92 -10.31 20.16
C ILE A 213 9.60 -10.91 19.83
N THR A 214 8.56 -10.48 20.51
CA THR A 214 7.25 -11.04 20.26
C THR A 214 6.25 -9.93 19.96
N LEU A 215 5.63 -10.02 18.80
CA LEU A 215 4.64 -9.08 18.31
C LEU A 215 3.35 -9.85 18.14
N THR A 216 2.27 -9.34 18.71
CA THR A 216 0.96 -10.01 18.67
C THR A 216 -0.14 -8.99 18.48
N TRP A 217 -1.22 -9.40 17.83
CA TRP A 217 -2.40 -8.56 17.65
C TRP A 217 -3.57 -9.12 18.44
N GLN A 218 -4.11 -8.30 19.34
CA GLN A 218 -5.36 -8.63 20.01
C GLN A 218 -6.51 -7.82 19.42
N ARG A 219 -7.68 -8.44 19.35
CA ARG A 219 -8.93 -7.74 18.98
C ARG A 219 -9.85 -7.72 20.20
N ASP A 220 -10.15 -6.53 20.69
CA ASP A 220 -10.94 -6.36 21.90
C ASP A 220 -10.31 -7.13 23.07
N GLY A 221 -8.98 -7.18 23.10
CA GLY A 221 -8.25 -7.87 24.16
C GLY A 221 -8.09 -9.36 23.95
N GLU A 222 -8.70 -9.89 22.89
CA GLU A 222 -8.64 -11.32 22.57
C GLU A 222 -7.58 -11.63 21.51
N ASP A 223 -6.40 -12.04 21.99
CA ASP A 223 -5.35 -12.57 21.14
C ASP A 223 -5.97 -13.36 19.99
N GLN A 224 -5.68 -12.96 18.76
CA GLN A 224 -6.22 -13.65 17.59
C GLN A 224 -5.28 -13.45 16.40
N THR A 225 -5.26 -14.43 15.50
CA THR A 225 -4.26 -14.49 14.43
C THR A 225 -4.85 -14.95 13.10
N GLN A 226 -5.93 -14.32 12.68
CA GLN A 226 -6.52 -14.61 11.36
C GLN A 226 -6.31 -13.42 10.43
N ASP A 227 -5.80 -13.69 9.22
CA ASP A 227 -5.37 -12.63 8.30
C ASP A 227 -4.32 -11.70 8.98
N THR A 228 -3.41 -12.35 9.70
CA THR A 228 -2.23 -11.76 10.32
C THR A 228 -0.99 -12.15 9.48
N GLU A 229 -0.05 -11.22 9.30
CA GLU A 229 1.28 -11.53 8.75
C GLU A 229 2.36 -11.00 9.69
N LEU A 230 3.25 -11.87 10.19
CA LEU A 230 4.48 -11.36 10.80
C LEU A 230 5.69 -11.77 9.98
N VAL A 231 6.32 -10.77 9.41
CA VAL A 231 7.56 -10.89 8.71
C VAL A 231 8.68 -11.48 9.56
N GLU A 232 9.63 -12.12 8.90
CA GLU A 232 10.76 -12.72 9.57
C GLU A 232 11.62 -11.60 10.17
N THR A 233 12.21 -11.83 11.34
CA THR A 233 13.07 -10.79 11.93
C THR A 233 14.28 -10.54 11.04
N ARG A 234 14.65 -9.27 10.86
CA ARG A 234 15.68 -8.91 9.90
C ARG A 234 16.69 -7.93 10.47
N PRO A 235 17.96 -8.04 10.06
CA PRO A 235 19.00 -7.12 10.47
C PRO A 235 18.94 -5.79 9.72
N ALA A 236 19.14 -4.72 10.46
CA ALA A 236 19.22 -3.38 9.90
C ALA A 236 20.60 -3.07 9.29
N GLY A 237 21.63 -3.83 9.67
CA GLY A 237 23.01 -3.58 9.19
C GLY A 237 23.92 -2.81 10.15
N ASP A 238 23.39 -2.43 11.32
CA ASP A 238 24.07 -1.64 12.35
C ASP A 238 24.26 -2.41 13.63
N GLY A 239 23.93 -3.68 13.61
CA GLY A 239 23.89 -4.47 14.83
C GLY A 239 22.53 -4.50 15.49
N THR A 240 21.52 -3.84 14.91
CA THR A 240 20.16 -3.86 15.45
C THR A 240 19.23 -4.64 14.52
N PHE A 241 18.00 -4.88 14.96
CA PHE A 241 17.06 -5.63 14.16
C PHE A 241 15.75 -4.87 13.91
N GLN A 242 14.95 -5.45 13.01
CA GLN A 242 13.66 -4.90 12.63
C GLN A 242 12.66 -6.01 12.44
N LYS A 243 11.40 -5.67 12.67
CA LYS A 243 10.30 -6.61 12.52
C LYS A 243 8.97 -5.90 12.51
N TRP A 244 8.02 -6.43 11.73
CA TRP A 244 6.67 -5.95 11.79
C TRP A 244 5.67 -7.07 11.75
N ALA A 245 4.46 -6.73 12.21
CA ALA A 245 3.29 -7.60 12.18
C ALA A 245 2.12 -6.82 11.61
N ALA A 246 1.32 -7.47 10.78
CA ALA A 246 0.26 -6.75 10.09
C ALA A 246 -1.07 -7.48 10.23
N VAL A 247 -2.15 -6.71 10.22
CA VAL A 247 -3.46 -7.29 10.29
C VAL A 247 -4.37 -6.56 9.32
N VAL A 248 -5.23 -7.32 8.66
CA VAL A 248 -6.23 -6.78 7.75
C VAL A 248 -7.56 -6.77 8.52
N VAL A 249 -8.25 -5.64 8.45
CA VAL A 249 -9.32 -5.31 9.35
C VAL A 249 -10.50 -4.73 8.58
N PRO A 250 -11.73 -4.84 9.13
CA PRO A 250 -12.84 -4.17 8.45
C PRO A 250 -12.68 -2.65 8.57
N SER A 251 -12.98 -1.94 7.49
CA SER A 251 -12.90 -0.49 7.46
C SER A 251 -13.81 0.09 8.55
N GLY A 252 -13.21 0.76 9.53
CA GLY A 252 -13.95 1.36 10.64
C GLY A 252 -13.61 0.78 12.00
N GLN A 253 -13.40 -0.55 12.06
CA GLN A 253 -13.06 -1.25 13.32
C GLN A 253 -11.61 -1.04 13.79
N GLU A 254 -10.92 -0.08 13.19
CA GLU A 254 -9.50 0.23 13.50
C GLU A 254 -9.16 0.17 14.99
N GLN A 255 -9.90 0.96 15.78
CA GLN A 255 -9.66 1.19 17.21
C GLN A 255 -9.74 -0.06 18.05
N ARG A 256 -10.51 -1.05 17.58
CA ARG A 256 -10.68 -2.33 18.28
C ARG A 256 -9.42 -3.23 18.33
N TYR A 257 -8.44 -2.97 17.46
CA TYR A 257 -7.27 -3.82 17.36
C TYR A 257 -6.10 -3.20 18.09
N THR A 258 -5.32 -4.06 18.72
CA THR A 258 -4.17 -3.60 19.51
C THR A 258 -2.91 -4.47 19.26
N CYS A 259 -1.75 -3.82 19.22
CA CYS A 259 -0.49 -4.50 18.95
C CYS A 259 0.35 -4.59 20.21
N HIS A 260 0.66 -5.80 20.64
CA HIS A 260 1.48 -6.00 21.83
C HIS A 260 2.92 -6.38 21.49
N VAL A 261 3.85 -5.78 22.22
CA VAL A 261 5.26 -5.90 21.94
C VAL A 261 5.97 -6.36 23.21
N GLN A 262 6.77 -7.41 23.09
CA GLN A 262 7.59 -7.89 24.21
C GLN A 262 9.04 -7.99 23.77
N HIS A 263 9.92 -7.31 24.51
CA HIS A 263 11.35 -7.33 24.27
C HIS A 263 12.03 -7.12 25.59
N GLU A 264 13.11 -7.83 25.82
CA GLU A 264 13.72 -7.78 27.11
C GLU A 264 14.25 -6.38 27.46
N GLY A 265 14.52 -5.56 26.44
CA GLY A 265 14.80 -4.13 26.62
C GLY A 265 13.64 -3.21 27.03
N LEU A 266 12.42 -3.73 27.11
CA LEU A 266 11.28 -2.95 27.59
C LEU A 266 11.01 -3.26 29.05
N PRO A 267 10.96 -2.23 29.91
CA PRO A 267 10.56 -2.43 31.31
C PRO A 267 9.25 -3.22 31.45
N LYS A 268 8.20 -2.76 30.78
CA LYS A 268 6.93 -3.48 30.68
C LYS A 268 6.48 -3.54 29.22
N PRO A 269 5.71 -4.59 28.86
CA PRO A 269 5.19 -4.74 27.49
C PRO A 269 4.51 -3.49 26.95
N LEU A 270 4.62 -3.26 25.64
CA LEU A 270 4.03 -2.08 25.00
C LEU A 270 2.78 -2.42 24.22
N THR A 271 1.80 -1.51 24.33
CA THR A 271 0.49 -1.60 23.70
C THR A 271 0.37 -0.43 22.74
N LEU A 272 -0.10 -0.69 21.52
CA LEU A 272 -0.33 0.38 20.55
C LEU A 272 -1.65 0.23 19.81
N ARG A 273 -2.36 1.35 19.63
CA ARG A 273 -3.59 1.43 18.84
C ARG A 273 -3.43 2.41 17.71
N TRP A 274 -4.19 2.22 16.64
CA TRP A 274 -4.21 3.20 15.56
C TRP A 274 -4.75 4.51 16.11
N GLU A 275 -3.99 5.59 16.00
CA GLU A 275 -4.27 6.81 16.80
C GLU A 275 -5.50 7.61 16.37
N PRO A 276 -5.62 7.96 15.07
CA PRO A 276 -6.76 8.82 14.69
C PRO A 276 -8.09 8.06 14.54
N MET B 1 19.51 -33.99 -3.34
CA MET B 1 19.80 -32.53 -3.25
C MET B 1 18.51 -31.76 -2.94
N ILE B 2 18.26 -31.46 -1.67
CA ILE B 2 17.12 -30.59 -1.33
C ILE B 2 17.50 -29.19 -1.79
N GLN B 3 16.55 -28.46 -2.36
CA GLN B 3 16.81 -27.10 -2.85
C GLN B 3 15.71 -26.20 -2.34
N ARG B 4 16.08 -25.10 -1.71
CA ARG B 4 15.10 -24.21 -1.10
C ARG B 4 15.31 -22.83 -1.70
N THR B 5 14.22 -22.21 -2.18
CA THR B 5 14.33 -20.90 -2.86
C THR B 5 14.29 -19.82 -1.80
N PRO B 6 15.00 -18.71 -2.04
CA PRO B 6 15.18 -17.64 -1.06
C PRO B 6 13.93 -16.82 -0.74
N LYS B 7 13.72 -16.50 0.53
CA LYS B 7 12.86 -15.41 0.93
C LYS B 7 13.65 -14.14 0.70
N ILE B 8 12.97 -13.06 0.30
CA ILE B 8 13.61 -11.76 0.00
C ILE B 8 12.89 -10.60 0.66
N GLN B 9 13.66 -9.77 1.36
CA GLN B 9 13.15 -8.53 1.91
C GLN B 9 14.02 -7.40 1.43
N VAL B 10 13.37 -6.34 0.92
CA VAL B 10 14.07 -5.16 0.48
C VAL B 10 13.56 -4.02 1.33
N TYR B 11 14.47 -3.32 2.01
CA TYR B 11 14.10 -2.32 3.01
C TYR B 11 15.31 -1.45 3.32
N SER B 12 15.07 -0.35 4.01
CA SER B 12 16.09 0.66 4.23
C SER B 12 16.51 0.56 5.67
N ARG B 13 17.73 0.93 5.97
CA ARG B 13 18.26 0.88 7.33
C ARG B 13 17.49 1.77 8.30
N HIS B 14 17.13 2.97 7.87
CA HIS B 14 16.44 3.95 8.72
C HIS B 14 15.17 4.35 7.98
N PRO B 15 14.19 4.92 8.68
CA PRO B 15 13.02 5.42 7.95
C PRO B 15 13.40 6.35 6.77
N ALA B 16 12.83 6.07 5.60
CA ALA B 16 13.16 6.77 4.37
C ALA B 16 12.61 8.20 4.27
N GLU B 17 13.49 9.14 3.88
CA GLU B 17 13.12 10.54 3.68
C GLU B 17 13.70 10.99 2.35
N ASN B 18 12.92 11.63 1.50
CA ASN B 18 13.47 12.03 0.22
C ASN B 18 14.68 12.98 0.41
N GLY B 19 15.78 12.68 -0.28
CA GLY B 19 16.96 13.53 -0.24
C GLY B 19 17.85 13.29 0.98
N LYS B 20 17.60 12.25 1.77
CA LYS B 20 18.43 11.97 2.95
C LYS B 20 19.21 10.68 2.72
N SER B 21 20.53 10.77 2.93
CA SER B 21 21.40 9.63 2.79
C SER B 21 20.98 8.48 3.73
N ASN B 22 20.96 7.27 3.20
CA ASN B 22 20.46 6.07 3.90
C ASN B 22 21.16 4.80 3.36
N PHE B 23 20.72 3.62 3.80
CA PHE B 23 21.21 2.34 3.27
C PHE B 23 20.07 1.49 2.76
N LEU B 24 20.23 0.96 1.56
CA LEU B 24 19.25 0.09 0.97
C LEU B 24 19.74 -1.33 1.21
N ASN B 25 18.86 -2.18 1.73
CA ASN B 25 19.19 -3.53 2.12
C ASN B 25 18.37 -4.50 1.35
N CYS B 26 19.02 -5.58 0.90
CA CYS B 26 18.33 -6.74 0.40
C CYS B 26 18.74 -7.93 1.25
N TYR B 27 17.80 -8.51 2.01
CA TYR B 27 18.10 -9.63 2.90
C TYR B 27 17.53 -10.86 2.25
N VAL B 28 18.37 -11.87 2.02
CA VAL B 28 17.95 -13.12 1.38
C VAL B 28 18.16 -14.24 2.37
N SER B 29 17.16 -15.08 2.57
CA SER B 29 17.27 -16.12 3.59
C SER B 29 16.47 -17.30 3.17
N GLY B 30 16.56 -18.39 3.95
CA GLY B 30 15.85 -19.62 3.70
C GLY B 30 16.28 -20.43 2.50
N PHE B 31 17.47 -20.19 1.95
CA PHE B 31 17.82 -20.85 0.70
C PHE B 31 18.91 -21.91 0.78
N HIS B 32 18.94 -22.80 -0.21
CA HIS B 32 19.95 -23.84 -0.29
C HIS B 32 19.95 -24.34 -1.74
N PRO B 33 21.09 -24.51 -2.40
CA PRO B 33 22.44 -24.37 -1.85
C PRO B 33 22.83 -22.92 -1.74
N SER B 34 24.09 -22.65 -1.44
CA SER B 34 24.54 -21.32 -1.13
C SER B 34 24.85 -20.40 -2.27
N ASP B 35 25.13 -20.91 -3.46
CA ASP B 35 25.41 -20.04 -4.62
C ASP B 35 24.16 -19.20 -4.91
N ILE B 36 24.32 -17.89 -4.92
CA ILE B 36 23.23 -16.99 -5.09
C ILE B 36 23.73 -15.68 -5.71
N GLU B 37 22.94 -15.07 -6.58
CA GLU B 37 23.32 -13.80 -7.20
C GLU B 37 22.28 -12.75 -6.81
N VAL B 38 22.76 -11.66 -6.23
CA VAL B 38 21.90 -10.60 -5.77
C VAL B 38 22.42 -9.26 -6.25
N ASP B 39 21.55 -8.51 -6.94
CA ASP B 39 21.84 -7.15 -7.36
C ASP B 39 20.86 -6.19 -6.76
N LEU B 40 21.38 -5.02 -6.45
CA LEU B 40 20.54 -3.88 -6.07
C LEU B 40 20.33 -3.01 -7.32
N LEU B 41 19.08 -2.64 -7.59
CA LEU B 41 18.75 -1.90 -8.81
C LEU B 41 18.29 -0.49 -8.50
N LYS B 42 18.68 0.43 -9.38
CA LYS B 42 18.11 1.76 -9.45
C LYS B 42 17.55 1.94 -10.86
N ASN B 43 16.24 2.22 -10.97
CA ASN B 43 15.55 2.33 -12.25
C ASN B 43 15.91 1.27 -13.28
N GLY B 44 15.99 0.01 -12.84
CA GLY B 44 16.34 -1.08 -13.73
C GLY B 44 17.83 -1.36 -13.92
N GLU B 45 18.71 -0.46 -13.47
CA GLU B 45 20.17 -0.59 -13.64
C GLU B 45 20.89 -0.99 -12.33
N ARG B 46 21.81 -1.96 -12.42
CA ARG B 46 22.62 -2.39 -11.28
C ARG B 46 23.33 -1.23 -10.62
N ILE B 47 23.23 -1.14 -9.29
CA ILE B 47 24.11 -0.28 -8.53
C ILE B 47 25.42 -1.05 -8.43
N GLU B 48 26.54 -0.34 -8.42
CA GLU B 48 27.85 -1.00 -8.26
C GLU B 48 28.39 -0.79 -6.84
N LYS B 49 29.37 -1.60 -6.48
CA LYS B 49 30.02 -1.53 -5.18
C LYS B 49 28.97 -1.76 -4.06
N VAL B 50 28.21 -2.84 -4.24
CA VAL B 50 27.30 -3.33 -3.21
C VAL B 50 28.11 -4.26 -2.30
N GLU B 51 27.87 -4.21 -1.00
CA GLU B 51 28.52 -5.10 -0.09
C GLU B 51 27.55 -6.15 0.40
N HIS B 52 28.10 -7.17 1.03
CA HIS B 52 27.28 -8.24 1.65
C HIS B 52 27.93 -8.73 2.93
N SER B 53 27.14 -9.35 3.80
CA SER B 53 27.63 -10.00 5.02
C SER B 53 28.28 -11.33 4.71
N ASP B 54 28.91 -11.91 5.73
CA ASP B 54 29.55 -13.23 5.65
C ASP B 54 28.52 -14.32 5.72
N LEU B 55 28.59 -15.27 4.80
CA LEU B 55 27.59 -16.31 4.65
C LEU B 55 27.41 -17.04 5.95
N SER B 56 26.17 -17.16 6.42
CA SER B 56 25.89 -17.99 7.62
C SER B 56 24.62 -18.80 7.42
N PHE B 57 24.17 -19.50 8.46
CA PHE B 57 22.99 -20.34 8.28
C PHE B 57 22.24 -20.63 9.57
N SER B 58 20.96 -20.89 9.42
CA SER B 58 19.99 -21.10 10.50
C SER B 58 19.90 -22.56 10.95
N LYS B 59 19.01 -22.79 11.88
CA LYS B 59 18.76 -24.07 12.52
C LYS B 59 18.35 -25.18 11.56
N ASP B 60 17.55 -24.85 10.54
CA ASP B 60 17.19 -25.79 9.46
C ASP B 60 18.27 -25.94 8.37
N TRP B 61 19.43 -25.34 8.61
CA TRP B 61 20.58 -25.38 7.70
C TRP B 61 20.46 -24.46 6.51
N SER B 62 19.38 -23.76 6.36
CA SER B 62 19.24 -22.87 5.22
C SER B 62 20.11 -21.64 5.43
N PHE B 63 20.59 -21.08 4.34
CA PHE B 63 21.52 -19.96 4.39
C PHE B 63 20.81 -18.60 4.40
N TYR B 64 21.53 -17.58 4.85
CA TYR B 64 21.07 -16.21 4.81
C TYR B 64 22.23 -15.22 4.65
N LEU B 65 21.94 -14.05 4.10
CA LEU B 65 22.94 -13.07 3.69
C LEU B 65 22.25 -11.70 3.61
N LEU B 66 22.99 -10.64 3.97
CA LEU B 66 22.51 -9.27 3.76
C LEU B 66 23.35 -8.52 2.73
N TYR B 67 22.71 -7.93 1.71
CA TYR B 67 23.38 -7.10 0.74
C TYR B 67 22.97 -5.68 0.93
N TYR B 68 23.89 -4.73 0.76
CA TYR B 68 23.54 -3.37 1.07
C TYR B 68 24.40 -2.38 0.38
N THR B 69 23.87 -1.16 0.27
CA THR B 69 24.59 -0.05 -0.35
C THR B 69 24.02 1.27 0.13
N GLU B 70 24.87 2.28 0.25
CA GLU B 70 24.40 3.64 0.55
C GLU B 70 23.56 4.16 -0.61
N PHE B 71 22.47 4.84 -0.28
CA PHE B 71 21.65 5.49 -1.29
C PHE B 71 20.96 6.68 -0.69
N THR B 72 20.43 7.56 -1.53
CA THR B 72 19.57 8.63 -1.04
C THR B 72 18.31 8.55 -1.86
N PRO B 73 17.20 8.20 -1.21
CA PRO B 73 15.95 7.99 -1.92
C PRO B 73 15.30 9.28 -2.37
N THR B 74 14.59 9.21 -3.50
CA THR B 74 13.84 10.34 -4.13
C THR B 74 12.36 9.97 -4.32
N GLU B 75 11.53 10.96 -4.63
CA GLU B 75 10.17 10.67 -5.00
C GLU B 75 10.07 9.69 -6.16
N LYS B 76 10.73 9.99 -7.26
CA LYS B 76 10.54 9.26 -8.52
C LYS B 76 11.54 8.13 -8.77
N ASP B 77 12.57 7.98 -7.96
CA ASP B 77 13.52 6.86 -8.12
C ASP B 77 13.02 5.55 -7.51
N GLU B 78 12.97 4.53 -8.37
CA GLU B 78 12.54 3.19 -8.00
C GLU B 78 13.74 2.25 -7.73
N TYR B 79 13.67 1.57 -6.59
CA TYR B 79 14.70 0.67 -6.17
C TYR B 79 14.17 -0.72 -6.13
N ALA B 80 15.07 -1.67 -6.25
CA ALA B 80 14.64 -3.04 -6.27
C ALA B 80 15.82 -3.95 -6.01
N CYS B 81 15.48 -5.19 -5.69
CA CYS B 81 16.46 -6.23 -5.48
C CYS B 81 16.22 -7.33 -6.51
N ARG B 82 17.29 -7.81 -7.13
CA ARG B 82 17.18 -8.88 -8.10
C ARG B 82 17.99 -10.06 -7.66
N VAL B 83 17.35 -11.21 -7.59
CA VAL B 83 18.04 -12.37 -7.12
C VAL B 83 17.87 -13.54 -8.07
N ASN B 84 19.00 -14.21 -8.34
CA ASN B 84 18.98 -15.46 -9.06
C ASN B 84 19.52 -16.57 -8.21
N HIS B 85 19.08 -17.79 -8.49
CA HIS B 85 19.40 -18.97 -7.69
C HIS B 85 18.97 -20.17 -8.54
N VAL B 86 19.58 -21.32 -8.31
CA VAL B 86 19.31 -22.49 -9.13
C VAL B 86 17.82 -22.83 -9.18
N THR B 87 17.07 -22.53 -8.13
CA THR B 87 15.63 -22.82 -8.06
C THR B 87 14.72 -21.87 -8.84
N LEU B 88 15.29 -20.87 -9.52
CA LEU B 88 14.49 -19.89 -10.24
C LEU B 88 14.85 -20.04 -11.70
N SER B 89 13.85 -20.03 -12.56
CA SER B 89 14.10 -20.13 -14.00
C SER B 89 14.54 -18.77 -14.52
N GLN B 90 14.04 -17.71 -13.89
CA GLN B 90 14.57 -16.35 -14.08
C GLN B 90 14.50 -15.56 -12.79
N PRO B 91 15.31 -14.50 -12.69
CA PRO B 91 15.41 -13.67 -11.48
C PRO B 91 14.09 -13.22 -10.87
N LYS B 92 14.00 -13.21 -9.55
CA LYS B 92 12.94 -12.46 -8.89
C LYS B 92 13.47 -11.06 -8.73
N ILE B 93 12.70 -10.11 -9.24
CA ILE B 93 12.86 -8.71 -8.95
C ILE B 93 11.86 -8.39 -7.86
N VAL B 94 12.31 -7.78 -6.78
CA VAL B 94 11.37 -7.33 -5.75
C VAL B 94 11.54 -5.85 -5.52
N LYS B 95 10.49 -5.08 -5.75
CA LYS B 95 10.54 -3.63 -5.64
C LYS B 95 10.60 -3.20 -4.19
N TRP B 96 11.37 -2.16 -3.91
CA TRP B 96 11.41 -1.57 -2.58
C TRP B 96 10.14 -0.83 -2.35
N ASP B 97 9.53 -1.10 -1.20
CA ASP B 97 8.37 -0.34 -0.73
C ASP B 97 8.69 0.29 0.62
N ARG B 98 8.81 1.61 0.63
CA ARG B 98 8.88 2.40 1.88
C ARG B 98 8.10 1.94 3.13
N ASP B 99 6.90 1.39 2.94
CA ASP B 99 6.04 0.84 4.04
C ASP B 99 5.68 -0.66 3.80
N MET B 100 6.64 -1.36 3.22
CA MET B 100 6.52 -2.69 2.53
C MET B 100 5.35 -3.67 2.76
N MET C 1 36.76 -18.92 21.14
CA MET C 1 37.82 -19.81 20.59
C MET C 1 37.23 -21.03 19.91
N VAL C 2 37.61 -21.26 18.66
CA VAL C 2 37.26 -22.50 17.94
C VAL C 2 37.88 -23.76 18.63
N TRP C 3 37.29 -24.93 18.34
CA TRP C 3 37.81 -26.23 18.77
C TRP C 3 39.11 -26.63 18.02
N GLY C 4 40.10 -27.18 18.73
CA GLY C 4 41.36 -27.56 18.14
C GLY C 4 42.01 -28.72 18.84
N PRO C 5 43.12 -29.24 18.30
CA PRO C 5 43.82 -28.61 17.19
C PRO C 5 43.03 -28.71 15.91
N ASP C 6 42.28 -29.78 15.77
CA ASP C 6 41.43 -29.95 14.58
C ASP C 6 40.36 -31.02 14.80
N PRO C 7 39.27 -30.98 14.02
CA PRO C 7 38.30 -32.09 14.00
C PRO C 7 38.78 -33.30 13.24
N LEU C 8 38.06 -34.41 13.42
CA LEU C 8 38.30 -35.65 12.70
C LEU C 8 37.43 -35.76 11.46
N TYR C 9 38.02 -36.32 10.41
CA TYR C 9 37.30 -36.69 9.18
C TYR C 9 36.04 -37.48 9.48
N VAL C 10 35.02 -37.27 8.67
CA VAL C 10 33.89 -38.19 8.64
C VAL C 10 34.27 -39.57 8.05
N GLU D 1 57.85 -22.56 28.07
CA GLU D 1 59.18 -23.08 28.51
C GLU D 1 59.02 -24.08 29.64
N VAL D 2 59.96 -25.03 29.66
CA VAL D 2 59.91 -26.17 30.53
C VAL D 2 61.23 -26.28 31.24
N GLU D 3 61.20 -26.52 32.55
CA GLU D 3 62.39 -26.66 33.34
C GLU D 3 62.51 -28.08 33.86
N GLN D 4 63.67 -28.68 33.67
CA GLN D 4 63.91 -30.05 34.05
C GLN D 4 65.33 -30.09 34.55
N ASP D 5 65.59 -30.74 35.68
CA ASP D 5 66.96 -30.81 36.16
C ASP D 5 67.73 -31.88 35.36
N PRO D 6 68.93 -31.55 34.86
CA PRO D 6 69.64 -32.48 33.97
C PRO D 6 70.22 -33.73 34.61
N GLY D 7 70.33 -33.76 35.94
CA GLY D 7 71.01 -34.87 36.63
C GLY D 7 72.50 -34.71 36.43
N PRO D 8 73.26 -35.77 36.17
CA PRO D 8 72.77 -37.15 36.05
C PRO D 8 72.36 -37.75 37.40
N LEU D 9 71.32 -38.58 37.39
CA LEU D 9 70.84 -39.29 38.56
C LEU D 9 71.43 -40.69 38.56
N SER D 10 72.17 -41.03 39.59
CA SER D 10 72.68 -42.40 39.72
C SER D 10 72.09 -43.15 40.95
N VAL D 11 71.33 -44.21 40.71
CA VAL D 11 70.62 -44.92 41.75
C VAL D 11 70.87 -46.41 41.70
N PRO D 12 70.82 -47.07 42.87
CA PRO D 12 70.98 -48.55 42.89
C PRO D 12 69.74 -49.33 42.38
N GLU D 13 69.97 -50.50 41.77
CA GLU D 13 68.91 -51.35 41.27
C GLU D 13 67.90 -51.59 42.40
N GLY D 14 66.60 -51.48 42.10
CA GLY D 14 65.55 -51.62 43.13
C GLY D 14 65.02 -50.33 43.72
N ALA D 15 65.70 -49.21 43.45
CA ALA D 15 65.35 -47.93 43.98
C ALA D 15 64.17 -47.34 43.26
N ILE D 16 63.40 -46.53 43.98
CA ILE D 16 62.34 -45.73 43.40
C ILE D 16 62.99 -44.46 42.95
N VAL D 17 62.70 -44.08 41.70
CA VAL D 17 63.22 -42.86 41.07
C VAL D 17 62.10 -41.88 40.79
N SER D 18 62.41 -40.61 40.95
CA SER D 18 61.47 -39.52 40.80
C SER D 18 62.06 -38.51 39.83
N LEU D 19 61.35 -38.21 38.75
CA LEU D 19 61.77 -37.25 37.73
C LEU D 19 60.70 -36.20 37.68
N ASN D 20 61.05 -34.93 37.46
CA ASN D 20 59.98 -33.97 37.36
C ASN D 20 60.28 -32.74 36.49
N CYS D 21 59.25 -31.94 36.20
CA CYS D 21 59.39 -30.78 35.31
C CYS D 21 58.47 -29.70 35.80
N THR D 22 58.84 -28.45 35.56
CA THR D 22 57.98 -27.33 35.82
C THR D 22 57.77 -26.59 34.50
N TYR D 23 56.65 -25.88 34.37
CA TYR D 23 56.37 -25.02 33.24
C TYR D 23 55.74 -23.72 33.73
N SER D 24 55.50 -22.79 32.82
CA SER D 24 54.86 -21.50 33.17
C SER D 24 53.59 -21.20 32.41
N ASN D 25 53.44 -21.78 31.22
CA ASN D 25 52.30 -21.48 30.37
C ASN D 25 51.07 -22.29 30.73
N SER D 26 50.03 -21.61 31.18
CA SER D 26 48.85 -22.28 31.73
C SER D 26 47.97 -22.87 30.63
N ALA D 27 48.27 -22.54 29.38
CA ALA D 27 47.58 -23.17 28.28
C ALA D 27 48.02 -24.62 27.99
N PHE D 28 49.06 -25.15 28.63
CA PHE D 28 49.45 -26.53 28.35
C PHE D 28 48.44 -27.45 29.00
N GLN D 29 47.95 -28.43 28.27
CA GLN D 29 46.91 -29.33 28.73
C GLN D 29 47.25 -30.81 28.63
N TYR D 30 48.27 -31.14 27.84
CA TYR D 30 48.68 -32.52 27.69
C TYR D 30 50.11 -32.66 28.11
N PHE D 31 50.42 -33.71 28.84
CA PHE D 31 51.76 -33.86 29.38
C PHE D 31 52.17 -35.30 29.15
N MET D 32 53.40 -35.50 28.68
CA MET D 32 53.92 -36.74 28.28
C MET D 32 55.31 -36.96 28.84
N TRP D 33 55.69 -38.20 29.06
CA TRP D 33 57.09 -38.51 29.35
C TRP D 33 57.64 -39.46 28.26
N TYR D 34 58.87 -39.24 27.86
CA TYR D 34 59.54 -40.07 26.92
C TYR D 34 60.83 -40.56 27.56
N ARG D 35 61.26 -41.72 27.12
CA ARG D 35 62.54 -42.27 27.45
C ARG D 35 63.40 -42.32 26.18
N GLN D 36 64.70 -42.11 26.29
CA GLN D 36 65.56 -42.17 25.13
C GLN D 36 66.89 -42.82 25.44
N TYR D 37 67.16 -43.97 24.83
CA TYR D 37 68.45 -44.63 24.98
C TYR D 37 69.54 -43.93 24.20
N SER D 38 70.77 -44.13 24.64
CA SER D 38 71.89 -43.41 24.04
C SER D 38 71.92 -43.66 22.53
N ARG D 39 71.95 -42.56 21.78
CA ARG D 39 71.96 -42.57 20.31
C ARG D 39 70.75 -43.27 19.65
N LYS D 40 69.54 -43.02 20.17
CA LYS D 40 68.29 -43.63 19.65
C LYS D 40 67.16 -42.64 19.73
N GLY D 41 65.99 -42.99 19.19
CA GLY D 41 64.84 -42.06 19.19
C GLY D 41 64.07 -42.13 20.50
N PRO D 42 63.21 -41.14 20.79
CA PRO D 42 62.42 -41.15 22.01
C PRO D 42 61.23 -42.05 21.93
N GLU D 43 60.92 -42.69 23.02
CA GLU D 43 59.83 -43.62 23.05
C GLU D 43 58.89 -43.14 24.11
N LEU D 44 57.63 -42.99 23.76
CA LEU D 44 56.63 -42.53 24.69
C LEU D 44 56.44 -43.57 25.82
N LEU D 45 56.33 -43.12 27.08
CA LEU D 45 55.97 -43.98 28.22
C LEU D 45 54.55 -43.78 28.76
N MET D 46 54.21 -42.54 29.05
CA MET D 46 52.95 -42.21 29.74
C MET D 46 52.49 -40.88 29.22
N TYR D 47 51.18 -40.64 29.27
CA TYR D 47 50.64 -39.37 28.85
C TYR D 47 49.46 -39.02 29.74
N THR D 48 49.26 -37.72 29.97
CA THR D 48 48.19 -37.24 30.85
C THR D 48 47.50 -36.03 30.23
N TYR D 49 46.19 -35.99 30.33
CA TYR D 49 45.44 -34.83 29.97
C TYR D 49 44.94 -34.12 31.25
N SER D 50 45.23 -32.81 31.32
CA SER D 50 44.71 -31.83 32.28
C SER D 50 45.29 -31.88 33.70
N SER D 51 45.02 -32.98 34.40
CA SER D 51 45.37 -33.13 35.81
C SER D 51 45.20 -34.58 36.26
N GLY D 52 45.85 -34.93 37.37
CA GLY D 52 45.66 -36.21 38.00
C GLY D 52 46.88 -37.10 37.93
N ASN D 53 46.64 -38.38 38.22
CA ASN D 53 47.65 -39.40 38.40
C ASN D 53 47.25 -40.59 37.52
N LYS D 54 48.24 -41.34 37.02
CA LYS D 54 48.02 -42.48 36.11
C LYS D 54 49.07 -43.54 36.41
N GLU D 55 48.67 -44.75 36.78
CA GLU D 55 49.63 -45.84 36.97
C GLU D 55 49.65 -46.78 35.75
N ASP D 56 50.85 -47.22 35.38
CA ASP D 56 51.01 -48.33 34.46
C ASP D 56 52.23 -49.16 34.86
N GLY D 57 51.97 -50.35 35.41
CA GLY D 57 53.00 -51.17 36.03
C GLY D 57 53.85 -50.34 36.98
N ARG D 58 55.15 -50.35 36.73
CA ARG D 58 56.15 -49.68 37.56
C ARG D 58 56.14 -48.14 37.49
N PHE D 59 55.36 -47.57 36.59
CA PHE D 59 55.34 -46.13 36.35
C PHE D 59 54.08 -45.44 36.83
N THR D 60 54.24 -44.27 37.40
CA THR D 60 53.13 -43.42 37.77
C THR D 60 53.47 -42.06 37.27
N ALA D 61 52.53 -41.42 36.61
CA ALA D 61 52.77 -40.04 36.12
C ALA D 61 51.79 -39.11 36.82
N GLN D 62 52.25 -37.91 37.16
CA GLN D 62 51.39 -36.94 37.88
C GLN D 62 51.49 -35.53 37.34
N VAL D 63 50.37 -34.84 37.43
CA VAL D 63 50.27 -33.53 36.91
C VAL D 63 49.51 -32.72 37.92
N ASP D 64 50.09 -31.60 38.33
CA ASP D 64 49.42 -30.65 39.18
C ASP D 64 49.41 -29.33 38.39
N LYS D 65 48.28 -29.00 37.78
CA LYS D 65 48.22 -27.86 36.86
C LYS D 65 48.30 -26.54 37.65
N SER D 66 47.94 -26.57 38.91
CA SER D 66 47.94 -25.36 39.71
C SER D 66 49.36 -24.90 40.16
N SER D 67 50.19 -25.86 40.56
CA SER D 67 51.62 -25.62 40.79
C SER D 67 52.45 -25.70 39.50
N LYS D 68 51.79 -26.08 38.40
CA LYS D 68 52.48 -26.25 37.14
C LYS D 68 53.68 -27.13 37.33
N TYR D 69 53.46 -28.29 37.90
CA TYR D 69 54.53 -29.24 38.22
C TYR D 69 54.10 -30.64 37.77
N ILE D 70 54.97 -31.39 37.15
CA ILE D 70 54.59 -32.74 36.74
C ILE D 70 55.68 -33.74 37.10
N SER D 71 55.27 -35.00 37.31
CA SER D 71 56.23 -35.99 37.72
C SER D 71 56.01 -37.39 37.20
N LEU D 72 57.13 -38.10 37.15
CA LEU D 72 57.16 -39.48 36.78
C LEU D 72 57.90 -40.20 37.89
N PHE D 73 57.28 -41.28 38.41
CA PHE D 73 57.89 -42.14 39.40
C PHE D 73 58.13 -43.51 38.77
N ILE D 74 59.30 -44.09 39.03
CA ILE D 74 59.59 -45.40 38.55
C ILE D 74 59.86 -46.30 39.73
N ARG D 75 58.99 -47.28 39.98
CA ARG D 75 59.22 -48.21 41.10
C ARG D 75 60.22 -49.27 40.65
N ASP D 76 60.97 -49.81 41.61
CA ASP D 76 61.80 -50.99 41.37
C ASP D 76 62.65 -50.88 40.10
N SER D 77 63.46 -49.84 40.07
CA SER D 77 64.24 -49.51 38.88
C SER D 77 65.18 -50.64 38.52
N GLN D 78 65.43 -50.78 37.23
CA GLN D 78 66.26 -51.84 36.68
C GLN D 78 67.35 -51.21 35.83
N PRO D 79 68.50 -51.89 35.69
CA PRO D 79 69.53 -51.51 34.70
C PRO D 79 69.02 -51.00 33.31
N SER D 80 67.96 -51.60 32.78
CA SER D 80 67.43 -51.22 31.46
C SER D 80 66.57 -49.97 31.47
N ASP D 81 66.33 -49.39 32.65
CA ASP D 81 65.70 -48.09 32.75
C ASP D 81 66.75 -46.97 32.55
N SER D 82 68.04 -47.32 32.51
CA SER D 82 69.07 -46.32 32.30
C SER D 82 68.88 -45.68 30.93
N ALA D 83 68.70 -44.35 30.89
CA ALA D 83 68.27 -43.64 29.71
C ALA D 83 68.15 -42.17 30.06
N THR D 84 67.81 -41.36 29.06
CA THR D 84 67.51 -39.99 29.29
C THR D 84 66.00 -39.88 29.27
N TYR D 85 65.42 -39.15 30.21
CA TYR D 85 63.98 -39.05 30.31
C TYR D 85 63.61 -37.64 29.97
N LEU D 86 62.68 -37.46 29.04
CA LEU D 86 62.28 -36.12 28.62
C LEU D 86 60.81 -35.97 28.88
N CYS D 87 60.41 -34.82 29.35
CA CYS D 87 59.01 -34.47 29.46
C CYS D 87 58.66 -33.53 28.30
N ALA D 88 57.41 -33.55 27.89
CA ALA D 88 56.93 -32.74 26.76
C ALA D 88 55.49 -32.38 26.98
N MET D 89 55.09 -31.24 26.43
CA MET D 89 53.72 -30.80 26.57
C MET D 89 53.21 -29.92 25.42
N ARG D 90 51.89 -29.87 25.30
CA ARG D 90 51.28 -29.01 24.31
C ARG D 90 49.92 -28.58 24.83
N GLY D 91 49.36 -27.57 24.15
CA GLY D 91 47.97 -27.14 24.33
C GLY D 91 47.07 -27.69 23.20
N ASP D 92 45.94 -27.02 22.96
CA ASP D 92 44.91 -27.52 22.06
C ASP D 92 44.86 -26.77 20.73
N SER D 93 45.78 -25.85 20.51
CA SER D 93 45.72 -25.11 19.28
C SER D 93 46.71 -25.63 18.24
N SER D 94 47.58 -26.55 18.63
CA SER D 94 48.64 -27.05 17.75
C SER D 94 49.13 -28.40 18.27
N TYR D 95 49.54 -29.29 17.37
CA TYR D 95 50.28 -30.48 17.77
C TYR D 95 51.76 -30.23 18.06
N LYS D 96 52.23 -28.99 17.99
CA LYS D 96 53.59 -28.68 18.45
C LYS D 96 53.84 -29.01 19.91
N LEU D 97 54.76 -29.94 20.14
CA LEU D 97 55.28 -30.32 21.45
C LEU D 97 56.45 -29.38 21.90
N ILE D 98 56.48 -29.01 23.19
CA ILE D 98 57.56 -28.32 23.80
C ILE D 98 58.23 -29.31 24.75
N PHE D 99 59.53 -29.51 24.59
CA PHE D 99 60.25 -30.46 25.44
C PHE D 99 61.08 -29.79 26.54
N GLY D 100 61.19 -30.49 27.68
CA GLY D 100 62.30 -30.20 28.63
C GLY D 100 63.63 -30.72 28.12
N SER D 101 64.73 -30.26 28.70
CA SER D 101 66.10 -30.62 28.26
C SER D 101 66.57 -32.00 28.65
N GLY D 102 65.79 -32.65 29.52
CA GLY D 102 65.95 -34.07 29.81
C GLY D 102 66.69 -34.34 31.09
N THR D 103 66.42 -35.49 31.70
CA THR D 103 67.20 -35.93 32.84
C THR D 103 67.89 -37.27 32.55
N ARG D 104 69.21 -37.30 32.70
CA ARG D 104 69.96 -38.53 32.50
C ARG D 104 69.87 -39.41 33.78
N LEU D 105 69.53 -40.69 33.62
CA LEU D 105 69.40 -41.61 34.71
C LEU D 105 70.26 -42.81 34.50
N LEU D 106 71.22 -43.04 35.37
CA LEU D 106 71.91 -44.33 35.50
C LEU D 106 71.34 -45.22 36.66
N VAL D 107 70.92 -46.43 36.35
CA VAL D 107 70.60 -47.39 37.36
C VAL D 107 71.69 -48.45 37.41
N ARG D 108 72.39 -48.50 38.54
CA ARG D 108 73.59 -49.30 38.71
C ARG D 108 73.21 -50.76 39.05
N PRO D 109 73.71 -51.73 38.27
CA PRO D 109 73.33 -53.13 38.53
C PRO D 109 73.78 -53.68 39.89
N ASP D 110 73.01 -54.58 40.48
CA ASP D 110 73.44 -55.34 41.69
C ASP D 110 74.35 -56.47 41.27
N ILE D 111 75.49 -56.58 41.91
CA ILE D 111 76.39 -57.70 41.68
C ILE D 111 76.55 -58.53 42.95
N GLN D 112 76.09 -59.78 42.92
CA GLN D 112 76.14 -60.65 44.11
C GLN D 112 77.58 -60.88 44.55
N ASN D 113 78.45 -61.20 43.59
CA ASN D 113 79.78 -61.76 43.88
C ASN D 113 80.93 -60.99 43.24
N PRO D 114 81.21 -59.79 43.73
CA PRO D 114 82.36 -59.02 43.24
C PRO D 114 83.65 -59.82 43.22
N ASP D 115 84.52 -59.53 42.25
CA ASP D 115 85.82 -60.21 42.15
C ASP D 115 86.84 -59.30 41.44
N PRO D 116 87.03 -58.08 41.95
CA PRO D 116 87.79 -57.08 41.22
C PRO D 116 89.16 -57.57 40.80
N ALA D 117 89.59 -57.16 39.60
CA ALA D 117 90.87 -57.57 39.02
C ALA D 117 91.28 -56.65 37.89
N VAL D 118 92.59 -56.36 37.84
CA VAL D 118 93.20 -55.70 36.71
C VAL D 118 94.01 -56.72 35.94
N TYR D 119 93.64 -56.94 34.69
CA TYR D 119 94.33 -57.89 33.81
C TYR D 119 95.02 -57.12 32.68
N GLN D 120 96.23 -57.56 32.28
CA GLN D 120 96.88 -57.06 31.06
C GLN D 120 96.56 -57.96 29.87
N LEU D 121 96.46 -57.36 28.69
CA LEU D 121 96.04 -58.07 27.50
C LEU D 121 97.03 -57.81 26.33
N ARG D 122 97.31 -58.88 25.58
CA ARG D 122 98.27 -58.85 24.46
C ARG D 122 97.55 -58.53 23.13
N ASP D 123 98.10 -57.60 22.36
CA ASP D 123 97.57 -57.33 21.02
C ASP D 123 97.63 -58.59 20.16
N SER D 124 96.54 -58.87 19.47
CA SER D 124 96.43 -60.06 18.61
C SER D 124 97.40 -60.12 17.43
N LYS D 125 97.60 -58.98 16.78
CA LYS D 125 98.23 -58.97 15.45
C LYS D 125 99.76 -59.07 15.53
N SER D 126 100.46 -58.96 14.40
CA SER D 126 101.94 -58.93 14.41
C SER D 126 102.43 -57.57 14.97
N SER D 127 102.13 -57.34 16.25
CA SER D 127 102.35 -56.05 16.88
C SER D 127 102.21 -56.25 18.39
N ASP D 128 103.20 -55.77 19.17
CA ASP D 128 103.27 -55.96 20.64
C ASP D 128 102.82 -54.72 21.48
N LYS D 129 101.50 -54.50 21.56
CA LYS D 129 100.89 -53.33 22.23
C LYS D 129 100.06 -53.81 23.41
N SER D 130 99.82 -52.93 24.39
CA SER D 130 99.20 -53.35 25.69
C SER D 130 98.00 -52.52 26.16
N VAL D 131 97.02 -53.22 26.71
CA VAL D 131 95.82 -52.62 27.29
C VAL D 131 95.46 -53.30 28.63
N CYS D 132 95.20 -52.50 29.67
CA CYS D 132 94.84 -53.02 31.03
C CYS D 132 93.32 -53.02 31.26
N LEU D 133 92.73 -54.20 31.33
CA LEU D 133 91.30 -54.39 31.64
C LEU D 133 91.02 -54.42 33.16
N PHE D 134 90.30 -53.44 33.69
CA PHE D 134 89.83 -53.46 35.08
C PHE D 134 88.44 -54.05 35.06
N THR D 135 88.24 -55.21 35.65
CA THR D 135 86.94 -55.89 35.58
C THR D 135 86.51 -56.60 36.85
N ASP D 136 85.23 -56.98 36.84
CA ASP D 136 84.59 -57.72 37.91
C ASP D 136 84.34 -56.88 39.17
N PHE D 137 84.52 -55.56 39.15
CA PHE D 137 84.37 -54.75 40.38
C PHE D 137 82.89 -54.48 40.73
N ASP D 138 82.66 -53.74 41.81
CA ASP D 138 81.34 -53.58 42.42
C ASP D 138 80.71 -52.40 41.74
N SER D 139 79.38 -52.36 41.69
CA SER D 139 78.72 -51.24 40.98
C SER D 139 78.92 -49.87 41.61
N GLN D 140 79.27 -49.85 42.91
CA GLN D 140 79.35 -48.62 43.69
C GLN D 140 80.81 -48.40 44.02
N THR D 141 81.67 -48.89 43.12
CA THR D 141 83.12 -48.75 43.21
C THR D 141 83.54 -48.12 41.88
N ASN D 142 83.29 -46.81 41.75
CA ASN D 142 83.25 -46.14 40.46
C ASN D 142 84.49 -45.30 40.13
N VAL D 143 84.64 -45.06 38.84
CA VAL D 143 85.84 -44.47 38.25
C VAL D 143 85.71 -42.97 38.02
N SER D 144 86.32 -42.20 38.91
CA SER D 144 86.66 -40.81 38.61
C SER D 144 88.05 -40.84 38.00
N GLN D 145 88.13 -41.12 36.71
CA GLN D 145 89.34 -40.88 35.98
C GLN D 145 89.05 -40.21 34.65
N SER D 146 89.83 -39.18 34.37
CA SER D 146 89.94 -38.59 33.05
C SER D 146 91.43 -38.27 32.85
N LYS D 147 92.26 -39.31 32.87
CA LYS D 147 93.70 -39.12 33.07
C LYS D 147 94.39 -38.76 31.76
N ASP D 148 95.05 -37.61 31.78
CA ASP D 148 96.04 -37.22 30.78
C ASP D 148 97.41 -37.74 31.23
N SER D 149 98.51 -37.21 30.69
CA SER D 149 99.76 -37.97 30.64
C SER D 149 99.54 -39.11 29.63
N ASP D 150 98.48 -38.96 28.83
CA ASP D 150 98.30 -39.75 27.63
C ASP D 150 98.34 -41.24 27.93
N VAL D 151 97.64 -41.56 29.01
CA VAL D 151 97.07 -42.86 29.22
C VAL D 151 95.60 -42.55 29.18
N TYR D 152 94.84 -43.39 28.49
CA TYR D 152 93.41 -43.18 28.38
C TYR D 152 92.77 -44.27 29.22
N ILE D 153 91.74 -43.90 29.98
CA ILE D 153 90.91 -44.90 30.63
C ILE D 153 89.47 -44.60 30.28
N THR D 154 88.74 -45.65 29.90
CA THR D 154 87.32 -45.52 29.55
C THR D 154 86.49 -45.65 30.80
N ASP D 155 85.39 -44.93 30.86
CA ASP D 155 84.42 -45.10 31.91
C ASP D 155 83.92 -46.53 31.87
N LYS D 156 83.21 -46.95 32.91
CA LYS D 156 82.73 -48.32 33.02
C LYS D 156 81.54 -48.59 32.10
N CYS D 157 81.33 -49.87 31.78
CA CYS D 157 80.21 -50.32 30.95
C CYS D 157 79.87 -51.72 31.45
N VAL D 158 78.60 -52.13 31.34
CA VAL D 158 78.17 -53.43 31.89
C VAL D 158 77.80 -54.50 30.84
N LEU D 159 78.45 -55.68 30.92
CA LEU D 159 78.23 -56.81 30.00
C LEU D 159 77.28 -57.80 30.65
N ASP D 160 76.29 -58.23 29.87
CA ASP D 160 75.37 -59.29 30.27
C ASP D 160 75.69 -60.55 29.43
N MET D 161 76.45 -61.49 30.00
CA MET D 161 76.62 -62.79 29.32
C MET D 161 75.29 -63.51 29.47
N ARG D 162 74.49 -63.47 28.40
CA ARG D 162 73.08 -63.89 28.42
C ARG D 162 72.88 -65.41 28.48
N SER D 163 73.76 -66.13 27.79
CA SER D 163 73.87 -67.61 27.88
C SER D 163 73.77 -68.11 29.33
N MET D 164 74.62 -67.54 30.19
CA MET D 164 74.68 -67.90 31.62
C MET D 164 74.16 -66.68 32.38
N ASP D 165 74.07 -66.74 33.71
CA ASP D 165 73.30 -65.71 34.44
C ASP D 165 74.24 -64.67 35.04
N PHE D 166 74.94 -63.98 34.14
CA PHE D 166 76.14 -63.25 34.53
C PHE D 166 76.17 -61.81 34.01
N LYS D 167 76.24 -60.89 34.97
CA LYS D 167 76.47 -59.48 34.70
C LYS D 167 77.86 -59.13 35.22
N SER D 168 78.50 -58.14 34.61
CA SER D 168 79.87 -57.78 34.97
C SER D 168 80.21 -56.35 34.57
N ASN D 169 80.87 -55.62 35.45
CA ASN D 169 81.47 -54.32 35.11
C ASN D 169 82.86 -54.48 34.48
N SER D 170 83.30 -53.44 33.79
CA SER D 170 84.62 -53.44 33.14
C SER D 170 85.02 -52.04 32.79
N ALA D 171 86.31 -51.83 32.59
CA ALA D 171 86.83 -50.57 32.08
C ALA D 171 88.24 -50.80 31.56
N VAL D 172 88.69 -49.95 30.67
CA VAL D 172 89.90 -50.24 29.91
C VAL D 172 90.87 -49.07 29.86
N ALA D 173 92.17 -49.39 29.90
CA ALA D 173 93.22 -48.37 29.78
C ALA D 173 94.31 -48.80 28.81
N TRP D 174 94.93 -47.80 28.18
CA TRP D 174 96.09 -48.04 27.31
C TRP D 174 97.03 -46.84 27.31
N SER D 175 98.22 -47.07 26.77
CA SER D 175 99.21 -46.02 26.57
C SER D 175 100.19 -46.36 25.48
N ASN D 176 100.65 -45.32 24.77
CA ASN D 176 101.72 -45.44 23.78
C ASN D 176 103.04 -45.86 24.43
N LYS D 177 103.34 -45.27 25.60
CA LYS D 177 104.64 -45.47 26.28
C LYS D 177 104.74 -46.86 26.94
N SER D 178 105.84 -47.57 26.70
CA SER D 178 106.11 -48.83 27.40
C SER D 178 106.86 -48.60 28.74
N ASP D 179 106.99 -47.33 29.14
CA ASP D 179 107.19 -46.93 30.53
C ASP D 179 105.81 -46.60 31.12
N PHE D 180 105.05 -47.66 31.34
CA PHE D 180 103.68 -47.62 31.86
C PHE D 180 103.29 -49.04 32.07
N ALA D 181 102.62 -49.32 33.18
CA ALA D 181 102.28 -50.67 33.51
C ALA D 181 100.98 -50.72 34.28
N CYS D 182 100.50 -51.93 34.52
CA CYS D 182 99.10 -52.13 34.82
C CYS D 182 98.73 -51.71 36.25
N ALA D 183 99.45 -52.23 37.23
CA ALA D 183 99.09 -52.06 38.65
C ALA D 183 99.11 -50.62 39.17
N ASN D 184 99.70 -49.67 38.42
CA ASN D 184 99.59 -48.24 38.75
C ASN D 184 98.61 -47.50 37.83
N ALA D 185 97.90 -48.24 36.97
CA ALA D 185 96.98 -47.65 35.98
C ALA D 185 95.75 -46.95 36.58
N PHE D 186 95.63 -46.92 37.91
CA PHE D 186 94.51 -46.23 38.55
C PHE D 186 94.99 -45.42 39.76
N ASN D 187 94.75 -44.12 39.67
CA ASN D 187 94.88 -43.18 40.78
C ASN D 187 93.58 -43.21 41.61
N ASN D 188 92.43 -43.27 40.92
CA ASN D 188 91.08 -43.29 41.56
C ASN D 188 90.79 -44.37 42.62
N SER D 189 89.62 -44.31 43.27
CA SER D 189 89.37 -45.11 44.47
C SER D 189 89.02 -46.54 44.15
N ILE D 190 90.04 -47.39 44.07
CA ILE D 190 89.85 -48.85 43.93
C ILE D 190 89.63 -49.46 45.33
N ILE D 191 89.07 -50.67 45.37
CA ILE D 191 89.19 -51.60 46.53
C ILE D 191 90.30 -52.65 46.24
N PRO D 192 90.92 -53.26 47.27
CA PRO D 192 92.00 -54.22 46.90
C PRO D 192 91.57 -55.48 46.10
N GLU D 193 92.38 -55.82 45.11
CA GLU D 193 91.96 -56.60 43.95
C GLU D 193 93.03 -57.56 43.40
N ASP D 194 92.62 -58.37 42.43
CA ASP D 194 93.48 -59.40 41.84
C ASP D 194 94.54 -58.85 40.83
N THR D 195 95.65 -59.58 40.71
CA THR D 195 96.64 -59.45 39.61
C THR D 195 97.43 -60.76 39.73
N PHE D 196 98.21 -61.18 38.73
CA PHE D 196 99.01 -62.42 38.86
C PHE D 196 100.36 -62.45 38.10
N PHE D 197 101.31 -63.23 38.62
CA PHE D 197 102.50 -63.65 37.85
C PHE D 197 102.99 -65.05 38.28
N ASP E 1 54.06 -53.30 7.87
CA ASP E 1 54.83 -53.16 9.12
C ASP E 1 56.17 -52.37 8.98
N ALA E 2 56.34 -51.58 7.91
CA ALA E 2 57.48 -50.69 7.86
C ALA E 2 57.13 -49.51 8.74
N GLY E 3 58.08 -49.03 9.56
CA GLY E 3 57.94 -47.74 10.24
C GLY E 3 58.36 -46.61 9.32
N VAL E 4 58.57 -45.46 9.92
CA VAL E 4 59.07 -44.29 9.27
C VAL E 4 60.51 -44.54 8.85
N ILE E 5 60.85 -44.14 7.62
CA ILE E 5 62.16 -44.40 7.09
C ILE E 5 62.83 -43.07 6.80
N GLN E 6 64.03 -42.89 7.35
CA GLN E 6 64.76 -41.64 7.18
C GLN E 6 66.03 -41.90 6.41
N SER E 7 66.41 -40.97 5.55
CA SER E 7 67.65 -41.08 4.81
C SER E 7 68.33 -39.73 4.75
N PRO E 8 69.67 -39.67 4.78
CA PRO E 8 70.56 -40.77 5.12
C PRO E 8 70.60 -40.96 6.63
N ARG E 9 71.13 -42.08 7.09
CA ARG E 9 71.21 -42.29 8.52
C ARG E 9 72.36 -41.46 9.09
N HIS E 10 73.42 -41.31 8.30
CA HIS E 10 74.51 -40.40 8.65
C HIS E 10 74.92 -39.43 7.51
N GLU E 11 75.27 -38.22 7.87
CA GLU E 11 75.74 -37.24 6.93
C GLU E 11 76.86 -36.45 7.55
N VAL E 12 78.01 -36.51 6.89
CA VAL E 12 79.17 -35.73 7.21
C VAL E 12 79.46 -34.82 6.03
N THR E 13 79.50 -33.50 6.25
CA THR E 13 79.67 -32.55 5.17
C THR E 13 80.43 -31.24 5.56
N GLU E 14 81.07 -30.63 4.57
CA GLU E 14 81.79 -29.38 4.72
C GLU E 14 80.79 -28.24 4.79
N MET E 15 81.03 -27.26 5.65
CA MET E 15 80.12 -26.10 5.69
C MET E 15 80.10 -25.45 4.30
N GLY E 16 78.97 -24.83 4.00
CA GLY E 16 78.78 -24.19 2.71
C GLY E 16 78.00 -25.05 1.71
N GLN E 17 77.95 -26.34 1.89
CA GLN E 17 77.20 -27.19 0.96
C GLN E 17 75.77 -27.36 1.34
N GLN E 18 75.00 -27.89 0.39
CA GLN E 18 73.59 -28.14 0.61
C GLN E 18 73.48 -29.46 1.30
N VAL E 19 72.63 -29.53 2.31
CA VAL E 19 72.32 -30.79 3.03
C VAL E 19 70.87 -31.18 2.77
N THR E 20 70.60 -32.43 2.45
CA THR E 20 69.23 -32.87 2.22
C THR E 20 68.86 -33.97 3.18
N LEU E 21 67.79 -33.83 3.94
CA LEU E 21 67.34 -34.87 4.85
C LEU E 21 66.02 -35.33 4.35
N ARG E 22 65.78 -36.62 4.38
CA ARG E 22 64.56 -37.17 3.84
C ARG E 22 63.85 -38.09 4.80
N CYS E 23 62.55 -38.15 4.59
CA CYS E 23 61.66 -38.94 5.42
C CYS E 23 60.52 -39.53 4.59
N LYS E 24 60.29 -40.82 4.77
CA LYS E 24 59.10 -41.49 4.25
C LYS E 24 58.22 -41.89 5.45
N PRO E 25 57.05 -41.25 5.62
CA PRO E 25 56.14 -41.58 6.75
C PRO E 25 55.55 -42.96 6.59
N ILE E 26 54.88 -43.46 7.62
CA ILE E 26 54.21 -44.75 7.56
C ILE E 26 53.03 -44.56 6.64
N SER E 27 52.83 -45.46 5.69
CA SER E 27 51.81 -45.17 4.74
C SER E 27 50.45 -45.22 5.40
N GLY E 28 49.62 -44.27 5.05
CA GLY E 28 48.34 -44.11 5.67
C GLY E 28 48.37 -42.98 6.65
N HIS E 29 49.54 -42.53 7.06
CA HIS E 29 49.58 -41.42 7.99
C HIS E 29 49.55 -40.12 7.22
N ASP E 30 48.77 -39.15 7.70
CA ASP E 30 48.62 -37.86 7.07
C ASP E 30 49.31 -36.72 7.82
N TYR E 31 49.89 -36.95 9.01
CA TYR E 31 50.68 -35.94 9.72
C TYR E 31 52.18 -36.32 9.72
N LEU E 32 53.05 -35.34 9.45
CA LEU E 32 54.48 -35.56 9.42
C LEU E 32 55.22 -34.45 10.16
N PHE E 33 56.07 -34.85 11.11
CA PHE E 33 56.76 -33.91 12.02
C PHE E 33 58.28 -34.02 11.82
N TRP E 34 58.97 -32.90 11.77
CA TRP E 34 60.47 -32.84 11.74
C TRP E 34 60.91 -32.23 13.04
N TYR E 35 61.77 -32.94 13.75
CA TYR E 35 62.34 -32.45 15.00
C TYR E 35 63.85 -32.42 14.89
N ARG E 36 64.46 -31.71 15.83
CA ARG E 36 65.90 -31.58 15.88
C ARG E 36 66.35 -31.76 17.34
N GLN E 37 67.45 -32.46 17.55
CA GLN E 37 68.00 -32.60 18.86
C GLN E 37 69.49 -32.34 18.84
N THR E 38 69.93 -31.36 19.62
CA THR E 38 71.34 -31.08 19.73
C THR E 38 71.69 -31.41 21.13
N MET E 39 72.96 -31.60 21.41
CA MET E 39 73.37 -31.95 22.77
C MET E 39 73.46 -30.74 23.74
N MET E 40 73.11 -29.53 23.27
CA MET E 40 72.21 -28.63 24.05
C MET E 40 70.87 -29.45 24.01
N ARG E 41 70.52 -30.06 25.15
CA ARG E 41 70.20 -31.52 25.19
C ARG E 41 68.87 -32.12 24.63
N GLY E 42 67.84 -31.29 24.42
CA GLY E 42 66.51 -31.75 24.00
C GLY E 42 66.01 -31.46 22.57
N LEU E 43 64.87 -32.09 22.31
CA LEU E 43 64.20 -32.10 21.05
C LEU E 43 63.47 -30.78 20.89
N GLU E 44 63.33 -30.39 19.64
CA GLU E 44 62.52 -29.23 19.33
C GLU E 44 61.87 -29.47 18.00
N LEU E 45 60.60 -29.09 17.90
CA LEU E 45 59.89 -29.23 16.63
C LEU E 45 60.29 -28.14 15.65
N LEU E 46 60.69 -28.52 14.44
CA LEU E 46 60.94 -27.54 13.37
C LEU E 46 59.65 -27.19 12.66
N ILE E 47 58.91 -28.19 12.20
CA ILE E 47 57.71 -27.93 11.45
C ILE E 47 56.86 -29.19 11.46
N TYR E 48 55.57 -29.05 11.35
CA TYR E 48 54.79 -30.23 10.95
C TYR E 48 53.81 -29.93 9.85
N PHE E 49 53.45 -31.00 9.18
CA PHE E 49 52.60 -30.95 7.98
C PHE E 49 51.38 -31.82 8.22
N ASN E 50 50.31 -31.43 7.57
CA ASN E 50 49.17 -32.27 7.47
C ASN E 50 48.64 -32.23 6.05
N ASN E 51 48.33 -33.39 5.52
CA ASN E 51 47.94 -33.52 4.13
C ASN E 51 48.88 -32.76 3.18
N ASN E 52 50.19 -32.70 3.54
CA ASN E 52 51.26 -32.06 2.79
C ASN E 52 51.33 -30.58 2.89
N VAL E 53 50.41 -29.99 3.65
CA VAL E 53 50.39 -28.56 3.88
C VAL E 53 51.16 -28.30 5.17
N PRO E 54 52.01 -27.28 5.19
CA PRO E 54 52.64 -26.96 6.47
C PRO E 54 51.66 -26.28 7.41
N ILE E 55 51.65 -26.74 8.66
CA ILE E 55 50.68 -26.26 9.65
C ILE E 55 51.24 -25.24 10.65
N ASP E 56 52.38 -25.60 11.25
CA ASP E 56 53.05 -24.79 12.25
C ASP E 56 54.56 -24.93 12.02
N ASP E 57 55.17 -23.81 11.71
CA ASP E 57 56.60 -23.73 11.42
C ASP E 57 57.33 -22.72 12.31
N SER E 58 56.73 -22.36 13.44
CA SER E 58 57.34 -21.42 14.40
C SER E 58 58.72 -21.87 14.85
N GLY E 59 58.95 -23.14 14.96
CA GLY E 59 60.29 -23.63 15.28
C GLY E 59 61.30 -23.66 14.14
N MET E 60 60.90 -23.24 12.95
CA MET E 60 61.80 -23.24 11.79
C MET E 60 62.78 -22.08 11.92
N PRO E 61 64.09 -22.33 11.73
CA PRO E 61 64.99 -21.21 11.70
C PRO E 61 64.62 -20.26 10.57
N GLU E 62 64.74 -18.97 10.83
CA GLU E 62 64.32 -17.97 9.87
C GLU E 62 65.06 -18.00 8.52
N ASP E 63 66.24 -18.62 8.47
CA ASP E 63 67.03 -18.60 7.28
C ASP E 63 67.67 -19.93 7.05
N ARG E 64 67.91 -20.21 5.78
CA ARG E 64 68.66 -21.35 5.26
C ARG E 64 67.93 -22.70 5.32
N PHE E 65 66.78 -22.79 5.95
CA PHE E 65 66.18 -24.12 6.21
C PHE E 65 64.84 -24.10 5.47
N SER E 66 64.51 -25.15 4.77
CA SER E 66 63.26 -25.17 4.07
C SER E 66 62.74 -26.62 4.06
N ALA E 67 61.47 -26.79 4.40
CA ALA E 67 60.86 -28.10 4.37
C ALA E 67 59.76 -28.15 3.35
N LYS E 68 59.69 -29.31 2.70
CA LYS E 68 58.66 -29.58 1.74
C LYS E 68 58.12 -30.98 1.92
N MET E 69 56.89 -31.15 1.49
CA MET E 69 56.31 -32.45 1.36
C MET E 69 55.63 -32.53 -0.02
N PRO E 70 56.37 -32.98 -1.03
CA PRO E 70 55.72 -32.99 -2.37
C PRO E 70 54.69 -34.07 -2.65
N ASN E 71 54.61 -35.12 -1.85
CA ASN E 71 53.46 -36.06 -1.93
C ASN E 71 53.30 -36.65 -0.56
N ALA E 72 52.28 -37.47 -0.36
CA ALA E 72 51.97 -38.00 1.00
C ALA E 72 53.02 -38.98 1.52
N SER E 73 53.91 -39.48 0.71
CA SER E 73 54.95 -40.40 1.19
C SER E 73 56.35 -39.87 1.23
N PHE E 74 56.53 -38.57 1.21
CA PHE E 74 57.89 -38.07 1.05
C PHE E 74 58.00 -36.62 1.50
N SER E 75 58.92 -36.38 2.41
CA SER E 75 59.22 -35.04 2.85
C SER E 75 60.71 -34.87 2.93
N THR E 76 61.10 -33.64 2.71
CA THR E 76 62.44 -33.25 2.62
C THR E 76 62.69 -32.05 3.53
N LEU E 77 63.83 -32.03 4.18
CA LEU E 77 64.28 -30.84 4.91
C LEU E 77 65.65 -30.48 4.34
N LYS E 78 65.80 -29.26 3.84
CA LYS E 78 67.03 -28.83 3.19
C LYS E 78 67.62 -27.65 3.90
N ILE E 79 68.93 -27.60 3.87
CA ILE E 79 69.71 -26.55 4.48
C ILE E 79 70.70 -26.11 3.39
N GLN E 80 70.60 -24.85 2.95
CA GLN E 80 71.53 -24.26 1.97
C GLN E 80 71.76 -22.79 2.36
N PRO E 81 72.99 -22.37 2.66
CA PRO E 81 74.15 -23.24 2.95
C PRO E 81 74.28 -23.75 4.41
N SER E 82 74.90 -24.92 4.57
CA SER E 82 75.03 -25.53 5.89
C SER E 82 76.08 -24.82 6.73
N GLU E 83 75.88 -24.79 8.04
CA GLU E 83 76.90 -24.21 8.95
C GLU E 83 77.13 -25.19 10.12
N PRO E 84 78.30 -25.12 10.75
CA PRO E 84 78.55 -26.04 11.86
C PRO E 84 77.47 -26.07 12.92
N ARG E 85 76.89 -24.95 13.27
CA ARG E 85 75.84 -24.96 14.28
C ARG E 85 74.62 -25.78 13.90
N ASP E 86 74.50 -26.20 12.65
CA ASP E 86 73.40 -27.09 12.26
C ASP E 86 73.53 -28.55 12.60
N SER E 87 74.69 -28.97 13.07
CA SER E 87 74.90 -30.39 13.42
C SER E 87 73.92 -30.81 14.49
N ALA E 88 73.29 -31.95 14.31
CA ALA E 88 72.25 -32.36 15.19
C ALA E 88 71.82 -33.72 14.77
N VAL E 89 70.94 -34.35 15.56
CA VAL E 89 70.22 -35.49 15.08
C VAL E 89 68.89 -34.88 14.65
N TYR E 90 68.37 -35.27 13.49
CA TYR E 90 67.11 -34.75 12.97
C TYR E 90 66.24 -35.94 12.91
N PHE E 91 65.10 -35.87 13.59
CA PHE E 91 64.12 -36.95 13.61
C PHE E 91 62.86 -36.58 12.83
N CYS E 92 62.28 -37.57 12.20
CA CYS E 92 61.04 -37.39 11.48
C CYS E 92 60.05 -38.31 12.22
N ALA E 93 58.82 -37.89 12.32
CA ALA E 93 57.76 -38.73 12.87
C ALA E 93 56.51 -38.63 12.10
N SER E 94 55.69 -39.65 12.15
CA SER E 94 54.33 -39.49 11.51
C SER E 94 53.26 -40.05 12.39
N SER E 95 52.03 -39.59 12.19
CA SER E 95 50.90 -40.01 12.94
C SER E 95 49.55 -39.85 12.21
N LEU E 96 48.47 -40.14 12.93
CA LEU E 96 47.06 -39.94 12.54
C LEU E 96 46.34 -39.24 13.71
N TRP E 97 45.16 -38.71 13.46
CA TRP E 97 44.45 -37.89 14.41
C TRP E 97 44.16 -38.67 15.67
N GLU E 98 43.62 -39.86 15.50
CA GLU E 98 43.22 -40.64 16.64
C GLU E 98 44.42 -41.08 17.51
N LYS E 99 45.61 -41.19 16.98
CA LYS E 99 46.80 -41.50 17.77
C LYS E 99 47.33 -40.26 18.41
N LEU E 100 47.22 -39.15 17.71
CA LEU E 100 47.68 -37.87 18.20
C LEU E 100 46.80 -37.42 19.36
N ALA E 101 45.54 -37.85 19.40
CA ALA E 101 44.65 -37.53 20.50
C ALA E 101 45.07 -38.21 21.81
N LYS E 102 45.88 -39.27 21.74
CA LYS E 102 46.52 -39.88 22.93
C LYS E 102 48.05 -39.64 22.89
N ASN E 103 48.43 -38.66 22.08
CA ASN E 103 49.79 -38.20 21.93
C ASN E 103 50.78 -39.25 21.52
N ILE E 104 50.37 -40.10 20.60
CA ILE E 104 51.25 -41.09 20.03
C ILE E 104 51.67 -40.64 18.66
N GLN E 105 52.96 -40.70 18.38
CA GLN E 105 53.53 -40.42 17.06
C GLN E 105 54.64 -41.45 16.81
N TYR E 106 55.03 -41.73 15.57
CA TYR E 106 55.95 -42.86 15.30
C TYR E 106 57.18 -42.25 14.73
N PHE E 107 58.32 -42.59 15.31
CA PHE E 107 59.56 -41.81 15.07
C PHE E 107 60.41 -42.60 14.16
N GLY E 108 61.03 -41.92 13.21
CA GLY E 108 62.13 -42.54 12.47
C GLY E 108 63.34 -42.77 13.37
N ALA E 109 64.38 -43.42 12.84
CA ALA E 109 65.62 -43.72 13.52
C ALA E 109 66.51 -42.49 13.56
N GLY E 110 66.17 -41.45 12.85
CA GLY E 110 66.99 -40.23 12.85
C GLY E 110 68.13 -40.17 11.82
N THR E 111 68.48 -38.96 11.44
CA THR E 111 69.67 -38.71 10.68
C THR E 111 70.66 -37.99 11.57
N ARG E 112 71.88 -38.46 11.65
CA ARG E 112 72.88 -37.77 12.46
C ARG E 112 73.72 -36.92 11.54
N LEU E 113 73.66 -35.61 11.71
CA LEU E 113 74.34 -34.66 10.83
C LEU E 113 75.50 -33.94 11.47
N SER E 114 76.69 -34.10 10.90
CA SER E 114 77.87 -33.30 11.29
C SER E 114 78.33 -32.37 10.13
N VAL E 115 78.21 -31.05 10.33
CA VAL E 115 78.78 -30.10 9.37
C VAL E 115 80.03 -29.47 9.94
N LEU E 116 81.10 -29.64 9.17
CA LEU E 116 82.44 -29.43 9.63
C LEU E 116 82.97 -28.18 9.02
N GLU E 117 83.58 -27.41 9.89
CA GLU E 117 84.48 -26.34 9.53
C GLU E 117 85.39 -26.70 8.33
N ASP E 118 85.95 -27.90 8.33
CA ASP E 118 87.03 -28.28 7.40
C ASP E 118 87.20 -29.80 7.31
N LEU E 119 87.26 -30.34 6.09
CA LEU E 119 87.37 -31.77 5.90
C LEU E 119 88.76 -32.37 6.18
N LYS E 120 89.80 -31.53 6.20
CA LYS E 120 91.14 -31.95 6.66
C LYS E 120 91.15 -32.55 8.08
N ASN E 121 90.15 -32.25 8.89
CA ASN E 121 90.00 -32.83 10.23
C ASN E 121 89.50 -34.28 10.26
N VAL E 122 88.98 -34.80 9.16
CA VAL E 122 88.31 -36.12 9.19
C VAL E 122 89.32 -37.27 9.14
N PHE E 123 89.16 -38.29 9.97
CA PHE E 123 90.06 -39.46 9.95
C PHE E 123 89.27 -40.72 10.28
N PRO E 124 89.62 -41.85 9.62
CA PRO E 124 88.98 -43.12 9.96
C PRO E 124 89.67 -43.66 11.20
N PRO E 125 89.08 -44.64 11.87
CA PRO E 125 89.74 -45.26 12.99
C PRO E 125 90.77 -46.31 12.58
N GLU E 126 91.76 -46.52 13.44
CA GLU E 126 92.55 -47.74 13.43
C GLU E 126 91.88 -48.69 14.46
N VAL E 127 91.91 -49.98 14.19
CA VAL E 127 91.22 -50.90 15.07
C VAL E 127 92.11 -52.06 15.42
N ALA E 128 92.17 -52.38 16.71
CA ALA E 128 92.90 -53.57 17.22
C ALA E 128 92.03 -54.41 18.16
N VAL E 129 92.13 -55.72 18.05
CA VAL E 129 91.60 -56.62 19.06
C VAL E 129 92.73 -57.03 20.00
N PHE E 130 92.43 -57.13 21.28
CA PHE E 130 93.37 -57.67 22.25
C PHE E 130 92.80 -58.94 22.87
N GLU E 131 93.69 -59.88 23.18
CA GLU E 131 93.29 -61.23 23.54
C GLU E 131 93.21 -61.42 25.06
N PRO E 132 92.41 -62.41 25.51
CA PRO E 132 92.29 -62.69 26.95
C PRO E 132 93.64 -62.96 27.57
N SER E 133 93.78 -62.66 28.85
CA SER E 133 94.98 -63.07 29.59
C SER E 133 94.78 -64.48 30.15
N GLU E 134 95.88 -65.23 30.30
CA GLU E 134 95.84 -66.52 31.02
C GLU E 134 95.40 -66.28 32.47
N ALA E 135 95.77 -65.15 33.06
CA ALA E 135 95.33 -64.81 34.41
C ALA E 135 93.79 -64.87 34.53
N GLU E 136 93.08 -64.19 33.64
CA GLU E 136 91.62 -64.21 33.65
C GLU E 136 91.06 -65.62 33.52
N ILE E 137 91.54 -66.37 32.53
CA ILE E 137 91.00 -67.71 32.24
C ILE E 137 91.19 -68.70 33.41
N SER E 138 92.23 -68.48 34.23
CA SER E 138 92.51 -69.38 35.37
C SER E 138 91.62 -69.07 36.56
N HIS E 139 91.41 -67.77 36.79
CA HIS E 139 90.72 -67.28 37.99
C HIS E 139 89.20 -67.37 37.87
N THR E 140 88.69 -67.22 36.65
CA THR E 140 87.27 -67.08 36.39
C THR E 140 86.67 -68.04 35.35
N GLN E 141 87.52 -68.71 34.57
CA GLN E 141 87.09 -69.59 33.47
C GLN E 141 86.21 -68.87 32.43
N LYS E 142 86.41 -67.56 32.35
CA LYS E 142 85.75 -66.73 31.35
C LYS E 142 86.86 -65.99 30.61
N ALA E 143 86.57 -65.49 29.41
CA ALA E 143 87.61 -64.92 28.57
C ALA E 143 87.11 -63.65 27.92
N THR E 144 87.80 -62.54 28.15
CA THR E 144 87.40 -61.25 27.61
C THR E 144 88.34 -60.73 26.53
N LEU E 145 87.80 -60.52 25.34
CA LEU E 145 88.49 -59.84 24.22
C LEU E 145 88.13 -58.38 24.32
N VAL E 146 89.05 -57.49 23.92
CA VAL E 146 88.72 -56.08 23.80
C VAL E 146 89.13 -55.53 22.44
N CYS E 147 88.28 -54.64 21.94
CA CYS E 147 88.51 -53.96 20.69
C CYS E 147 88.75 -52.50 21.00
N LEU E 148 89.74 -51.90 20.36
CA LEU E 148 89.99 -50.45 20.46
C LEU E 148 89.92 -49.80 19.08
N ALA E 149 89.04 -48.82 18.94
CA ALA E 149 88.93 -48.01 17.75
C ALA E 149 89.47 -46.63 18.11
N THR E 150 90.54 -46.19 17.45
CA THR E 150 91.24 -44.99 17.87
C THR E 150 91.48 -44.00 16.73
N GLY E 151 91.48 -42.71 17.07
CA GLY E 151 91.93 -41.66 16.17
C GLY E 151 90.95 -41.21 15.11
N PHE E 152 89.66 -41.40 15.34
CA PHE E 152 88.66 -41.07 14.32
C PHE E 152 87.95 -39.75 14.58
N TYR E 153 87.52 -39.13 13.49
CA TYR E 153 86.83 -37.87 13.51
C TYR E 153 86.07 -37.79 12.21
N PRO E 154 84.80 -37.47 12.27
CA PRO E 154 84.10 -37.13 13.47
C PRO E 154 83.57 -38.39 14.16
N ASP E 155 82.56 -38.23 15.00
CA ASP E 155 82.06 -39.25 15.89
C ASP E 155 80.87 -40.03 15.31
N HIS E 156 81.13 -40.73 14.22
CA HIS E 156 80.12 -41.54 13.50
C HIS E 156 80.72 -42.90 13.24
N VAL E 157 80.61 -43.78 14.22
CA VAL E 157 81.08 -45.13 14.12
C VAL E 157 80.06 -46.06 14.75
N GLU E 158 79.97 -47.25 14.20
CA GLU E 158 79.13 -48.35 14.70
C GLU E 158 80.01 -49.55 14.73
N LEU E 159 80.09 -50.11 15.91
CA LEU E 159 81.01 -51.19 16.23
C LEU E 159 80.12 -52.42 16.39
N SER E 160 80.55 -53.54 15.85
CA SER E 160 79.84 -54.79 16.02
C SER E 160 80.89 -55.87 16.16
N TRP E 161 80.54 -56.99 16.79
CA TRP E 161 81.37 -58.18 16.89
C TRP E 161 80.76 -59.31 16.06
N TRP E 162 81.63 -60.07 15.40
CA TRP E 162 81.24 -61.23 14.64
C TRP E 162 82.06 -62.44 15.09
N VAL E 163 81.42 -63.59 15.27
CA VAL E 163 82.16 -64.84 15.40
C VAL E 163 81.68 -65.80 14.35
N ASN E 164 82.64 -66.49 13.77
CA ASN E 164 82.37 -67.45 12.72
C ASN E 164 81.36 -66.94 11.69
N GLY E 165 81.49 -65.69 11.29
CA GLY E 165 80.63 -65.09 10.26
C GLY E 165 79.21 -64.66 10.61
N LYS E 166 78.80 -64.72 11.89
CA LYS E 166 77.50 -64.18 12.35
C LYS E 166 77.71 -63.16 13.43
N GLU E 167 76.98 -62.05 13.36
CA GLU E 167 77.07 -61.04 14.40
C GLU E 167 76.59 -61.59 15.72
N VAL E 168 77.24 -61.14 16.81
CA VAL E 168 76.86 -61.52 18.16
C VAL E 168 76.47 -60.35 19.04
N HIS E 169 75.56 -60.60 19.98
CA HIS E 169 75.15 -59.60 20.98
C HIS E 169 75.40 -60.03 22.43
N SER E 170 75.40 -61.32 22.67
CA SER E 170 75.74 -61.85 23.98
C SER E 170 77.19 -61.62 24.42
N GLY E 171 77.36 -61.02 25.57
CA GLY E 171 78.65 -60.84 26.19
C GLY E 171 79.35 -59.59 25.71
N VAL E 172 78.66 -58.83 24.86
CA VAL E 172 79.23 -57.64 24.28
C VAL E 172 78.83 -56.41 25.07
N CYS E 173 79.80 -55.53 25.33
CA CYS E 173 79.58 -54.27 26.03
C CYS E 173 80.44 -53.23 25.33
N THR E 174 79.83 -52.17 24.82
CA THR E 174 80.60 -51.14 24.16
C THR E 174 80.24 -49.75 24.63
N ASP E 175 81.27 -48.93 24.86
CA ASP E 175 81.12 -47.62 25.55
C ASP E 175 79.95 -46.88 24.92
N PRO E 176 79.15 -46.19 25.74
CA PRO E 176 78.02 -45.46 25.17
C PRO E 176 78.50 -44.23 24.43
N GLN E 177 79.36 -43.44 25.09
CA GLN E 177 80.07 -42.33 24.45
C GLN E 177 81.49 -42.76 24.12
N PRO E 178 82.16 -42.04 23.20
CA PRO E 178 83.57 -42.26 22.93
C PRO E 178 84.48 -41.25 23.63
N LEU E 179 85.74 -41.64 23.84
CA LEU E 179 86.73 -40.75 24.47
C LEU E 179 87.14 -39.70 23.50
N LYS E 180 87.62 -38.58 24.03
CA LYS E 180 88.35 -37.59 23.26
C LYS E 180 89.83 -37.76 23.56
N GLU E 181 90.65 -37.93 22.52
CA GLU E 181 92.08 -38.21 22.69
C GLU E 181 92.94 -37.00 23.10
N GLN E 182 92.42 -35.79 22.92
CA GLN E 182 92.88 -34.62 23.70
C GLN E 182 91.68 -33.76 24.10
N PRO E 183 91.21 -33.89 25.36
CA PRO E 183 89.98 -33.21 25.77
C PRO E 183 90.04 -31.69 25.70
N ALA E 184 91.24 -31.12 25.87
CA ALA E 184 91.40 -29.69 25.84
C ALA E 184 91.29 -29.08 24.42
N LEU E 185 91.35 -29.91 23.37
CA LEU E 185 91.07 -29.47 21.97
C LEU E 185 89.58 -29.48 21.62
N ASN E 186 89.16 -28.58 20.74
CA ASN E 186 87.77 -28.53 20.28
C ASN E 186 87.42 -29.72 19.40
N ASP E 187 88.19 -29.85 18.32
CA ASP E 187 87.99 -30.84 17.29
C ASP E 187 88.98 -31.98 17.52
N SER E 188 88.94 -32.52 18.74
CA SER E 188 89.73 -33.67 19.12
C SER E 188 89.28 -34.88 18.28
N ARG E 189 90.23 -35.71 17.90
CA ARG E 189 89.94 -37.01 17.42
C ARG E 189 89.34 -37.85 18.54
N TYR E 190 88.77 -39.01 18.24
CA TYR E 190 88.03 -39.78 19.21
C TYR E 190 88.48 -41.23 19.34
N ALA E 191 87.99 -41.90 20.38
CA ALA E 191 88.31 -43.32 20.59
C ALA E 191 87.21 -44.05 21.35
N LEU E 192 87.12 -45.35 21.13
CA LEU E 192 86.01 -46.12 21.60
C LEU E 192 86.49 -47.52 21.92
N SER E 193 85.89 -48.14 22.95
CA SER E 193 86.22 -49.52 23.31
C SER E 193 85.00 -50.39 23.43
N SER E 194 85.20 -51.68 23.25
CA SER E 194 84.15 -52.67 23.37
C SER E 194 84.80 -53.91 23.94
N ARG E 195 84.03 -54.72 24.67
CA ARG E 195 84.49 -55.98 25.20
C ARG E 195 83.57 -57.09 24.72
N LEU E 196 84.14 -58.26 24.49
CA LEU E 196 83.37 -59.47 24.26
C LEU E 196 83.86 -60.52 25.25
N ARG E 197 82.97 -61.01 26.07
CA ARG E 197 83.27 -62.10 27.00
C ARG E 197 82.62 -63.40 26.53
N VAL E 198 83.39 -64.48 26.61
CA VAL E 198 82.96 -65.80 26.18
C VAL E 198 83.52 -66.81 27.16
N SER E 199 83.00 -68.03 27.15
CA SER E 199 83.56 -69.07 28.01
C SER E 199 85.03 -69.38 27.67
N ALA E 200 85.80 -69.78 28.68
CA ALA E 200 87.21 -70.10 28.45
C ALA E 200 87.37 -71.14 27.34
N THR E 201 86.60 -72.23 27.44
CA THR E 201 86.67 -73.29 26.45
C THR E 201 86.30 -72.81 25.04
N PHE E 202 85.42 -71.84 24.96
CA PHE E 202 85.11 -71.23 23.67
C PHE E 202 86.31 -70.49 23.12
N TRP E 203 87.06 -69.79 23.96
CA TRP E 203 88.26 -69.16 23.43
C TRP E 203 89.32 -70.17 23.05
N GLN E 204 89.40 -71.28 23.77
CA GLN E 204 90.44 -72.29 23.56
C GLN E 204 90.24 -73.21 22.36
N ASP E 205 89.13 -73.05 21.65
CA ASP E 205 88.86 -73.78 20.42
C ASP E 205 89.39 -72.99 19.20
N PRO E 206 90.39 -73.54 18.47
CA PRO E 206 90.95 -72.84 17.29
C PRO E 206 90.03 -72.72 16.06
N ARG E 207 88.89 -73.40 16.05
CA ARG E 207 87.91 -73.23 14.97
C ARG E 207 87.01 -72.01 15.18
N ASN E 208 87.11 -71.35 16.34
CA ASN E 208 86.42 -70.06 16.59
C ASN E 208 87.26 -68.85 16.13
N HIS E 209 86.63 -68.01 15.33
CA HIS E 209 87.28 -66.82 14.80
C HIS E 209 86.43 -65.58 15.20
N PHE E 210 87.10 -64.60 15.80
CA PHE E 210 86.45 -63.42 16.33
C PHE E 210 86.89 -62.21 15.54
N ARG E 211 85.92 -61.37 15.17
CA ARG E 211 86.18 -60.18 14.39
C ARG E 211 85.46 -58.98 15.00
N CYS E 212 86.23 -57.95 15.28
CA CYS E 212 85.70 -56.67 15.70
C CYS E 212 85.59 -55.73 14.51
N GLN E 213 84.39 -55.23 14.24
CA GLN E 213 84.10 -54.45 13.02
C GLN E 213 83.56 -53.06 13.30
N VAL E 214 84.17 -52.06 12.69
CA VAL E 214 83.77 -50.69 12.85
C VAL E 214 83.41 -50.05 11.54
N GLN E 215 82.16 -49.63 11.42
CA GLN E 215 81.72 -48.82 10.34
C GLN E 215 81.94 -47.34 10.68
N PHE E 216 82.72 -46.65 9.86
CA PHE E 216 82.97 -45.20 9.99
C PHE E 216 82.23 -44.49 8.88
N TYR E 217 81.52 -43.43 9.23
CA TYR E 217 80.90 -42.55 8.21
C TYR E 217 81.74 -41.30 8.01
N GLY E 218 82.20 -41.10 6.79
CA GLY E 218 83.02 -39.96 6.46
C GLY E 218 82.65 -39.36 5.11
N LEU E 219 83.67 -39.06 4.32
CA LEU E 219 83.49 -38.42 3.02
C LEU E 219 82.86 -39.34 1.97
N SER E 220 82.23 -38.76 0.98
CA SER E 220 81.61 -39.56 -0.08
C SER E 220 82.43 -39.27 -1.31
N GLU E 221 82.02 -39.82 -2.45
CA GLU E 221 82.80 -39.62 -3.68
C GLU E 221 82.67 -38.24 -4.27
N ASN E 222 81.60 -37.51 -3.94
CA ASN E 222 81.43 -36.19 -4.52
C ASN E 222 82.13 -35.10 -3.69
N ASP E 223 82.73 -35.48 -2.55
CA ASP E 223 83.63 -34.59 -1.82
C ASP E 223 85.00 -34.54 -2.49
N GLU E 224 85.54 -33.32 -2.63
CA GLU E 224 86.88 -33.12 -3.20
C GLU E 224 87.92 -33.47 -2.15
N TRP E 225 89.09 -33.93 -2.61
CA TRP E 225 90.17 -34.28 -1.70
C TRP E 225 91.52 -34.20 -2.38
N THR E 226 92.44 -33.45 -1.76
CA THR E 226 93.75 -33.14 -2.31
C THR E 226 94.93 -33.72 -1.51
N GLN E 227 94.77 -33.91 -0.20
CA GLN E 227 95.91 -34.25 0.67
C GLN E 227 96.71 -35.45 0.17
N ASP E 228 97.98 -35.52 0.59
CA ASP E 228 98.88 -36.66 0.30
C ASP E 228 98.64 -37.75 1.32
N ARG E 229 97.42 -38.23 1.35
CA ARG E 229 97.00 -39.05 2.44
C ARG E 229 95.67 -39.54 1.94
N ALA E 230 95.36 -40.81 2.18
CA ALA E 230 94.11 -41.42 1.78
C ALA E 230 92.89 -40.57 2.12
N LYS E 231 91.97 -40.47 1.18
CA LYS E 231 90.71 -39.79 1.39
C LYS E 231 89.92 -40.56 2.45
N PRO E 232 89.49 -39.88 3.54
CA PRO E 232 88.93 -40.49 4.73
C PRO E 232 87.47 -40.73 4.51
N VAL E 233 87.25 -41.72 3.68
CA VAL E 233 85.96 -42.03 3.11
C VAL E 233 85.21 -42.98 4.04
N THR E 234 83.89 -43.03 3.90
CA THR E 234 83.04 -43.98 4.61
C THR E 234 83.49 -45.39 4.32
N GLN E 235 83.74 -46.16 5.36
CA GLN E 235 84.42 -47.42 5.20
C GLN E 235 84.34 -48.23 6.49
N ILE E 236 84.61 -49.52 6.33
CA ILE E 236 84.67 -50.45 7.40
C ILE E 236 86.10 -50.82 7.68
N VAL E 237 86.49 -50.77 8.94
CA VAL E 237 87.77 -51.23 9.38
C VAL E 237 87.57 -52.32 10.41
N SER E 238 88.30 -53.41 10.30
CA SER E 238 88.18 -54.48 11.26
C SER E 238 89.51 -55.11 11.69
N ALA E 239 89.41 -55.96 12.70
CA ALA E 239 90.52 -56.66 13.31
C ALA E 239 89.97 -57.99 13.83
N GLU E 240 90.86 -58.96 13.99
CA GLU E 240 90.49 -60.35 14.12
C GLU E 240 91.35 -61.08 15.12
N ALA E 241 90.82 -62.19 15.61
CA ALA E 241 91.62 -63.11 16.40
C ALA E 241 91.08 -64.52 16.25
N TRP E 242 91.97 -65.47 16.54
CA TRP E 242 91.61 -66.87 16.58
C TRP E 242 91.83 -67.44 17.95
N GLY E 243 90.98 -68.39 18.32
CA GLY E 243 91.20 -69.18 19.52
C GLY E 243 92.49 -69.97 19.55
N ARG E 244 92.87 -70.41 20.75
CA ARG E 244 94.06 -71.22 20.97
C ARG E 244 94.00 -71.83 22.38
N ALA E 245 94.44 -73.08 22.51
CA ALA E 245 94.60 -73.72 23.82
C ALA E 245 96.07 -73.69 24.27
N ASP E 246 96.82 -72.73 23.73
CA ASP E 246 98.29 -72.68 23.82
C ASP E 246 98.79 -71.30 24.30
N GLY F 1 -24.19 7.11 -30.10
CA GLY F 1 -25.09 6.21 -29.33
C GLY F 1 -26.30 6.97 -28.83
N SER F 2 -26.97 6.37 -27.84
CA SER F 2 -28.13 7.00 -27.27
C SER F 2 -27.71 8.07 -26.26
N HIS F 3 -28.64 8.96 -25.94
CA HIS F 3 -28.35 10.10 -25.11
C HIS F 3 -29.52 10.36 -24.22
N SER F 4 -29.30 11.06 -23.12
CA SER F 4 -30.40 11.38 -22.17
C SER F 4 -30.38 12.83 -21.76
N MET F 5 -31.57 13.36 -21.46
CA MET F 5 -31.70 14.55 -20.66
C MET F 5 -32.51 14.26 -19.40
N ARG F 6 -31.96 14.58 -18.23
CA ARG F 6 -32.60 14.29 -16.94
C ARG F 6 -32.53 15.47 -16.01
N TYR F 7 -33.64 15.73 -15.34
CA TYR F 7 -33.71 16.74 -14.30
C TYR F 7 -33.98 16.10 -12.96
N PHE F 8 -33.24 16.51 -11.95
CA PHE F 8 -33.36 15.97 -10.57
C PHE F 8 -33.73 17.08 -9.60
N PHE F 9 -34.80 16.90 -8.82
CA PHE F 9 -35.28 17.97 -7.90
C PHE F 9 -35.27 17.41 -6.46
N THR F 10 -34.68 18.11 -5.50
CA THR F 10 -34.70 17.66 -4.12
C THR F 10 -35.31 18.75 -3.22
N SER F 11 -36.26 18.38 -2.36
CA SER F 11 -36.76 19.32 -1.41
C SER F 11 -36.69 18.71 -0.03
N VAL F 12 -36.10 19.46 0.92
CA VAL F 12 -35.91 19.03 2.30
C VAL F 12 -36.60 19.99 3.27
N SER F 13 -37.51 19.48 4.08
CA SER F 13 -38.16 20.36 5.04
C SER F 13 -37.25 20.65 6.18
N ARG F 14 -37.47 21.83 6.76
CA ARG F 14 -36.60 22.40 7.79
C ARG F 14 -37.45 23.07 8.88
N PRO F 15 -37.94 22.29 9.82
CA PRO F 15 -38.66 22.79 10.99
C PRO F 15 -37.89 23.92 11.69
N GLY F 16 -38.50 25.09 11.80
CA GLY F 16 -37.89 26.24 12.43
C GLY F 16 -37.29 27.24 11.47
N ARG F 17 -37.11 26.86 10.21
CA ARG F 17 -36.78 27.82 9.14
C ARG F 17 -38.02 28.12 8.34
N GLY F 18 -38.04 29.25 7.66
CA GLY F 18 -39.20 29.64 6.83
C GLY F 18 -39.57 28.77 5.61
N GLU F 19 -38.60 28.12 5.00
CA GLU F 19 -38.80 27.45 3.72
C GLU F 19 -37.99 26.20 3.79
N PRO F 20 -38.34 25.21 3.00
CA PRO F 20 -37.51 24.04 2.79
C PRO F 20 -36.34 24.38 1.88
N ARG F 21 -35.28 23.58 1.92
CA ARG F 21 -34.19 23.68 0.96
C ARG F 21 -34.64 23.05 -0.34
N PHE F 22 -34.51 23.77 -1.46
CA PHE F 22 -34.83 23.17 -2.74
C PHE F 22 -33.64 23.24 -3.64
N ILE F 23 -33.27 22.10 -4.22
CA ILE F 23 -32.19 22.02 -5.19
C ILE F 23 -32.61 21.27 -6.49
N ALA F 24 -32.41 21.90 -7.64
CA ALA F 24 -32.70 21.33 -8.96
C ALA F 24 -31.42 21.34 -9.82
N VAL F 25 -31.16 20.22 -10.48
CA VAL F 25 -30.08 20.12 -11.43
C VAL F 25 -30.58 19.42 -12.69
N GLY F 26 -30.03 19.83 -13.82
CA GLY F 26 -30.24 19.20 -15.07
C GLY F 26 -28.95 18.70 -15.71
N TYR F 27 -29.07 17.59 -16.40
CA TYR F 27 -27.97 16.94 -17.04
C TYR F 27 -28.35 16.61 -18.46
N VAL F 28 -27.34 16.52 -19.31
CA VAL F 28 -27.45 15.84 -20.58
C VAL F 28 -26.37 14.82 -20.59
N ASP F 29 -26.76 13.56 -20.75
CA ASP F 29 -25.86 12.44 -20.54
C ASP F 29 -25.19 12.60 -19.16
N ASP F 30 -23.86 12.57 -19.08
CA ASP F 30 -23.20 12.72 -17.78
C ASP F 30 -22.73 14.14 -17.55
N THR F 31 -23.30 15.11 -18.25
CA THR F 31 -22.82 16.49 -18.13
C THR F 31 -23.91 17.40 -17.58
N GLN F 32 -23.63 17.99 -16.43
CA GLN F 32 -24.52 18.96 -15.80
C GLN F 32 -24.53 20.26 -16.55
N PHE F 33 -25.71 20.85 -16.74
CA PHE F 33 -25.79 22.10 -17.46
C PHE F 33 -26.54 23.24 -16.80
N VAL F 34 -27.35 22.94 -15.79
CA VAL F 34 -28.08 23.95 -15.03
C VAL F 34 -28.28 23.55 -13.63
N ARG F 35 -28.54 24.57 -12.82
CA ARG F 35 -28.83 24.38 -11.40
C ARG F 35 -29.73 25.50 -10.89
N PHE F 36 -30.45 25.20 -9.83
CA PHE F 36 -31.19 26.17 -9.02
C PHE F 36 -30.99 25.76 -7.57
N ASP F 37 -30.73 26.71 -6.71
CA ASP F 37 -30.64 26.45 -5.28
C ASP F 37 -31.42 27.51 -4.55
N SER F 38 -32.49 27.12 -3.85
CA SER F 38 -33.35 28.07 -3.10
C SER F 38 -32.62 28.99 -2.08
N ASP F 39 -31.41 28.63 -1.66
CA ASP F 39 -30.68 29.38 -0.67
C ASP F 39 -29.66 30.37 -1.30
N ALA F 40 -29.51 30.32 -2.60
CA ALA F 40 -28.55 31.19 -3.21
C ALA F 40 -29.26 32.54 -3.40
N ALA F 41 -28.47 33.59 -3.48
CA ALA F 41 -28.97 34.95 -3.62
C ALA F 41 -29.64 35.27 -4.97
N SER F 42 -29.18 34.64 -6.06
CA SER F 42 -29.69 34.93 -7.38
C SER F 42 -31.22 34.64 -7.48
N GLN F 43 -31.66 33.54 -6.91
CA GLN F 43 -32.99 33.07 -7.13
C GLN F 43 -33.33 32.84 -8.64
N ARG F 44 -32.33 32.47 -9.45
CA ARG F 44 -32.51 32.25 -10.91
C ARG F 44 -32.01 30.86 -11.24
N MET F 45 -32.53 30.27 -12.30
CA MET F 45 -31.91 29.06 -12.87
C MET F 45 -30.57 29.51 -13.40
N GLU F 46 -29.51 28.77 -13.15
CA GLU F 46 -28.16 29.22 -13.51
C GLU F 46 -27.45 28.23 -14.40
N PRO F 47 -26.68 28.72 -15.38
CA PRO F 47 -25.97 27.83 -16.30
C PRO F 47 -24.76 27.18 -15.66
N ARG F 48 -24.49 25.93 -16.01
CA ARG F 48 -23.28 25.20 -15.58
C ARG F 48 -22.45 24.56 -16.72
N ALA F 49 -22.84 24.79 -17.97
CA ALA F 49 -22.09 24.27 -19.10
C ALA F 49 -21.96 25.38 -20.13
N PRO F 50 -20.80 25.53 -20.79
CA PRO F 50 -20.65 26.71 -21.66
C PRO F 50 -21.70 26.84 -22.78
N TRP F 51 -22.16 25.74 -23.29
CA TRP F 51 -23.04 25.75 -24.46
C TRP F 51 -24.51 26.13 -24.18
N ILE F 52 -24.90 26.33 -22.93
CA ILE F 52 -26.25 26.79 -22.60
C ILE F 52 -26.27 28.30 -22.31
N GLU F 53 -25.10 28.90 -22.08
CA GLU F 53 -25.04 30.34 -21.89
C GLU F 53 -25.55 31.15 -23.08
N GLN F 54 -25.54 30.56 -24.27
CA GLN F 54 -26.05 31.28 -25.45
C GLN F 54 -27.57 31.42 -25.49
N GLU F 55 -28.30 30.66 -24.69
CA GLU F 55 -29.74 30.87 -24.67
C GLU F 55 -30.05 32.28 -24.16
N GLY F 56 -31.10 32.87 -24.72
CA GLY F 56 -31.44 34.27 -24.47
C GLY F 56 -32.29 34.48 -23.23
N PRO F 57 -32.71 35.72 -23.01
CA PRO F 57 -33.38 36.05 -21.76
C PRO F 57 -34.75 35.40 -21.58
N GLU F 58 -35.44 35.14 -22.66
CA GLU F 58 -36.75 34.48 -22.61
C GLU F 58 -36.59 33.06 -22.09
N TYR F 59 -35.55 32.36 -22.54
CA TYR F 59 -35.22 31.05 -22.00
C TYR F 59 -34.97 31.05 -20.45
N TRP F 60 -34.13 31.94 -19.96
CA TRP F 60 -33.76 31.95 -18.54
C TRP F 60 -34.91 32.44 -17.65
N ASP F 61 -35.72 33.40 -18.12
CA ASP F 61 -36.92 33.79 -17.39
C ASP F 61 -37.92 32.62 -17.27
N GLY F 62 -38.07 31.83 -18.35
CA GLY F 62 -39.00 30.72 -18.35
C GLY F 62 -38.56 29.57 -17.49
N GLU F 63 -37.31 29.20 -17.64
CA GLU F 63 -36.77 28.12 -16.83
C GLU F 63 -36.81 28.46 -15.35
N THR F 64 -36.52 29.71 -15.00
CA THR F 64 -36.58 30.16 -13.60
C THR F 64 -37.97 30.19 -13.07
N ARG F 65 -38.90 30.68 -13.89
CA ARG F 65 -40.28 30.66 -13.45
C ARG F 65 -40.78 29.22 -13.21
N LYS F 66 -40.47 28.30 -14.12
CA LYS F 66 -40.92 26.91 -13.96
C LYS F 66 -40.26 26.20 -12.78
N VAL F 67 -38.98 26.45 -12.55
CA VAL F 67 -38.28 25.74 -11.49
C VAL F 67 -38.75 26.30 -10.15
N LYS F 68 -38.99 27.59 -10.05
CA LYS F 68 -39.60 28.14 -8.85
C LYS F 68 -40.95 27.54 -8.60
N ALA F 69 -41.71 27.31 -9.66
CA ALA F 69 -43.04 26.68 -9.46
C ALA F 69 -42.97 25.26 -8.91
N HIS F 70 -41.94 24.50 -9.32
CA HIS F 70 -41.70 23.15 -8.80
C HIS F 70 -41.42 23.20 -7.30
N SER F 71 -40.61 24.17 -6.87
CA SER F 71 -40.30 24.28 -5.46
C SER F 71 -41.55 24.55 -4.65
N GLN F 72 -42.45 25.37 -5.17
CA GLN F 72 -43.69 25.71 -4.49
C GLN F 72 -44.60 24.50 -4.37
N THR F 73 -44.62 23.69 -5.41
CA THR F 73 -45.38 22.46 -5.35
C THR F 73 -44.75 21.52 -4.33
N HIS F 74 -43.44 21.33 -4.33
CA HIS F 74 -42.85 20.45 -3.34
C HIS F 74 -43.03 21.01 -1.92
N ARG F 75 -43.14 22.29 -1.77
CA ARG F 75 -43.33 22.86 -0.46
C ARG F 75 -44.66 22.38 0.14
N VAL F 76 -45.70 22.45 -0.68
CA VAL F 76 -46.98 21.96 -0.28
C VAL F 76 -46.97 20.43 -0.11
N ASP F 77 -46.26 19.69 -0.99
CA ASP F 77 -46.21 18.21 -0.93
C ASP F 77 -45.63 17.70 0.38
N LEU F 78 -44.64 18.41 0.88
CA LEU F 78 -44.00 18.13 2.13
C LEU F 78 -45.00 18.14 3.29
N GLY F 79 -45.89 19.13 3.35
CA GLY F 79 -46.98 19.18 4.32
C GLY F 79 -48.06 18.11 4.11
N THR F 80 -48.45 17.89 2.87
CA THR F 80 -49.44 16.86 2.58
C THR F 80 -49.00 15.47 2.94
N LEU F 81 -47.81 15.07 2.55
CA LEU F 81 -47.19 13.79 2.92
C LEU F 81 -46.91 13.57 4.41
N ARG F 82 -46.41 14.57 5.11
CA ARG F 82 -46.37 14.53 6.61
C ARG F 82 -47.71 14.08 7.21
N GLY F 83 -48.78 14.69 6.75
CA GLY F 83 -50.13 14.30 7.16
C GLY F 83 -50.48 12.86 6.80
N TYR F 84 -50.25 12.45 5.56
CA TYR F 84 -50.63 11.08 5.13
C TYR F 84 -49.95 10.03 5.97
N TYR F 85 -48.67 10.18 6.26
CA TYR F 85 -47.95 9.25 7.16
C TYR F 85 -48.02 9.63 8.64
N ASN F 86 -48.86 10.60 8.97
CA ASN F 86 -49.03 11.01 10.37
C ASN F 86 -47.69 11.24 11.07
N GLN F 87 -46.85 12.09 10.51
CA GLN F 87 -45.56 12.33 11.08
C GLN F 87 -45.54 13.63 11.89
N SER F 88 -44.68 13.68 12.87
CA SER F 88 -44.44 14.91 13.62
C SER F 88 -43.92 16.04 12.73
N GLU F 89 -44.26 17.27 13.13
CA GLU F 89 -43.86 18.48 12.43
C GLU F 89 -42.44 18.83 12.88
N ALA F 90 -41.89 18.03 13.77
CA ALA F 90 -40.52 18.27 14.27
C ALA F 90 -39.41 17.74 13.37
N GLY F 91 -39.71 16.79 12.51
CA GLY F 91 -38.63 16.13 11.81
C GLY F 91 -38.46 16.71 10.43
N SER F 92 -37.28 16.53 9.94
CA SER F 92 -36.95 16.84 8.55
C SER F 92 -37.28 15.66 7.64
N HIS F 93 -37.92 15.96 6.52
CA HIS F 93 -38.29 14.98 5.50
C HIS F 93 -37.91 15.41 4.11
N THR F 94 -37.82 14.44 3.19
CA THR F 94 -37.36 14.69 1.81
C THR F 94 -38.38 14.29 0.75
N VAL F 95 -38.55 15.14 -0.26
CA VAL F 95 -39.18 14.76 -1.53
C VAL F 95 -38.13 14.77 -2.63
N GLN F 96 -38.16 13.80 -3.53
CA GLN F 96 -37.30 13.82 -4.69
C GLN F 96 -38.10 13.50 -5.94
N ARG F 97 -37.75 14.14 -7.05
CA ARG F 97 -38.43 14.00 -8.33
C ARG F 97 -37.37 13.91 -9.42
N MET F 98 -37.53 12.97 -10.34
CA MET F 98 -36.60 12.84 -11.44
C MET F 98 -37.45 12.62 -12.66
N TYR F 99 -37.25 13.40 -13.69
CA TYR F 99 -37.83 13.07 -15.01
C TYR F 99 -36.92 13.37 -16.16
N GLY F 100 -37.25 12.81 -17.31
CA GLY F 100 -36.50 13.08 -18.53
C GLY F 100 -36.78 12.10 -19.63
N CYS F 101 -35.99 12.19 -20.69
CA CYS F 101 -36.20 11.41 -21.92
C CYS F 101 -34.90 10.89 -22.44
N ASP F 102 -34.98 9.72 -23.07
CA ASP F 102 -33.85 9.16 -23.78
C ASP F 102 -34.16 9.22 -25.24
N VAL F 103 -33.09 9.23 -26.00
CA VAL F 103 -33.16 9.34 -27.43
C VAL F 103 -32.14 8.35 -27.93
N GLY F 104 -32.44 7.65 -29.03
CA GLY F 104 -31.53 6.65 -29.63
C GLY F 104 -30.42 7.23 -30.50
N SER F 105 -29.67 6.37 -31.16
CA SER F 105 -28.59 6.81 -32.05
C SER F 105 -29.06 7.63 -33.25
N ASP F 106 -30.31 7.44 -33.65
CA ASP F 106 -30.95 8.27 -34.68
C ASP F 106 -31.53 9.57 -34.10
N TRP F 107 -31.41 9.74 -32.79
CA TRP F 107 -31.96 10.89 -32.06
C TRP F 107 -33.48 10.94 -32.06
N ARG F 108 -34.13 9.84 -32.39
CA ARG F 108 -35.57 9.74 -32.16
C ARG F 108 -35.87 9.30 -30.72
N PHE F 109 -37.03 9.67 -30.22
CA PHE F 109 -37.50 9.29 -28.92
C PHE F 109 -37.38 7.79 -28.67
N LEU F 110 -36.73 7.41 -27.58
CA LEU F 110 -36.63 6.03 -27.10
C LEU F 110 -37.58 5.83 -25.91
N ARG F 111 -37.42 6.65 -24.87
CA ARG F 111 -38.25 6.51 -23.67
C ARG F 111 -38.27 7.77 -22.82
N GLY F 112 -39.22 7.78 -21.91
CA GLY F 112 -39.53 8.87 -21.08
C GLY F 112 -39.86 8.36 -19.70
N TYR F 113 -39.61 9.18 -18.66
CA TYR F 113 -39.83 8.75 -17.30
C TYR F 113 -40.05 9.90 -16.37
N HIS F 114 -40.64 9.56 -15.24
CA HIS F 114 -40.97 10.53 -14.24
C HIS F 114 -41.18 9.74 -12.97
N GLN F 115 -40.34 9.97 -11.97
N GLN F 115 -40.29 9.85 -11.99
CA GLN F 115 -40.40 9.24 -10.72
CA GLN F 115 -40.46 9.10 -10.74
C GLN F 115 -40.43 10.15 -9.52
C GLN F 115 -40.36 10.04 -9.52
N TYR F 116 -41.08 9.70 -8.46
CA TYR F 116 -41.25 10.57 -7.28
C TYR F 116 -40.96 9.75 -6.05
N ALA F 117 -40.13 10.26 -5.14
CA ALA F 117 -39.86 9.52 -3.91
C ALA F 117 -40.12 10.35 -2.70
N TYR F 118 -40.50 9.71 -1.61
CA TYR F 118 -40.66 10.38 -0.29
C TYR F 118 -39.74 9.71 0.67
N ASP F 119 -38.96 10.48 1.41
CA ASP F 119 -37.93 9.92 2.28
C ASP F 119 -37.10 8.78 1.65
N GLY F 120 -36.70 8.93 0.39
CA GLY F 120 -35.74 7.96 -0.22
C GLY F 120 -36.31 6.63 -0.68
N LYS F 121 -37.65 6.56 -0.70
CA LYS F 121 -38.38 5.38 -1.07
C LYS F 121 -39.35 5.74 -2.22
N ASP F 122 -39.52 4.83 -3.17
CA ASP F 122 -40.46 5.02 -4.29
C ASP F 122 -41.84 5.36 -3.77
N TYR F 123 -42.46 6.37 -4.35
CA TYR F 123 -43.82 6.79 -3.98
C TYR F 123 -44.75 6.67 -5.24
N ILE F 124 -44.46 7.41 -6.31
CA ILE F 124 -45.24 7.25 -7.53
C ILE F 124 -44.40 7.37 -8.77
N ALA F 125 -44.81 6.71 -9.85
CA ALA F 125 -44.01 6.68 -11.07
C ALA F 125 -44.86 6.48 -12.34
N LEU F 126 -44.48 7.18 -13.39
CA LEU F 126 -45.09 7.01 -14.70
C LEU F 126 -44.62 5.71 -15.38
N LYS F 127 -45.51 4.89 -15.90
CA LYS F 127 -45.08 3.64 -16.52
C LYS F 127 -44.59 3.92 -17.92
N GLU F 128 -43.94 2.95 -18.57
CA GLU F 128 -43.27 3.22 -19.86
C GLU F 128 -44.24 3.70 -20.96
N ASP F 129 -45.47 3.21 -21.00
CA ASP F 129 -46.48 3.76 -21.92
C ASP F 129 -46.76 5.28 -21.79
N LEU F 130 -46.44 5.88 -20.65
CA LEU F 130 -46.67 7.32 -20.44
C LEU F 130 -48.15 7.68 -20.40
N ARG F 131 -48.96 6.71 -20.02
CA ARG F 131 -50.38 6.92 -19.88
C ARG F 131 -50.90 6.48 -18.50
N SER F 132 -50.03 5.88 -17.69
CA SER F 132 -50.45 5.29 -16.43
C SER F 132 -49.38 5.34 -15.36
N TRP F 133 -49.80 5.02 -14.15
CA TRP F 133 -49.01 5.24 -12.98
C TRP F 133 -48.84 3.98 -12.17
N THR F 134 -47.71 3.82 -11.52
CA THR F 134 -47.51 2.81 -10.49
C THR F 134 -47.31 3.55 -9.15
N ALA F 135 -48.08 3.12 -8.14
CA ALA F 135 -48.09 3.72 -6.84
C ALA F 135 -47.57 2.69 -5.86
N ALA F 136 -46.77 3.10 -4.89
CA ALA F 136 -46.14 2.15 -3.95
C ALA F 136 -47.05 1.69 -2.83
N ASP F 137 -47.93 2.56 -2.34
CA ASP F 137 -48.72 2.28 -1.11
C ASP F 137 -50.04 3.05 -1.17
N MET F 138 -50.82 3.05 -0.10
CA MET F 138 -52.15 3.64 -0.15
C MET F 138 -52.14 5.15 -0.17
N ALA F 139 -51.14 5.78 0.42
CA ALA F 139 -51.03 7.24 0.28
C ALA F 139 -50.78 7.60 -1.22
N ALA F 140 -49.84 6.93 -1.85
CA ALA F 140 -49.56 7.12 -3.28
C ALA F 140 -50.72 6.77 -4.19
N GLN F 141 -51.54 5.83 -3.75
CA GLN F 141 -52.78 5.49 -4.50
C GLN F 141 -53.74 6.69 -4.57
N THR F 142 -53.90 7.42 -3.47
CA THR F 142 -54.70 8.68 -3.41
C THR F 142 -54.20 9.78 -4.40
N THR F 143 -52.90 10.02 -4.40
CA THR F 143 -52.25 10.85 -5.39
C THR F 143 -52.46 10.34 -6.83
N LYS F 144 -52.28 9.03 -7.04
CA LYS F 144 -52.64 8.39 -8.32
C LYS F 144 -54.04 8.74 -8.79
N HIS F 145 -55.02 8.65 -7.90
N HIS F 145 -55.02 8.62 -7.91
CA HIS F 145 -56.41 9.03 -8.22
CA HIS F 145 -56.38 8.94 -8.32
C HIS F 145 -56.48 10.48 -8.62
C HIS F 145 -56.51 10.46 -8.60
N LYS F 146 -55.84 11.31 -7.82
CA LYS F 146 -55.84 12.76 -8.04
C LYS F 146 -55.25 13.11 -9.43
N TRP F 147 -54.10 12.52 -9.75
CA TRP F 147 -53.35 12.77 -11.01
C TRP F 147 -54.02 12.14 -12.23
N GLU F 148 -54.76 11.06 -12.03
CA GLU F 148 -55.63 10.51 -13.08
C GLU F 148 -56.85 11.40 -13.34
N ALA F 149 -57.51 11.86 -12.27
CA ALA F 149 -58.64 12.78 -12.43
C ALA F 149 -58.21 14.10 -13.08
N ALA F 150 -56.97 14.52 -12.84
CA ALA F 150 -56.51 15.81 -13.33
C ALA F 150 -55.84 15.73 -14.70
N HIS F 151 -55.64 14.52 -15.21
CA HIS F 151 -54.99 14.28 -16.49
C HIS F 151 -53.51 14.68 -16.49
N VAL F 152 -52.81 14.40 -15.40
CA VAL F 152 -51.40 14.72 -15.37
C VAL F 152 -50.61 13.93 -16.42
N ALA F 153 -50.97 12.69 -16.70
CA ALA F 153 -50.18 11.87 -17.65
C ALA F 153 -50.14 12.48 -19.05
N GLU F 154 -51.28 12.98 -19.49
CA GLU F 154 -51.41 13.61 -20.79
C GLU F 154 -50.45 14.83 -20.90
N GLN F 155 -50.46 15.72 -19.90
CA GLN F 155 -49.59 16.90 -19.94
C GLN F 155 -48.17 16.41 -20.08
N LEU F 156 -47.81 15.42 -19.28
CA LEU F 156 -46.44 14.96 -19.22
C LEU F 156 -46.00 14.23 -20.49
N ARG F 157 -46.87 13.36 -21.00
CA ARG F 157 -46.56 12.67 -22.24
C ARG F 157 -46.17 13.70 -23.30
N ALA F 158 -46.99 14.75 -23.44
CA ALA F 158 -46.73 15.80 -24.42
C ALA F 158 -45.36 16.44 -24.18
N TYR F 159 -45.01 16.73 -22.93
CA TYR F 159 -43.72 17.31 -22.64
C TYR F 159 -42.58 16.34 -22.96
N LEU F 160 -42.70 15.10 -22.53
CA LEU F 160 -41.61 14.11 -22.70
C LEU F 160 -41.38 13.76 -24.16
N GLU F 161 -42.45 13.67 -24.95
CA GLU F 161 -42.30 13.25 -26.34
C GLU F 161 -42.09 14.42 -27.26
N GLY F 162 -42.49 15.61 -26.82
CA GLY F 162 -42.29 16.82 -27.59
C GLY F 162 -41.10 17.61 -27.04
N THR F 163 -41.42 18.47 -26.10
CA THR F 163 -40.49 19.45 -25.58
C THR F 163 -39.17 18.83 -25.12
N CYS F 164 -39.23 17.82 -24.26
CA CYS F 164 -37.99 17.25 -23.70
C CYS F 164 -37.09 16.83 -24.86
N VAL F 165 -37.67 16.07 -25.79
CA VAL F 165 -36.89 15.47 -26.85
C VAL F 165 -36.29 16.51 -27.78
N GLU F 166 -37.06 17.54 -28.10
CA GLU F 166 -36.61 18.57 -29.03
C GLU F 166 -35.45 19.39 -28.46
N TRP F 167 -35.55 19.74 -27.19
CA TRP F 167 -34.55 20.60 -26.62
C TRP F 167 -33.30 19.79 -26.35
N LEU F 168 -33.48 18.50 -26.06
CA LEU F 168 -32.33 17.60 -25.98
C LEU F 168 -31.57 17.64 -27.34
N ARG F 169 -32.26 17.46 -28.44
CA ARG F 169 -31.58 17.52 -29.74
C ARG F 169 -30.85 18.85 -29.92
N ARG F 170 -31.49 19.92 -29.45
CA ARG F 170 -30.96 21.25 -29.62
C ARG F 170 -29.68 21.44 -28.82
N TYR F 171 -29.65 20.93 -27.60
CA TYR F 171 -28.48 20.98 -26.77
C TYR F 171 -27.36 20.11 -27.33
N LEU F 172 -27.70 18.94 -27.89
CA LEU F 172 -26.69 18.10 -28.59
C LEU F 172 -25.92 18.84 -29.70
N GLU F 173 -26.62 19.66 -30.46
CA GLU F 173 -25.99 20.39 -31.56
C GLU F 173 -25.12 21.58 -31.04
N ASN F 174 -25.71 22.38 -30.15
CA ASN F 174 -25.01 23.53 -29.58
C ASN F 174 -23.86 23.12 -28.70
N GLY F 175 -24.03 22.02 -28.00
CA GLY F 175 -22.94 21.44 -27.26
C GLY F 175 -22.06 20.43 -27.99
N LYS F 176 -22.21 20.30 -29.30
CA LYS F 176 -21.55 19.22 -30.05
C LYS F 176 -20.11 18.92 -29.68
N GLU F 177 -19.29 19.95 -29.55
CA GLU F 177 -17.86 19.76 -29.31
C GLU F 177 -17.59 19.23 -27.91
N THR F 178 -18.58 19.38 -27.05
CA THR F 178 -18.53 18.98 -25.66
C THR F 178 -19.26 17.62 -25.53
N LEU F 179 -20.54 17.62 -25.85
CA LEU F 179 -21.38 16.48 -25.57
C LEU F 179 -21.10 15.28 -26.49
N GLN F 180 -20.78 15.50 -27.76
CA GLN F 180 -20.57 14.40 -28.72
C GLN F 180 -19.10 13.95 -28.79
N ARG F 181 -18.26 14.66 -28.08
CA ARG F 181 -16.88 14.25 -27.91
C ARG F 181 -16.82 12.95 -27.14
N THR F 182 -15.67 12.31 -27.31
CA THR F 182 -15.31 11.17 -26.50
C THR F 182 -13.83 11.29 -26.09
N ASP F 183 -13.55 11.03 -24.81
CA ASP F 183 -12.19 11.00 -24.28
C ASP F 183 -11.94 9.55 -23.90
N ALA F 184 -11.02 8.90 -24.61
CA ALA F 184 -10.61 7.56 -24.26
C ALA F 184 -9.82 7.55 -22.95
N PRO F 185 -9.98 6.47 -22.17
CA PRO F 185 -9.23 6.39 -20.93
C PRO F 185 -7.70 6.33 -21.14
N LYS F 186 -6.96 6.96 -20.24
CA LYS F 186 -5.53 6.82 -20.12
C LYS F 186 -5.36 5.74 -19.06
N THR F 187 -4.57 4.71 -19.34
CA THR F 187 -4.53 3.54 -18.45
C THR F 187 -3.14 3.22 -17.88
N HIS F 188 -3.11 2.44 -16.81
CA HIS F 188 -1.88 1.93 -16.25
C HIS F 188 -2.17 0.98 -15.11
N MET F 189 -1.13 0.25 -14.71
CA MET F 189 -1.26 -0.75 -13.67
C MET F 189 -0.28 -0.50 -12.52
N THR F 190 -0.73 -0.76 -11.31
CA THR F 190 0.17 -0.72 -10.16
C THR F 190 0.20 -2.07 -9.46
N HIS F 191 1.23 -2.21 -8.62
CA HIS F 191 1.54 -3.44 -7.95
C HIS F 191 1.86 -3.21 -6.50
N HIS F 192 1.24 -4.01 -5.64
CA HIS F 192 1.51 -3.92 -4.22
C HIS F 192 1.64 -5.29 -3.56
N ALA F 193 2.71 -5.46 -2.80
CA ALA F 193 2.80 -6.57 -1.88
C ALA F 193 1.74 -6.31 -0.82
N VAL F 194 0.76 -7.20 -0.74
CA VAL F 194 -0.23 -7.16 0.33
C VAL F 194 0.17 -8.07 1.51
N SER F 195 1.03 -9.05 1.25
CA SER F 195 1.54 -9.95 2.27
C SER F 195 2.84 -10.63 1.78
N ASP F 196 3.14 -11.84 2.25
CA ASP F 196 4.30 -12.62 1.83
C ASP F 196 3.91 -13.71 0.81
N HIS F 197 2.64 -14.08 0.77
CA HIS F 197 2.16 -15.07 -0.21
C HIS F 197 1.16 -14.48 -1.24
N GLU F 198 0.79 -13.19 -1.11
CA GLU F 198 -0.18 -12.55 -2.02
C GLU F 198 0.27 -11.14 -2.50
N ALA F 199 -0.40 -10.63 -3.52
CA ALA F 199 -0.07 -9.33 -4.11
C ALA F 199 -1.27 -8.75 -4.91
N THR F 200 -1.40 -7.43 -4.92
CA THR F 200 -2.53 -6.76 -5.59
C THR F 200 -2.07 -6.20 -6.92
N LEU F 201 -2.87 -6.47 -7.94
CA LEU F 201 -2.74 -5.80 -9.23
C LEU F 201 -3.91 -4.79 -9.31
N ARG F 202 -3.60 -3.52 -9.55
CA ARG F 202 -4.64 -2.53 -9.70
C ARG F 202 -4.54 -1.89 -11.05
N CYS F 203 -5.63 -2.00 -11.78
CA CYS F 203 -5.80 -1.47 -13.11
C CYS F 203 -6.61 -0.17 -13.11
N TRP F 204 -6.03 0.88 -13.66
CA TRP F 204 -6.58 2.22 -13.66
C TRP F 204 -7.03 2.75 -15.01
N ALA F 205 -8.22 3.34 -15.04
CA ALA F 205 -8.66 4.13 -16.17
C ALA F 205 -8.92 5.54 -15.70
N LEU F 206 -8.30 6.48 -16.38
CA LEU F 206 -8.26 7.85 -15.97
C LEU F 206 -8.77 8.72 -17.10
N SER F 207 -9.40 9.82 -16.72
CA SER F 207 -9.62 10.93 -17.65
C SER F 207 -10.47 10.57 -18.88
N PHE F 208 -11.49 9.73 -18.70
CA PHE F 208 -12.39 9.38 -19.83
C PHE F 208 -13.76 10.07 -19.71
N TYR F 209 -14.47 10.10 -20.84
CA TYR F 209 -15.84 10.58 -20.96
C TYR F 209 -16.45 9.89 -22.18
N PRO F 210 -17.68 9.35 -22.10
CA PRO F 210 -18.56 9.38 -20.94
C PRO F 210 -18.15 8.42 -19.84
N ALA F 211 -19.00 8.20 -18.84
CA ALA F 211 -18.67 7.42 -17.66
C ALA F 211 -18.88 5.92 -17.80
N GLU F 212 -19.67 5.50 -18.78
CA GLU F 212 -19.91 4.09 -18.99
C GLU F 212 -18.57 3.44 -19.37
N ILE F 213 -18.21 2.40 -18.63
CA ILE F 213 -16.94 1.74 -18.85
C ILE F 213 -16.94 0.37 -18.24
N THR F 214 -16.26 -0.57 -18.85
CA THR F 214 -16.22 -1.90 -18.27
C THR F 214 -14.75 -2.31 -18.10
N LEU F 215 -14.41 -2.66 -16.86
CA LEU F 215 -13.09 -3.13 -16.48
C LEU F 215 -13.27 -4.57 -16.00
N THR F 216 -12.46 -5.49 -16.53
CA THR F 216 -12.56 -6.92 -16.19
C THR F 216 -11.16 -7.51 -16.09
N TRP F 217 -11.02 -8.54 -15.26
CA TRP F 217 -9.77 -9.29 -15.12
C TRP F 217 -9.90 -10.72 -15.65
N GLN F 218 -9.06 -11.08 -16.61
CA GLN F 218 -8.98 -12.47 -17.06
C GLN F 218 -7.73 -13.11 -16.46
N ARG F 219 -7.83 -14.40 -16.12
CA ARG F 219 -6.68 -15.22 -15.74
C ARG F 219 -6.43 -16.28 -16.82
N ASP F 220 -5.27 -16.20 -17.49
CA ASP F 220 -4.94 -17.07 -18.60
C ASP F 220 -6.01 -16.99 -19.69
N GLY F 221 -6.58 -15.81 -19.89
CA GLY F 221 -7.62 -15.63 -20.89
C GLY F 221 -9.03 -16.00 -20.43
N GLU F 222 -9.16 -16.53 -19.21
CA GLU F 222 -10.46 -16.93 -18.65
C GLU F 222 -11.04 -15.87 -17.72
N ASP F 223 -11.92 -15.05 -18.28
CA ASP F 223 -12.72 -14.11 -17.50
C ASP F 223 -13.08 -14.74 -16.15
N GLN F 224 -12.67 -14.09 -15.06
CA GLN F 224 -12.98 -14.59 -13.72
C GLN F 224 -13.05 -13.40 -12.75
N THR F 225 -14.01 -13.48 -11.82
CA THR F 225 -14.44 -12.35 -11.00
C THR F 225 -14.37 -12.71 -9.52
N GLN F 226 -13.28 -13.37 -9.12
CA GLN F 226 -13.11 -13.85 -7.75
C GLN F 226 -11.98 -13.11 -7.06
N ASP F 227 -12.26 -12.59 -5.87
CA ASP F 227 -11.33 -11.71 -5.16
C ASP F 227 -10.94 -10.49 -6.04
N THR F 228 -11.97 -9.96 -6.73
CA THR F 228 -11.90 -8.75 -7.55
C THR F 228 -12.60 -7.60 -6.81
N GLU F 229 -12.03 -6.38 -6.88
CA GLU F 229 -12.69 -5.15 -6.41
C GLU F 229 -12.74 -4.15 -7.54
N LEU F 230 -13.92 -3.72 -7.95
CA LEU F 230 -14.01 -2.52 -8.77
C LEU F 230 -14.73 -1.40 -8.06
N VAL F 231 -13.99 -0.32 -7.76
CA VAL F 231 -14.60 0.88 -7.17
C VAL F 231 -15.67 1.50 -8.05
N GLU F 232 -16.53 2.27 -7.41
CA GLU F 232 -17.56 3.04 -8.06
C GLU F 232 -16.89 4.05 -8.99
N THR F 233 -17.48 4.26 -10.15
CA THR F 233 -16.93 5.27 -11.05
C THR F 233 -17.02 6.66 -10.40
N ARG F 234 -15.98 7.47 -10.57
CA ARG F 234 -15.88 8.71 -9.84
C ARG F 234 -15.47 9.89 -10.74
N PRO F 235 -16.01 11.09 -10.45
CA PRO F 235 -15.70 12.28 -11.21
C PRO F 235 -14.37 12.88 -10.78
N ALA F 236 -13.58 13.26 -11.78
CA ALA F 236 -12.31 13.92 -11.58
C ALA F 236 -12.49 15.42 -11.25
N GLY F 237 -13.64 16.00 -11.57
CA GLY F 237 -13.92 17.42 -11.35
C GLY F 237 -13.77 18.34 -12.55
N ASP F 238 -13.33 17.78 -13.67
CA ASP F 238 -13.01 18.55 -14.87
C ASP F 238 -13.91 18.09 -16.02
N GLY F 239 -14.95 17.31 -15.71
CA GLY F 239 -15.83 16.73 -16.73
C GLY F 239 -15.47 15.33 -17.18
N THR F 240 -14.40 14.76 -16.65
CA THR F 240 -13.98 13.41 -17.00
C THR F 240 -14.16 12.48 -15.78
N PHE F 241 -13.96 11.19 -15.98
CA PHE F 241 -14.17 10.24 -14.90
C PHE F 241 -12.94 9.34 -14.65
N GLN F 242 -13.01 8.61 -13.54
CA GLN F 242 -11.94 7.72 -13.14
C GLN F 242 -12.53 6.46 -12.57
N LYS F 243 -11.78 5.37 -12.69
CA LYS F 243 -12.18 4.07 -12.16
C LYS F 243 -10.98 3.14 -12.10
N TRP F 244 -10.98 2.25 -11.11
CA TRP F 244 -10.03 1.16 -11.09
C TRP F 244 -10.65 -0.14 -10.67
N ALA F 245 -9.97 -1.23 -11.06
CA ALA F 245 -10.31 -2.59 -10.70
C ALA F 245 -9.08 -3.27 -10.17
N ALA F 246 -9.25 -4.10 -9.14
CA ALA F 246 -8.12 -4.69 -8.47
C ALA F 246 -8.31 -6.19 -8.30
N VAL F 247 -7.21 -6.91 -8.31
CA VAL F 247 -7.27 -8.33 -8.08
C VAL F 247 -6.12 -8.71 -7.17
N VAL F 248 -6.41 -9.64 -6.26
CA VAL F 248 -5.40 -10.14 -5.34
C VAL F 248 -5.02 -11.54 -5.85
N VAL F 249 -3.72 -11.76 -5.96
CA VAL F 249 -3.18 -12.90 -6.70
C VAL F 249 -2.03 -13.56 -5.93
N PRO F 250 -1.71 -14.82 -6.28
CA PRO F 250 -0.55 -15.43 -5.65
C PRO F 250 0.74 -14.75 -6.08
N SER F 251 1.67 -14.55 -5.15
CA SER F 251 2.99 -13.95 -5.46
C SER F 251 3.72 -14.79 -6.50
N GLY F 252 4.00 -14.20 -7.66
CA GLY F 252 4.68 -14.90 -8.76
C GLY F 252 3.83 -15.09 -10.00
N GLN F 253 2.53 -15.36 -9.81
CA GLN F 253 1.58 -15.55 -10.92
C GLN F 253 1.19 -14.25 -11.65
N GLU F 254 1.91 -13.16 -11.40
CA GLU F 254 1.61 -11.80 -11.92
C GLU F 254 1.21 -11.76 -13.40
N GLN F 255 2.09 -12.31 -14.23
CA GLN F 255 1.98 -12.23 -15.67
C GLN F 255 0.79 -13.04 -16.22
N ARG F 256 0.25 -13.98 -15.43
CA ARG F 256 -0.95 -14.73 -15.83
C ARG F 256 -2.27 -13.92 -15.87
N TYR F 257 -2.31 -12.76 -15.20
CA TYR F 257 -3.54 -11.97 -15.10
C TYR F 257 -3.52 -10.81 -16.08
N THR F 258 -4.70 -10.54 -16.65
CA THR F 258 -4.84 -9.51 -17.68
C THR F 258 -6.07 -8.61 -17.43
N CYS F 259 -5.92 -7.31 -17.67
CA CYS F 259 -6.99 -6.36 -17.43
C CYS F 259 -7.57 -5.89 -18.75
N HIS F 260 -8.87 -6.09 -18.94
CA HIS F 260 -9.55 -5.65 -20.15
C HIS F 260 -10.41 -4.41 -19.91
N VAL F 261 -10.35 -3.50 -20.87
CA VAL F 261 -10.98 -2.21 -20.76
C VAL F 261 -11.85 -2.00 -21.97
N GLN F 262 -13.11 -1.61 -21.74
CA GLN F 262 -14.02 -1.29 -22.83
C GLN F 262 -14.64 0.08 -22.60
N HIS F 263 -14.49 0.94 -23.62
CA HIS F 263 -15.03 2.27 -23.58
C HIS F 263 -15.31 2.71 -25.03
N GLU F 264 -16.43 3.40 -25.24
CA GLU F 264 -16.85 3.85 -26.58
C GLU F 264 -15.71 4.54 -27.30
N GLY F 265 -14.93 5.29 -26.53
CA GLY F 265 -13.77 6.02 -27.05
C GLY F 265 -12.56 5.22 -27.50
N LEU F 266 -12.58 3.89 -27.31
CA LEU F 266 -11.49 3.05 -27.74
C LEU F 266 -11.88 2.36 -29.03
N PRO F 267 -11.03 2.46 -30.08
CA PRO F 267 -11.28 1.72 -31.32
C PRO F 267 -11.50 0.22 -31.10
N LYS F 268 -10.57 -0.41 -30.39
CA LYS F 268 -10.71 -1.80 -29.94
C LYS F 268 -10.37 -1.91 -28.45
N PRO F 269 -10.96 -2.91 -27.76
CA PRO F 269 -10.71 -3.12 -26.33
C PRO F 269 -9.22 -3.17 -26.00
N LEU F 270 -8.86 -2.68 -24.82
CA LEU F 270 -7.46 -2.63 -24.40
C LEU F 270 -7.14 -3.71 -23.40
N THR F 271 -5.95 -4.27 -23.58
CA THR F 271 -5.44 -5.36 -22.79
C THR F 271 -4.18 -4.87 -22.08
N LEU F 272 -4.06 -5.17 -20.79
CA LEU F 272 -2.86 -4.80 -20.02
C LEU F 272 -2.39 -5.91 -19.08
N ARG F 273 -1.08 -6.10 -19.01
CA ARG F 273 -0.49 -7.06 -18.11
C ARG F 273 0.60 -6.38 -17.27
N TRP F 274 0.83 -6.89 -16.06
CA TRP F 274 1.90 -6.38 -15.23
C TRP F 274 3.24 -6.65 -15.89
N GLU F 275 4.09 -5.65 -15.95
CA GLU F 275 5.43 -5.85 -16.47
C GLU F 275 6.42 -5.26 -15.45
N PRO F 276 7.52 -5.97 -15.14
CA PRO F 276 8.39 -5.33 -14.16
C PRO F 276 8.88 -3.95 -14.63
N MET G 1 -38.04 6.41 8.30
CA MET G 1 -37.42 6.19 6.96
C MET G 1 -36.09 5.45 7.05
N ILE G 2 -35.58 5.08 5.88
CA ILE G 2 -34.27 4.44 5.79
C ILE G 2 -33.16 5.50 5.76
N GLN G 3 -32.00 5.11 6.29
CA GLN G 3 -30.85 5.98 6.39
C GLN G 3 -29.69 5.20 5.84
N ARG G 4 -28.92 5.82 4.95
CA ARG G 4 -27.80 5.15 4.33
C ARG G 4 -26.53 5.99 4.58
N THR G 5 -25.47 5.35 5.07
CA THR G 5 -24.26 6.05 5.43
C THR G 5 -23.42 6.18 4.16
N PRO G 6 -22.64 7.28 4.06
CA PRO G 6 -21.91 7.62 2.86
C PRO G 6 -20.73 6.75 2.56
N LYS G 7 -20.55 6.38 1.30
CA LYS G 7 -19.26 5.91 0.78
C LYS G 7 -18.40 7.15 0.62
N ILE G 8 -17.11 7.01 0.84
CA ILE G 8 -16.14 8.11 0.69
C ILE G 8 -14.92 7.72 -0.13
N GLN G 9 -14.57 8.55 -1.10
CA GLN G 9 -13.33 8.40 -1.86
C GLN G 9 -12.56 9.71 -1.79
N VAL G 10 -11.26 9.60 -1.51
CA VAL G 10 -10.36 10.74 -1.45
C VAL G 10 -9.25 10.52 -2.45
N TYR G 11 -9.11 11.46 -3.38
CA TYR G 11 -8.24 11.27 -4.53
C TYR G 11 -8.00 12.60 -5.21
N SER G 12 -7.05 12.63 -6.12
CA SER G 12 -6.62 13.84 -6.75
C SER G 12 -7.12 13.84 -8.18
N ARG G 13 -7.32 15.03 -8.75
CA ARG G 13 -7.79 15.16 -10.13
C ARG G 13 -6.80 14.59 -11.15
N HIS G 14 -5.50 14.82 -10.96
CA HIS G 14 -4.46 14.37 -11.88
C HIS G 14 -3.45 13.57 -11.06
N PRO G 15 -2.60 12.77 -11.73
CA PRO G 15 -1.64 11.99 -10.95
C PRO G 15 -0.79 12.92 -10.11
N ALA G 16 -0.63 12.57 -8.83
CA ALA G 16 0.04 13.44 -7.86
C ALA G 16 1.57 13.52 -8.02
N GLU G 17 2.11 14.73 -8.04
CA GLU G 17 3.55 14.98 -8.16
C GLU G 17 3.96 15.99 -7.13
N ASN G 18 5.01 15.74 -6.37
CA ASN G 18 5.31 16.70 -5.30
C ASN G 18 5.62 18.07 -5.89
N GLY G 19 5.00 19.10 -5.32
CA GLY G 19 5.27 20.48 -5.74
C GLY G 19 4.50 20.89 -6.99
N LYS G 20 3.56 20.08 -7.44
CA LYS G 20 2.76 20.43 -8.61
C LYS G 20 1.32 20.70 -8.20
N SER G 21 0.82 21.84 -8.66
CA SER G 21 -0.56 22.23 -8.41
C SER G 21 -1.52 21.18 -8.94
N ASN G 22 -2.53 20.87 -8.12
CA ASN G 22 -3.51 19.83 -8.39
C ASN G 22 -4.83 20.13 -7.66
N PHE G 23 -5.79 19.19 -7.72
CA PHE G 23 -7.06 19.31 -7.00
C PHE G 23 -7.24 18.09 -6.13
N LEU G 24 -7.59 18.31 -4.88
CA LEU G 24 -7.88 17.23 -3.95
C LEU G 24 -9.40 17.11 -3.91
N ASN G 25 -9.88 15.89 -4.03
CA ASN G 25 -11.29 15.60 -4.14
C ASN G 25 -11.72 14.68 -3.08
N CYS G 26 -12.89 14.96 -2.50
CA CYS G 26 -13.57 14.02 -1.60
C CYS G 26 -14.95 13.78 -2.18
N TYR G 27 -15.19 12.57 -2.65
CA TYR G 27 -16.47 12.24 -3.29
C TYR G 27 -17.24 11.41 -2.30
N VAL G 28 -18.44 11.87 -1.95
CA VAL G 28 -19.26 11.23 -1.00
C VAL G 28 -20.56 10.79 -1.67
N SER G 29 -20.95 9.54 -1.54
CA SER G 29 -22.07 9.02 -2.29
C SER G 29 -22.78 7.97 -1.52
N GLY G 30 -23.92 7.52 -2.03
CA GLY G 30 -24.71 6.43 -1.44
C GLY G 30 -25.43 6.80 -0.15
N PHE G 31 -25.63 8.09 0.13
CA PHE G 31 -26.16 8.43 1.45
C PHE G 31 -27.55 9.03 1.45
N HIS G 32 -28.21 8.96 2.61
CA HIS G 32 -29.55 9.50 2.76
C HIS G 32 -29.75 9.64 4.26
N PRO G 33 -30.28 10.74 4.76
CA PRO G 33 -30.78 11.88 4.01
C PRO G 33 -29.65 12.74 3.54
N SER G 34 -29.96 13.91 3.00
CA SER G 34 -28.96 14.70 2.33
C SER G 34 -28.07 15.56 3.20
N ASP G 35 -28.48 15.90 4.39
CA ASP G 35 -27.68 16.77 5.20
C ASP G 35 -26.37 16.03 5.52
N ILE G 36 -25.24 16.67 5.24
CA ILE G 36 -23.97 16.02 5.39
C ILE G 36 -22.90 17.10 5.62
N GLU G 37 -21.86 16.78 6.38
CA GLU G 37 -20.78 17.72 6.61
C GLU G 37 -19.50 17.06 6.14
N VAL G 38 -18.81 17.74 5.27
CA VAL G 38 -17.54 17.25 4.74
C VAL G 38 -16.48 18.34 4.86
N ASP G 39 -15.34 18.01 5.46
CA ASP G 39 -14.15 18.87 5.45
C ASP G 39 -12.95 18.20 4.79
N LEU G 40 -12.15 19.02 4.13
CA LEU G 40 -10.87 18.59 3.61
C LEU G 40 -9.77 19.04 4.59
N LEU G 41 -8.90 18.12 4.95
CA LEU G 41 -7.91 18.35 6.01
C LEU G 41 -6.49 18.37 5.45
N LYS G 42 -5.69 19.27 6.00
CA LYS G 42 -4.26 19.25 5.83
C LYS G 42 -3.64 19.12 7.22
N ASN G 43 -2.86 18.07 7.45
CA ASN G 43 -2.30 17.76 8.77
C ASN G 43 -3.23 17.97 9.96
N GLY G 44 -4.46 17.48 9.81
CA GLY G 44 -5.46 17.59 10.87
C GLY G 44 -6.29 18.86 10.89
N GLU G 45 -5.90 19.87 10.10
CA GLU G 45 -6.55 21.18 10.11
C GLU G 45 -7.39 21.41 8.83
N ARG G 46 -8.61 21.91 9.02
CA ARG G 46 -9.51 22.21 7.91
C ARG G 46 -8.87 23.11 6.89
N ILE G 47 -8.98 22.74 5.63
CA ILE G 47 -8.67 23.67 4.57
C ILE G 47 -9.91 24.55 4.45
N GLU G 48 -9.72 25.81 4.09
CA GLU G 48 -10.83 26.74 3.93
C GLU G 48 -11.12 26.99 2.45
N LYS G 49 -12.32 27.48 2.16
CA LYS G 49 -12.73 27.73 0.77
C LYS G 49 -12.72 26.44 -0.07
N VAL G 50 -13.33 25.42 0.48
CA VAL G 50 -13.57 24.19 -0.24
C VAL G 50 -14.86 24.36 -1.00
N GLU G 51 -14.91 23.88 -2.24
CA GLU G 51 -16.11 23.98 -2.99
C GLU G 51 -16.74 22.62 -3.06
N HIS G 52 -18.00 22.61 -3.48
CA HIS G 52 -18.72 21.38 -3.71
C HIS G 52 -19.58 21.48 -4.93
N SER G 53 -19.94 20.35 -5.51
CA SER G 53 -20.93 20.31 -6.59
C SER G 53 -22.36 20.51 -6.05
N ASP G 54 -23.30 20.56 -6.98
CA ASP G 54 -24.72 20.64 -6.73
C ASP G 54 -25.27 19.28 -6.40
N LEU G 55 -26.03 19.20 -5.32
CA LEU G 55 -26.59 17.99 -4.82
C LEU G 55 -27.38 17.25 -5.89
N SER G 56 -27.02 16.00 -6.17
CA SER G 56 -27.81 15.18 -7.05
C SER G 56 -28.01 13.79 -6.47
N PHE G 57 -28.62 12.89 -7.23
CA PHE G 57 -28.90 11.57 -6.70
C PHE G 57 -29.08 10.54 -7.77
N SER G 58 -28.79 9.29 -7.40
CA SER G 58 -28.74 8.12 -8.23
C SER G 58 -30.08 7.41 -8.31
N LYS G 59 -30.05 6.30 -9.03
CA LYS G 59 -31.19 5.49 -9.35
C LYS G 59 -31.93 4.97 -8.09
N ASP G 60 -31.17 4.58 -7.05
CA ASP G 60 -31.77 4.15 -5.77
C ASP G 60 -32.18 5.31 -4.86
N TRP G 61 -32.08 6.52 -5.38
CA TRP G 61 -32.43 7.74 -4.67
C TRP G 61 -31.37 8.22 -3.71
N SER G 62 -30.28 7.51 -3.55
CA SER G 62 -29.23 7.95 -2.64
C SER G 62 -28.50 9.13 -3.25
N PHE G 63 -28.01 10.00 -2.37
CA PHE G 63 -27.35 11.25 -2.83
C PHE G 63 -25.86 11.10 -3.08
N TYR G 64 -25.31 12.03 -3.84
CA TYR G 64 -23.87 12.15 -4.05
C TYR G 64 -23.43 13.57 -4.28
N LEU G 65 -22.18 13.86 -3.93
CA LEU G 65 -21.63 15.22 -3.90
C LEU G 65 -20.10 15.11 -4.07
N LEU G 66 -19.48 16.06 -4.78
CA LEU G 66 -18.02 16.16 -4.82
C LEU G 66 -17.53 17.43 -4.12
N TYR G 67 -16.62 17.29 -3.17
CA TYR G 67 -15.99 18.44 -2.54
C TYR G 67 -14.59 18.54 -3.06
N TYR G 68 -14.09 19.75 -3.26
CA TYR G 68 -12.75 19.84 -3.84
C TYR G 68 -12.10 21.13 -3.56
N THR G 69 -10.78 21.10 -3.65
CA THR G 69 -9.96 22.29 -3.43
C THR G 69 -8.63 22.16 -4.13
N GLU G 70 -8.12 23.26 -4.63
CA GLU G 70 -6.79 23.28 -5.19
C GLU G 70 -5.80 22.97 -4.08
N PHE G 71 -4.79 22.17 -4.39
CA PHE G 71 -3.70 21.93 -3.46
C PHE G 71 -2.45 21.59 -4.24
N THR G 72 -1.31 21.66 -3.56
CA THR G 72 -0.08 21.19 -4.17
C THR G 72 0.51 20.23 -3.15
N PRO G 73 0.51 18.95 -3.49
CA PRO G 73 0.99 17.92 -2.57
C PRO G 73 2.50 17.92 -2.39
N THR G 74 2.93 17.51 -1.18
CA THR G 74 4.31 17.32 -0.82
C THR G 74 4.61 15.93 -0.21
N GLU G 75 5.86 15.65 0.04
CA GLU G 75 6.27 14.40 0.68
C GLU G 75 5.62 14.19 2.05
N LYS G 76 5.77 15.16 2.95
CA LYS G 76 5.36 14.98 4.34
C LYS G 76 3.96 15.49 4.68
N ASP G 77 3.27 16.17 3.77
CA ASP G 77 1.93 16.65 4.05
C ASP G 77 0.86 15.59 3.86
N GLU G 78 0.10 15.37 4.93
CA GLU G 78 -1.00 14.42 4.95
C GLU G 78 -2.35 15.10 4.72
N TYR G 79 -3.12 14.53 3.81
CA TYR G 79 -4.42 15.05 3.47
C TYR G 79 -5.45 14.04 3.83
N ALA G 80 -6.65 14.52 4.05
CA ALA G 80 -7.69 13.64 4.46
C ALA G 80 -9.02 14.29 4.24
N CYS G 81 -10.06 13.47 4.30
CA CYS G 81 -11.43 13.94 4.22
C CYS G 81 -12.15 13.58 5.53
N ARG G 82 -12.93 14.50 6.06
CA ARG G 82 -13.71 14.21 7.27
C ARG G 82 -15.19 14.43 7.02
N VAL G 83 -16.00 13.41 7.32
CA VAL G 83 -17.39 13.43 7.03
C VAL G 83 -18.22 13.14 8.26
N ASN G 84 -19.25 13.95 8.51
CA ASN G 84 -20.25 13.63 9.50
C ASN G 84 -21.62 13.55 8.86
N HIS G 85 -22.50 12.77 9.51
CA HIS G 85 -23.82 12.44 8.93
C HIS G 85 -24.61 11.85 10.09
N VAL G 86 -25.95 11.87 10.03
CA VAL G 86 -26.76 11.30 11.05
C VAL G 86 -26.35 9.91 11.42
N THR G 87 -25.96 9.10 10.43
CA THR G 87 -25.67 7.68 10.68
C THR G 87 -24.32 7.40 11.37
N LEU G 88 -23.59 8.44 11.75
CA LEU G 88 -22.26 8.26 12.35
C LEU G 88 -22.30 8.89 13.73
N SER G 89 -21.73 8.20 14.71
CA SER G 89 -21.66 8.72 16.06
C SER G 89 -20.52 9.72 16.16
N GLN G 90 -19.46 9.50 15.39
CA GLN G 90 -18.44 10.51 15.16
C GLN G 90 -17.92 10.45 13.73
N PRO G 91 -17.29 11.55 13.27
CA PRO G 91 -16.79 11.67 11.89
C PRO G 91 -15.94 10.50 11.40
N LYS G 92 -16.11 10.10 10.16
CA LYS G 92 -15.13 9.26 9.50
C LYS G 92 -14.07 10.20 8.92
N ILE G 93 -12.83 9.98 9.32
CA ILE G 93 -11.67 10.58 8.71
C ILE G 93 -11.15 9.55 7.74
N VAL G 94 -10.94 9.91 6.48
CA VAL G 94 -10.33 9.01 5.53
C VAL G 94 -9.12 9.68 4.91
N LYS G 95 -7.97 9.04 5.09
CA LYS G 95 -6.70 9.58 4.63
C LYS G 95 -6.62 9.51 3.11
N TRP G 96 -5.97 10.48 2.50
CA TRP G 96 -5.66 10.39 1.09
C TRP G 96 -4.55 9.41 0.98
N ASP G 97 -4.72 8.42 0.11
CA ASP G 97 -3.66 7.43 -0.19
C ASP G 97 -3.30 7.54 -1.66
N ARG G 98 -2.23 8.27 -1.97
CA ARG G 98 -2.00 8.76 -3.34
C ARG G 98 -1.88 7.62 -4.35
N ASP G 99 -1.54 6.41 -3.90
CA ASP G 99 -1.58 5.22 -4.76
C ASP G 99 -3.02 4.65 -4.83
N MET G 100 -4.04 5.50 -5.07
CA MET G 100 -5.50 5.10 -4.89
C MET G 100 -6.63 6.17 -5.12
N MET H 1 -34.85 21.95 -21.37
CA MET H 1 -36.05 22.65 -20.79
C MET H 1 -36.83 21.83 -19.74
N VAL H 2 -37.13 22.42 -18.60
CA VAL H 2 -37.97 21.76 -17.59
C VAL H 2 -39.45 21.77 -18.04
N TRP H 3 -40.19 20.82 -17.51
CA TRP H 3 -41.67 20.77 -17.64
C TRP H 3 -42.32 22.01 -16.98
N GLY H 4 -43.32 22.56 -17.65
CA GLY H 4 -44.09 23.66 -17.10
C GLY H 4 -45.55 23.64 -17.55
N PRO H 5 -46.35 24.60 -17.11
CA PRO H 5 -45.84 25.72 -16.32
C PRO H 5 -45.47 25.30 -14.92
N ASP H 6 -46.14 24.27 -14.46
CA ASP H 6 -45.93 23.74 -13.11
C ASP H 6 -46.50 22.37 -12.90
N PRO H 7 -45.89 21.59 -12.06
CA PRO H 7 -46.43 20.29 -11.71
C PRO H 7 -47.65 20.47 -10.85
N LEU H 8 -48.35 19.35 -10.60
CA LEU H 8 -49.49 19.26 -9.64
C LEU H 8 -49.09 18.62 -8.33
N TYR H 9 -49.74 19.09 -7.30
CA TYR H 9 -49.52 18.57 -5.97
C TYR H 9 -49.74 17.07 -5.84
N VAL H 10 -48.93 16.37 -5.06
CA VAL H 10 -49.37 15.07 -4.56
C VAL H 10 -50.68 15.07 -3.73
N GLU I 1 -47.01 39.22 -30.38
CA GLU I 1 -48.03 39.95 -31.17
C GLU I 1 -49.10 38.95 -31.59
N VAL I 2 -50.36 39.36 -31.40
CA VAL I 2 -51.48 38.68 -31.95
C VAL I 2 -52.20 39.72 -32.76
N GLU I 3 -52.54 39.36 -34.00
CA GLU I 3 -53.22 40.27 -34.90
C GLU I 3 -54.63 39.73 -35.15
N GLN I 4 -55.61 40.60 -35.00
CA GLN I 4 -57.00 40.25 -35.17
C GLN I 4 -57.64 41.44 -35.85
N ASP I 5 -58.53 41.21 -36.82
CA ASP I 5 -59.17 42.35 -37.44
C ASP I 5 -60.35 42.80 -36.59
N PRO I 6 -60.45 44.11 -36.32
CA PRO I 6 -61.47 44.58 -35.38
C PRO I 6 -62.92 44.54 -35.88
N GLY I 7 -63.14 44.36 -37.18
CA GLY I 7 -64.50 44.46 -37.75
C GLY I 7 -64.89 45.92 -37.77
N PRO I 8 -66.11 46.30 -37.39
CA PRO I 8 -67.18 45.38 -36.94
C PRO I 8 -67.73 44.53 -38.09
N LEU I 9 -68.07 43.28 -37.79
CA LEU I 9 -68.73 42.37 -38.72
C LEU I 9 -70.24 42.43 -38.51
N SER I 10 -70.97 42.79 -39.55
CA SER I 10 -72.43 42.71 -39.47
C SER I 10 -72.98 41.66 -40.46
N VAL I 11 -73.64 40.64 -39.93
CA VAL I 11 -74.17 39.56 -40.71
C VAL I 11 -75.65 39.23 -40.41
N PRO I 12 -76.37 38.70 -41.41
CA PRO I 12 -77.78 38.32 -41.17
C PRO I 12 -77.92 37.01 -40.36
N GLU I 13 -79.01 36.89 -39.59
CA GLU I 13 -79.30 35.69 -38.86
C GLU I 13 -79.26 34.49 -39.79
N GLY I 14 -78.62 33.41 -39.36
CA GLY I 14 -78.43 32.21 -40.20
C GLY I 14 -77.09 32.10 -40.94
N ALA I 15 -76.34 33.19 -40.98
CA ALA I 15 -75.10 33.25 -41.71
C ALA I 15 -73.99 32.53 -40.98
N ILE I 16 -73.02 32.05 -41.75
CA ILE I 16 -71.82 31.47 -41.18
C ILE I 16 -70.84 32.62 -41.03
N VAL I 17 -70.22 32.73 -39.85
CA VAL I 17 -69.22 33.78 -39.58
C VAL I 17 -67.90 33.13 -39.29
N SER I 18 -66.85 33.81 -39.70
CA SER I 18 -65.51 33.32 -39.63
C SER I 18 -64.71 34.41 -38.95
N LEU I 19 -64.02 34.06 -37.88
CA LEU I 19 -63.19 35.00 -37.12
C LEU I 19 -61.80 34.43 -37.12
N ASN I 20 -60.78 35.24 -37.22
CA ASN I 20 -59.45 34.65 -37.17
C ASN I 20 -58.34 35.54 -36.61
N CYS I 21 -57.20 34.95 -36.33
CA CYS I 21 -56.08 35.66 -35.66
C CYS I 21 -54.76 35.10 -36.19
N THR I 22 -53.75 35.94 -36.22
CA THR I 22 -52.39 35.55 -36.60
C THR I 22 -51.48 35.87 -35.44
N TYR I 23 -50.40 35.11 -35.32
CA TYR I 23 -49.37 35.36 -34.31
C TYR I 23 -48.02 35.12 -34.94
N SER I 24 -46.98 35.39 -34.17
CA SER I 24 -45.64 35.23 -34.70
C SER I 24 -44.74 34.36 -33.82
N ASN I 25 -45.05 34.24 -32.56
CA ASN I 25 -44.24 33.44 -31.65
C ASN I 25 -44.55 31.95 -31.68
N SER I 26 -43.56 31.17 -32.10
CA SER I 26 -43.78 29.73 -32.34
C SER I 26 -43.92 28.92 -31.06
N ALA I 27 -43.58 29.50 -29.93
CA ALA I 27 -43.74 28.81 -28.66
C ALA I 27 -45.19 28.79 -28.14
N PHE I 28 -46.14 29.47 -28.81
CA PHE I 28 -47.56 29.42 -28.34
C PHE I 28 -48.09 28.04 -28.67
N GLN I 29 -48.71 27.40 -27.68
CA GLN I 29 -49.17 26.03 -27.81
C GLN I 29 -50.64 25.83 -27.50
N TYR I 30 -51.26 26.82 -26.87
CA TYR I 30 -52.66 26.73 -26.46
C TYR I 30 -53.37 27.89 -27.01
N PHE I 31 -54.53 27.64 -27.60
CA PHE I 31 -55.23 28.71 -28.30
C PHE I 31 -56.70 28.64 -27.90
N MET I 32 -57.29 29.77 -27.59
CA MET I 32 -58.59 29.86 -26.99
C MET I 32 -59.37 30.91 -27.69
N TRP I 33 -60.69 30.76 -27.73
CA TRP I 33 -61.57 31.87 -28.15
C TRP I 33 -62.49 32.25 -27.01
N TYR I 34 -62.69 33.55 -26.82
CA TYR I 34 -63.58 34.02 -25.80
C TYR I 34 -64.61 34.91 -26.48
N ARG I 35 -65.79 34.98 -25.87
CA ARG I 35 -66.85 35.87 -26.25
C ARG I 35 -67.12 36.83 -25.09
N GLN I 36 -67.45 38.07 -25.40
CA GLN I 36 -67.69 39.06 -24.38
C GLN I 36 -68.82 39.96 -24.77
N TYR I 37 -69.89 39.91 -23.99
CA TYR I 37 -71.01 40.84 -24.16
C TYR I 37 -70.73 42.22 -23.63
N SER I 38 -71.44 43.19 -24.14
CA SER I 38 -71.19 44.58 -23.77
C SER I 38 -71.24 44.73 -22.25
N ARG I 39 -70.20 45.34 -21.69
CA ARG I 39 -70.04 45.59 -20.25
C ARG I 39 -70.04 44.32 -19.38
N LYS I 40 -69.36 43.27 -19.83
CA LYS I 40 -69.35 42.00 -19.11
C LYS I 40 -68.00 41.36 -19.24
N GLY I 41 -67.75 40.29 -18.51
CA GLY I 41 -66.46 39.61 -18.54
C GLY I 41 -66.40 38.65 -19.70
N PRO I 42 -65.21 38.18 -20.06
CA PRO I 42 -65.09 37.21 -21.17
C PRO I 42 -65.42 35.81 -20.75
N GLU I 43 -66.00 35.05 -21.64
CA GLU I 43 -66.26 33.68 -21.33
C GLU I 43 -65.71 32.82 -22.41
N LEU I 44 -65.06 31.76 -21.95
CA LEU I 44 -64.42 30.82 -22.79
C LEU I 44 -65.45 30.02 -23.66
N LEU I 45 -65.15 29.87 -24.96
CA LEU I 45 -65.94 29.04 -25.86
C LEU I 45 -65.29 27.72 -26.25
N MET I 46 -64.03 27.81 -26.71
CA MET I 46 -63.32 26.67 -27.29
C MET I 46 -61.85 26.84 -26.92
N TYR I 47 -61.13 25.74 -26.87
CA TYR I 47 -59.74 25.81 -26.67
C TYR I 47 -59.07 24.72 -27.45
N THR I 48 -57.82 24.98 -27.86
CA THR I 48 -57.07 23.99 -28.67
C THR I 48 -55.62 23.91 -28.19
N TYR I 49 -55.10 22.70 -28.12
CA TYR I 49 -53.70 22.49 -27.86
C TYR I 49 -53.00 22.06 -29.17
N SER I 50 -51.93 22.79 -29.51
CA SER I 50 -50.94 22.51 -30.59
C SER I 50 -51.39 22.69 -32.05
N SER I 51 -52.37 21.90 -32.47
CA SER I 51 -52.82 21.88 -33.86
C SER I 51 -54.15 21.12 -34.02
N GLY I 52 -54.85 21.39 -35.12
CA GLY I 52 -56.02 20.64 -35.47
C GLY I 52 -57.28 21.45 -35.38
N ASN I 53 -58.40 20.72 -35.44
CA ASN I 53 -59.74 21.27 -35.57
C ASN I 53 -60.56 20.64 -34.43
N LYS I 54 -61.56 21.36 -33.94
CA LYS I 54 -62.40 20.91 -32.84
C LYS I 54 -63.81 21.42 -33.07
N GLU I 55 -64.80 20.51 -33.14
CA GLU I 55 -66.19 20.95 -33.26
C GLU I 55 -66.94 20.83 -31.94
N ASP I 56 -67.77 21.84 -31.64
CA ASP I 56 -68.75 21.77 -30.55
C ASP I 56 -70.04 22.52 -30.95
N GLY I 57 -71.08 21.74 -31.27
CA GLY I 57 -72.30 22.26 -31.85
C GLY I 57 -71.96 23.18 -33.02
N ARG I 58 -72.44 24.40 -32.94
CA ARG I 58 -72.33 25.38 -33.99
C ARG I 58 -70.90 25.98 -34.20
N PHE I 59 -69.99 25.67 -33.30
CA PHE I 59 -68.63 26.21 -33.33
C PHE I 59 -67.59 25.20 -33.79
N THR I 60 -66.66 25.68 -34.60
CA THR I 60 -65.49 24.90 -34.97
C THR I 60 -64.30 25.81 -34.76
N ALA I 61 -63.25 25.30 -34.14
CA ALA I 61 -62.05 26.11 -33.95
C ALA I 61 -60.91 25.42 -34.69
N GLN I 62 -60.03 26.21 -35.30
CA GLN I 62 -58.89 25.61 -36.03
C GLN I 62 -57.60 26.29 -35.74
N VAL I 63 -56.55 25.51 -35.82
CA VAL I 63 -55.26 26.01 -35.56
C VAL I 63 -54.36 25.43 -36.61
N ASP I 64 -53.63 26.30 -37.29
CA ASP I 64 -52.59 25.89 -38.24
C ASP I 64 -51.27 26.46 -37.72
N LYS I 65 -50.48 25.63 -37.08
CA LYS I 65 -49.32 26.13 -36.33
C LYS I 65 -48.20 26.54 -37.32
N SER I 66 -48.25 26.00 -38.52
CA SER I 66 -47.25 26.29 -39.49
C SER I 66 -47.43 27.69 -40.14
N SER I 67 -48.65 28.05 -40.50
CA SER I 67 -48.99 29.40 -40.94
C SER I 67 -49.22 30.36 -39.76
N LYS I 68 -49.20 29.82 -38.55
CA LYS I 68 -49.48 30.62 -37.35
C LYS I 68 -50.76 31.37 -37.51
N TYR I 69 -51.82 30.65 -37.85
CA TYR I 69 -53.11 31.23 -38.12
C TYR I 69 -54.17 30.42 -37.40
N ILE I 70 -55.13 31.06 -36.77
CA ILE I 70 -56.18 30.29 -36.07
C ILE I 70 -57.57 30.85 -36.35
N SER I 71 -58.59 29.98 -36.26
CA SER I 71 -59.90 30.42 -36.64
C SER I 71 -61.02 29.81 -35.87
N LEU I 72 -62.10 30.58 -35.85
CA LEU I 72 -63.32 30.19 -35.24
C LEU I 72 -64.41 30.40 -36.31
N PHE I 73 -65.22 29.36 -36.50
CA PHE I 73 -66.37 29.41 -37.39
C PHE I 73 -67.63 29.23 -36.56
N ILE I 74 -68.63 30.05 -36.86
CA ILE I 74 -69.90 29.93 -36.17
C ILE I 74 -70.95 29.62 -37.20
N ARG I 75 -71.52 28.43 -37.18
CA ARG I 75 -72.60 28.12 -38.14
C ARG I 75 -73.90 28.71 -37.62
N ASP I 76 -74.81 28.98 -38.55
CA ASP I 76 -76.18 29.33 -38.20
C ASP I 76 -76.23 30.38 -37.07
N SER I 77 -75.62 31.53 -37.31
CA SER I 77 -75.58 32.58 -36.33
C SER I 77 -76.94 32.96 -35.79
N GLN I 78 -76.98 33.38 -34.53
CA GLN I 78 -78.19 33.89 -33.90
C GLN I 78 -77.93 35.27 -33.30
N PRO I 79 -78.97 36.11 -33.21
CA PRO I 79 -78.90 37.38 -32.48
C PRO I 79 -78.02 37.39 -31.20
N SER I 80 -78.09 36.32 -30.41
CA SER I 80 -77.39 36.27 -29.12
C SER I 80 -75.92 35.91 -29.24
N ASP I 81 -75.46 35.67 -30.47
CA ASP I 81 -74.01 35.58 -30.75
C ASP I 81 -73.40 36.99 -30.89
N SER I 82 -74.21 38.05 -30.99
CA SER I 82 -73.68 39.39 -31.06
C SER I 82 -72.84 39.72 -29.82
N ALA I 83 -71.57 40.02 -30.01
CA ALA I 83 -70.59 40.11 -28.94
C ALA I 83 -69.23 40.44 -29.56
N THR I 84 -68.24 40.64 -28.70
CA THR I 84 -66.90 40.85 -29.14
C THR I 84 -66.22 39.51 -28.95
N TYR I 85 -65.44 39.08 -29.93
CA TYR I 85 -64.81 37.77 -29.87
C TYR I 85 -63.30 38.02 -29.76
N LEU I 86 -62.67 37.47 -28.76
CA LEU I 86 -61.25 37.65 -28.52
C LEU I 86 -60.57 36.31 -28.62
N CYS I 87 -59.43 36.28 -29.27
CA CYS I 87 -58.62 35.09 -29.25
C CYS I 87 -57.55 35.34 -28.18
N ALA I 88 -57.04 34.27 -27.60
CA ALA I 88 -55.92 34.34 -26.65
C ALA I 88 -55.05 33.10 -26.77
N MET I 89 -53.79 33.25 -26.41
CA MET I 89 -52.87 32.12 -26.40
C MET I 89 -51.73 32.21 -25.37
N ARG I 90 -51.16 31.07 -25.05
CA ARG I 90 -50.01 30.99 -24.18
C ARG I 90 -49.18 29.81 -24.56
N GLY I 91 -47.96 29.77 -24.00
CA GLY I 91 -47.06 28.61 -24.12
C GLY I 91 -47.12 27.78 -22.84
N ASP I 92 -46.04 27.06 -22.57
CA ASP I 92 -45.95 26.14 -21.46
C ASP I 92 -45.03 26.64 -20.32
N SER I 93 -44.56 27.88 -20.40
CA SER I 93 -43.70 28.35 -19.36
C SER I 93 -44.39 29.27 -18.39
N SER I 94 -45.64 29.62 -18.69
CA SER I 94 -46.40 30.56 -17.88
C SER I 94 -47.88 30.43 -18.16
N TYR I 95 -48.76 30.70 -17.17
CA TYR I 95 -50.20 30.88 -17.43
C TYR I 95 -50.60 32.25 -17.98
N LYS I 96 -49.62 33.13 -18.25
CA LYS I 96 -49.90 34.39 -18.91
C LYS I 96 -50.45 34.25 -20.33
N LEU I 97 -51.66 34.73 -20.49
CA LEU I 97 -52.36 34.75 -21.76
C LEU I 97 -52.02 36.02 -22.54
N ILE I 98 -51.86 35.88 -23.87
CA ILE I 98 -51.72 37.05 -24.76
C ILE I 98 -52.99 37.12 -25.63
N PHE I 99 -53.66 38.26 -25.61
CA PHE I 99 -54.93 38.43 -26.32
C PHE I 99 -54.78 39.24 -27.58
N GLY I 100 -55.59 38.89 -28.58
CA GLY I 100 -55.88 39.81 -29.67
C GLY I 100 -56.80 40.95 -29.22
N SER I 101 -56.87 42.01 -30.01
CA SER I 101 -57.69 43.21 -29.74
C SER I 101 -59.19 43.06 -29.95
N GLY I 102 -59.58 41.93 -30.52
CA GLY I 102 -60.98 41.49 -30.53
C GLY I 102 -61.69 41.80 -31.82
N THR I 103 -62.71 41.03 -32.16
CA THR I 103 -63.55 41.37 -33.31
C THR I 103 -64.98 41.60 -32.86
N ARG I 104 -65.53 42.77 -33.16
CA ARG I 104 -66.93 43.02 -32.85
C ARG I 104 -67.88 42.38 -33.89
N LEU I 105 -68.90 41.63 -33.42
CA LEU I 105 -69.83 40.95 -34.31
C LEU I 105 -71.26 41.29 -33.97
N LEU I 106 -71.98 41.92 -34.91
CA LEU I 106 -73.45 42.05 -34.85
C LEU I 106 -74.15 41.03 -35.76
N VAL I 107 -75.03 40.22 -35.18
CA VAL I 107 -75.90 39.42 -36.02
C VAL I 107 -77.31 40.00 -35.97
N ARG I 108 -77.78 40.40 -37.15
CA ARG I 108 -79.00 41.16 -37.31
C ARG I 108 -80.19 40.21 -37.30
N PRO I 109 -81.17 40.45 -36.42
CA PRO I 109 -82.32 39.52 -36.34
C PRO I 109 -83.13 39.61 -37.59
N ASP I 110 -83.73 38.52 -38.06
CA ASP I 110 -84.67 38.68 -39.18
C ASP I 110 -86.10 38.93 -38.69
N ILE I 111 -86.79 39.76 -39.45
CA ILE I 111 -88.09 40.29 -39.05
C ILE I 111 -89.14 39.78 -40.04
N GLN I 112 -90.07 38.97 -39.55
CA GLN I 112 -91.07 38.33 -40.43
C GLN I 112 -91.93 39.38 -41.17
N ASN I 113 -92.49 40.29 -40.40
CA ASN I 113 -93.53 41.22 -40.87
C ASN I 113 -93.20 42.66 -40.53
N PRO I 114 -92.22 43.24 -41.25
CA PRO I 114 -91.90 44.66 -41.09
C PRO I 114 -93.14 45.57 -41.08
N ASP I 115 -93.09 46.69 -40.35
CA ASP I 115 -94.21 47.64 -40.29
C ASP I 115 -93.69 49.05 -39.97
N PRO I 116 -92.70 49.53 -40.75
CA PRO I 116 -91.97 50.75 -40.38
C PRO I 116 -92.89 51.94 -40.11
N ALA I 117 -92.53 52.74 -39.11
CA ALA I 117 -93.31 53.89 -38.70
C ALA I 117 -92.42 54.84 -37.91
N VAL I 118 -92.51 56.13 -38.25
CA VAL I 118 -91.62 57.13 -37.66
C VAL I 118 -92.50 58.25 -37.09
N TYR I 119 -92.72 58.21 -35.78
CA TYR I 119 -93.71 59.10 -35.17
C TYR I 119 -93.34 59.63 -33.78
N GLN I 120 -94.13 60.62 -33.37
CA GLN I 120 -93.85 61.45 -32.22
C GLN I 120 -94.58 61.00 -30.97
N LEU I 121 -93.93 61.18 -29.82
CA LEU I 121 -94.52 60.80 -28.53
C LEU I 121 -94.27 61.83 -27.42
N ARG I 122 -95.18 61.82 -26.45
CA ARG I 122 -95.38 62.97 -25.56
C ARG I 122 -94.55 62.88 -24.29
N ASP I 123 -93.92 64.00 -23.93
CA ASP I 123 -93.22 64.09 -22.65
C ASP I 123 -94.22 63.85 -21.52
N SER I 124 -93.82 62.98 -20.59
CA SER I 124 -94.62 62.65 -19.42
C SER I 124 -94.65 63.90 -18.51
N LYS I 125 -95.23 63.82 -17.33
CA LYS I 125 -95.50 65.03 -16.56
C LYS I 125 -96.29 65.96 -17.54
N SER I 126 -96.03 67.27 -17.56
CA SER I 126 -96.67 68.19 -18.53
C SER I 126 -95.64 69.13 -19.15
N SER I 127 -95.27 68.90 -20.42
CA SER I 127 -94.18 69.67 -21.06
C SER I 127 -94.13 69.48 -22.59
N ASP I 128 -93.52 70.47 -23.26
CA ASP I 128 -93.34 70.48 -24.71
C ASP I 128 -91.90 70.20 -25.10
N LYS I 129 -91.44 69.02 -24.71
CA LYS I 129 -90.22 68.42 -25.26
C LYS I 129 -90.71 67.20 -26.05
N SER I 130 -90.11 66.90 -27.19
CA SER I 130 -90.58 65.81 -28.03
C SER I 130 -89.47 64.89 -28.56
N VAL I 131 -89.88 63.65 -28.83
CA VAL I 131 -88.98 62.59 -29.27
C VAL I 131 -89.62 61.74 -30.36
N CYS I 132 -88.93 61.60 -31.50
CA CYS I 132 -89.44 60.87 -32.66
C CYS I 132 -88.90 59.43 -32.70
N LEU I 133 -89.78 58.45 -32.48
CA LEU I 133 -89.44 57.04 -32.47
C LEU I 133 -89.58 56.43 -33.89
N PHE I 134 -88.47 55.95 -34.47
CA PHE I 134 -88.53 55.17 -35.73
C PHE I 134 -88.58 53.73 -35.28
N THR I 135 -89.65 53.01 -35.56
CA THR I 135 -89.78 51.58 -35.23
C THR I 135 -90.61 51.06 -36.43
N ASP I 136 -91.05 49.79 -36.61
CA ASP I 136 -90.33 48.53 -36.43
C ASP I 136 -89.98 48.15 -37.91
N PHE I 137 -88.87 48.75 -38.32
CA PHE I 137 -88.35 48.63 -39.67
C PHE I 137 -87.59 47.30 -39.85
N ASP I 138 -87.01 47.12 -41.02
CA ASP I 138 -86.43 45.85 -41.44
C ASP I 138 -84.98 45.83 -40.97
N SER I 139 -84.42 44.64 -40.76
CA SER I 139 -83.00 44.53 -40.36
C SER I 139 -82.12 44.55 -41.60
N GLN I 140 -82.34 45.52 -42.47
CA GLN I 140 -81.32 45.83 -43.44
C GLN I 140 -81.26 47.32 -43.81
N THR I 141 -81.57 48.19 -42.83
CA THR I 141 -81.37 49.63 -42.95
C THR I 141 -80.24 50.01 -42.02
N ASN I 142 -79.64 51.18 -42.26
CA ASN I 142 -78.48 51.68 -41.49
C ASN I 142 -78.65 53.16 -41.06
N VAL I 143 -78.82 53.41 -39.76
CA VAL I 143 -79.11 54.75 -39.22
C VAL I 143 -77.85 55.49 -38.73
N SER I 144 -77.33 56.42 -39.54
CA SER I 144 -76.25 57.34 -39.13
C SER I 144 -76.73 58.77 -39.41
N GLN I 145 -76.15 59.77 -38.73
CA GLN I 145 -76.46 61.19 -39.00
C GLN I 145 -75.51 62.21 -38.37
N SER I 146 -75.42 63.39 -39.01
CA SER I 146 -74.69 64.55 -38.49
C SER I 146 -75.42 65.89 -38.71
N LYS I 147 -76.47 66.12 -37.91
CA LYS I 147 -76.93 67.48 -37.57
C LYS I 147 -76.37 67.83 -36.19
N ASP I 148 -75.33 68.66 -36.20
CA ASP I 148 -74.58 69.00 -34.99
C ASP I 148 -75.36 69.99 -34.13
N SER I 149 -76.34 70.63 -34.77
CA SER I 149 -77.42 71.29 -34.07
C SER I 149 -78.15 70.28 -33.19
N ASP I 150 -78.95 70.79 -32.26
CA ASP I 150 -79.62 69.93 -31.28
C ASP I 150 -80.84 69.21 -31.86
N VAL I 151 -80.56 68.32 -32.79
CA VAL I 151 -81.31 67.09 -32.87
C VAL I 151 -80.26 65.99 -32.79
N TYR I 152 -80.54 64.98 -31.98
CA TYR I 152 -79.68 63.79 -31.85
C TYR I 152 -80.48 62.55 -32.28
N ILE I 153 -79.76 61.52 -32.68
CA ILE I 153 -80.37 60.28 -33.17
C ILE I 153 -79.52 59.08 -32.72
N THR I 154 -80.18 58.07 -32.13
CA THR I 154 -79.49 56.86 -31.66
C THR I 154 -79.49 55.81 -32.74
N ASP I 155 -78.41 55.04 -32.78
CA ASP I 155 -78.34 53.86 -33.63
C ASP I 155 -79.47 52.92 -33.20
N LYS I 156 -79.73 51.89 -33.99
CA LYS I 156 -80.82 50.97 -33.71
C LYS I 156 -80.49 49.99 -32.56
N CYS I 157 -81.54 49.43 -31.96
CA CYS I 157 -81.43 48.42 -30.90
C CYS I 157 -82.68 47.53 -31.02
N VAL I 158 -82.59 46.27 -30.59
CA VAL I 158 -83.71 45.31 -30.75
C VAL I 158 -84.38 44.83 -29.45
N LEU I 159 -85.72 44.93 -29.39
CA LEU I 159 -86.50 44.39 -28.25
C LEU I 159 -87.31 43.12 -28.57
N ASP I 160 -87.31 42.16 -27.64
CA ASP I 160 -88.10 40.92 -27.77
C ASP I 160 -89.27 40.96 -26.80
N MET I 161 -90.46 41.26 -27.31
CA MET I 161 -91.66 41.11 -26.48
C MET I 161 -91.88 39.61 -26.34
N ARG I 162 -91.43 39.06 -25.23
CA ARG I 162 -91.43 37.62 -25.02
C ARG I 162 -92.87 37.07 -24.85
N SER I 163 -93.85 37.97 -24.62
CA SER I 163 -95.30 37.64 -24.65
C SER I 163 -95.62 36.69 -25.81
N MET I 164 -95.15 37.05 -27.00
CA MET I 164 -95.10 36.14 -28.16
C MET I 164 -93.66 36.12 -28.68
N ASP I 165 -93.43 35.48 -29.82
CA ASP I 165 -92.23 35.78 -30.59
C ASP I 165 -92.49 37.07 -31.38
N PHE I 166 -92.38 38.21 -30.70
CA PHE I 166 -92.34 39.50 -31.36
C PHE I 166 -91.01 40.18 -31.09
N LYS I 167 -90.25 40.38 -32.15
CA LYS I 167 -88.99 41.09 -32.11
C LYS I 167 -89.23 42.39 -32.87
N SER I 168 -88.52 43.45 -32.51
CA SER I 168 -88.74 44.74 -33.15
C SER I 168 -87.51 45.60 -33.08
N ASN I 169 -87.20 46.25 -34.20
CA ASN I 169 -86.18 47.28 -34.24
C ASN I 169 -86.74 48.63 -33.84
N SER I 170 -85.86 49.54 -33.43
CA SER I 170 -86.27 50.88 -33.01
C SER I 170 -85.07 51.81 -33.05
N ALA I 171 -85.35 53.10 -33.08
CA ALA I 171 -84.30 54.13 -32.95
C ALA I 171 -84.98 55.44 -32.63
N VAL I 172 -84.23 56.36 -32.02
CA VAL I 172 -84.85 57.52 -31.40
C VAL I 172 -84.13 58.83 -31.72
N ALA I 173 -84.92 59.90 -31.85
CA ALA I 173 -84.39 61.25 -32.07
C ALA I 173 -85.10 62.27 -31.19
N TRP I 174 -84.37 63.33 -30.80
CA TRP I 174 -84.94 64.41 -29.99
C TRP I 174 -84.36 65.76 -30.33
N SER I 175 -85.03 66.78 -29.77
CA SER I 175 -85.42 67.96 -30.51
C SER I 175 -85.31 69.25 -29.71
N ASN I 176 -84.17 69.43 -29.05
CA ASN I 176 -83.95 70.59 -28.18
C ASN I 176 -83.94 71.91 -28.97
N LYS I 177 -83.39 71.85 -30.19
CA LYS I 177 -83.64 72.85 -31.23
C LYS I 177 -85.01 72.57 -31.82
N SER I 178 -86.00 73.37 -31.42
CA SER I 178 -87.40 73.16 -31.84
C SER I 178 -87.81 74.04 -33.04
N ASP I 179 -86.85 74.62 -33.76
CA ASP I 179 -87.12 75.06 -35.15
C ASP I 179 -87.30 73.76 -35.94
N PHE I 180 -88.55 73.30 -36.02
CA PHE I 180 -88.85 71.86 -35.97
C PHE I 180 -88.52 71.04 -37.23
N ALA I 181 -88.07 69.79 -37.02
CA ALA I 181 -87.78 68.88 -38.14
C ALA I 181 -88.00 67.38 -37.87
N CYS I 182 -89.20 66.98 -37.43
CA CYS I 182 -89.55 65.54 -37.32
C CYS I 182 -89.84 64.95 -38.70
N ALA I 183 -89.97 63.63 -38.76
CA ALA I 183 -89.78 62.88 -40.01
C ALA I 183 -88.33 63.16 -40.42
N ASN I 184 -88.13 64.00 -41.44
CA ASN I 184 -86.79 64.48 -41.81
C ASN I 184 -85.68 63.41 -41.67
N ALA I 185 -84.63 63.70 -40.91
CA ALA I 185 -83.53 62.75 -40.65
C ALA I 185 -82.74 62.35 -41.91
N PHE I 186 -83.10 62.88 -43.08
CA PHE I 186 -82.43 62.53 -44.34
C PHE I 186 -82.38 61.02 -44.63
N ASN I 187 -81.62 60.25 -43.85
CA ASN I 187 -80.98 59.04 -44.38
C ASN I 187 -81.80 57.74 -44.48
N ASN I 188 -82.01 57.33 -45.73
CA ASN I 188 -82.39 55.96 -46.16
C ASN I 188 -83.29 55.07 -45.29
N SER I 189 -84.46 55.61 -44.93
CA SER I 189 -85.58 54.77 -44.45
C SER I 189 -86.09 53.87 -45.60
N ILE I 190 -86.98 52.97 -45.24
CA ILE I 190 -87.78 52.23 -46.22
C ILE I 190 -88.84 53.24 -46.70
N ILE I 191 -89.27 53.13 -47.95
CA ILE I 191 -90.08 54.22 -48.55
C ILE I 191 -91.50 54.34 -47.96
N PRO I 192 -92.26 53.22 -47.89
CA PRO I 192 -93.57 53.23 -47.20
C PRO I 192 -93.49 52.98 -45.68
N GLU I 193 -93.66 54.04 -44.88
CA GLU I 193 -93.85 53.95 -43.43
C GLU I 193 -94.99 54.86 -42.96
N ASP I 194 -95.93 54.34 -42.16
CA ASP I 194 -97.09 55.15 -41.72
C ASP I 194 -96.71 56.23 -40.70
N THR I 195 -97.36 57.38 -40.78
CA THR I 195 -96.95 58.60 -40.08
C THR I 195 -98.06 59.66 -40.17
N PHE I 196 -97.98 60.73 -39.38
CA PHE I 196 -99.11 61.70 -39.26
C PHE I 196 -98.68 63.11 -39.68
N PHE I 197 -99.64 63.89 -40.20
CA PHE I 197 -99.44 65.27 -40.64
C PHE I 197 -100.52 66.17 -40.04
N GLY J 3 -68.95 33.28 -6.84
CA GLY J 3 -67.76 33.39 -7.72
C GLY J 3 -66.76 34.38 -7.12
N VAL J 4 -65.88 34.85 -7.96
CA VAL J 4 -64.90 35.84 -7.63
C VAL J 4 -65.62 37.13 -7.37
N ILE J 5 -65.20 37.84 -6.32
CA ILE J 5 -65.88 39.07 -5.93
C ILE J 5 -64.91 40.21 -6.02
N GLN J 6 -65.29 41.25 -6.75
CA GLN J 6 -64.41 42.37 -6.97
C GLN J 6 -65.04 43.61 -6.40
N SER J 7 -64.23 44.47 -5.82
CA SER J 7 -64.76 45.73 -5.31
C SER J 7 -63.73 46.85 -5.53
N PRO J 8 -64.21 48.08 -5.75
CA PRO J 8 -65.60 48.38 -6.05
C PRO J 8 -65.98 47.98 -7.48
N ARG J 9 -67.27 48.00 -7.79
CA ARG J 9 -67.68 47.72 -9.16
C ARG J 9 -67.41 48.93 -10.03
N HIS J 10 -67.60 50.14 -9.47
CA HIS J 10 -67.29 51.39 -10.16
C HIS J 10 -66.46 52.34 -9.31
N GLU J 11 -65.53 53.02 -9.97
CA GLU J 11 -64.70 54.02 -9.33
C GLU J 11 -64.46 55.20 -10.25
N VAL J 12 -64.88 56.37 -9.81
CA VAL J 12 -64.68 57.64 -10.47
C VAL J 12 -63.84 58.50 -9.56
N THR J 13 -62.67 58.94 -10.03
CA THR J 13 -61.72 59.65 -9.20
C THR J 13 -60.85 60.70 -9.91
N GLU J 14 -60.41 61.69 -9.16
CA GLU J 14 -59.56 62.75 -9.67
C GLU J 14 -58.15 62.21 -9.82
N MET J 15 -57.49 62.57 -10.90
CA MET J 15 -56.11 62.14 -11.07
C MET J 15 -55.30 62.63 -9.85
N GLY J 16 -54.24 61.88 -9.52
CA GLY J 16 -53.37 62.22 -8.41
C GLY J 16 -53.68 61.45 -7.15
N GLN J 17 -54.89 60.90 -7.05
CA GLN J 17 -55.27 60.12 -5.87
C GLN J 17 -54.80 58.68 -5.97
N GLN J 18 -54.79 57.98 -4.84
CA GLN J 18 -54.55 56.54 -4.79
C GLN J 18 -55.85 55.82 -5.14
N VAL J 19 -55.76 54.82 -6.00
CA VAL J 19 -56.88 53.97 -6.36
C VAL J 19 -56.62 52.59 -5.82
N THR J 20 -57.60 51.97 -5.21
CA THR J 20 -57.40 50.60 -4.72
C THR J 20 -58.42 49.67 -5.35
N LEU J 21 -57.96 48.58 -5.96
CA LEU J 21 -58.88 47.65 -6.54
C LEU J 21 -58.72 46.40 -5.75
N ARG J 22 -59.82 45.71 -5.49
CA ARG J 22 -59.75 44.51 -4.69
C ARG J 22 -60.47 43.33 -5.31
N CYS J 23 -60.02 42.15 -4.88
CA CYS J 23 -60.51 40.91 -5.37
C CYS J 23 -60.47 39.83 -4.30
N LYS J 24 -61.59 39.09 -4.19
CA LYS J 24 -61.65 37.85 -3.37
C LYS J 24 -61.86 36.65 -4.31
N PRO J 25 -60.84 35.78 -4.47
CA PRO J 25 -60.94 34.63 -5.37
C PRO J 25 -61.95 33.63 -4.84
N ILE J 26 -62.29 32.64 -5.63
CA ILE J 26 -63.21 31.57 -5.20
C ILE J 26 -62.43 30.74 -4.20
N SER J 27 -63.01 30.44 -3.08
CA SER J 27 -62.20 29.81 -2.07
C SER J 27 -61.84 28.42 -2.54
N GLY J 28 -60.60 28.06 -2.25
CA GLY J 28 -60.09 26.79 -2.72
C GLY J 28 -59.18 27.03 -3.91
N HIS J 29 -59.30 28.17 -4.56
CA HIS J 29 -58.49 28.40 -5.71
C HIS J 29 -57.19 29.01 -5.26
N ASP J 30 -56.09 28.50 -5.77
CA ASP J 30 -54.77 28.96 -5.37
C ASP J 30 -54.13 29.84 -6.39
N TYR J 31 -54.73 30.02 -7.59
CA TYR J 31 -54.19 31.01 -8.60
C TYR J 31 -55.09 32.23 -8.68
N LEU J 32 -54.48 33.42 -8.77
CA LEU J 32 -55.23 34.65 -8.95
C LEU J 32 -54.58 35.55 -10.00
N PHE J 33 -55.40 36.03 -10.94
CA PHE J 33 -54.96 36.77 -12.12
C PHE J 33 -55.60 38.17 -12.14
N TRP J 34 -54.82 39.21 -12.45
CA TRP J 34 -55.32 40.58 -12.63
C TRP J 34 -55.10 40.97 -14.09
N TYR J 35 -56.18 41.36 -14.74
CA TYR J 35 -56.13 41.79 -16.11
C TYR J 35 -56.64 43.20 -16.19
N ARG J 36 -56.34 43.84 -17.30
CA ARG J 36 -56.80 45.17 -17.61
C ARG J 36 -57.39 45.12 -19.03
N GLN J 37 -58.52 45.81 -19.27
CA GLN J 37 -59.04 45.91 -20.62
C GLN J 37 -59.39 47.35 -20.93
N THR J 38 -58.79 47.85 -21.98
CA THR J 38 -59.00 49.22 -22.32
C THR J 38 -59.82 49.34 -23.63
N MET J 39 -60.47 50.49 -23.83
CA MET J 39 -61.13 50.84 -25.12
C MET J 39 -61.76 49.64 -25.89
N MET J 40 -61.53 49.58 -27.22
CA MET J 40 -61.83 48.40 -28.07
C MET J 40 -60.65 47.40 -28.09
N ARG J 41 -59.87 47.35 -27.01
CA ARG J 41 -58.83 46.35 -26.87
C ARG J 41 -59.37 45.02 -26.30
N GLY J 42 -58.47 44.05 -26.30
CA GLY J 42 -58.59 42.90 -25.47
C GLY J 42 -57.88 43.12 -24.13
N LEU J 43 -57.98 42.07 -23.35
CA LEU J 43 -57.32 41.99 -22.10
C LEU J 43 -55.79 41.98 -22.19
N GLU J 44 -55.19 42.41 -21.09
CA GLU J 44 -53.73 42.37 -20.90
C GLU J 44 -53.58 41.83 -19.51
N LEU J 45 -52.73 40.83 -19.35
CA LEU J 45 -52.45 40.34 -18.02
C LEU J 45 -51.46 41.31 -17.33
N LEU J 46 -51.79 41.78 -16.14
CA LEU J 46 -50.89 42.59 -15.33
C LEU J 46 -49.98 41.70 -14.54
N ILE J 47 -50.55 40.77 -13.79
CA ILE J 47 -49.78 39.89 -12.95
C ILE J 47 -50.60 38.66 -12.59
N TYR J 48 -49.96 37.56 -12.28
CA TYR J 48 -50.68 36.52 -11.55
C TYR J 48 -49.88 35.96 -10.41
N PHE J 49 -50.64 35.38 -9.47
CA PHE J 49 -50.12 34.86 -8.23
C PHE J 49 -50.50 33.40 -8.09
N ASN J 50 -49.64 32.69 -7.41
CA ASN J 50 -49.95 31.35 -6.99
C ASN J 50 -49.52 31.18 -5.56
N ASN J 51 -50.39 30.61 -4.73
CA ASN J 51 -50.19 30.54 -3.32
C ASN J 51 -49.70 31.85 -2.70
N ASN J 52 -50.21 32.96 -3.22
CA ASN J 52 -49.88 34.33 -2.75
C ASN J 52 -48.53 34.88 -3.17
N VAL J 53 -47.74 34.08 -3.87
CA VAL J 53 -46.49 34.51 -4.43
C VAL J 53 -46.69 35.04 -5.86
N PRO J 54 -46.10 36.20 -6.21
CA PRO J 54 -46.26 36.64 -7.59
C PRO J 54 -45.42 35.80 -8.52
N ILE J 55 -45.99 35.36 -9.64
CA ILE J 55 -45.34 34.40 -10.54
C ILE J 55 -44.76 35.04 -11.79
N ASP J 56 -45.57 35.84 -12.45
CA ASP J 56 -45.21 36.52 -13.68
C ASP J 56 -45.85 37.89 -13.66
N ASP J 57 -45.01 38.93 -13.70
CA ASP J 57 -45.44 40.30 -13.64
C ASP J 57 -44.94 41.15 -14.80
N SER J 58 -44.52 40.49 -15.89
CA SER J 58 -44.03 41.17 -17.09
C SER J 58 -45.02 42.25 -17.62
N GLY J 59 -46.31 42.02 -17.50
CA GLY J 59 -47.30 43.02 -17.89
C GLY J 59 -47.56 44.14 -16.91
N MET J 60 -46.85 44.18 -15.78
CA MET J 60 -47.06 45.27 -14.84
C MET J 60 -46.41 46.55 -15.37
N PRO J 61 -47.14 47.68 -15.29
CA PRO J 61 -46.48 48.92 -15.66
C PRO J 61 -45.31 49.16 -14.74
N GLU J 62 -44.24 49.68 -15.31
CA GLU J 62 -42.98 49.91 -14.58
C GLU J 62 -43.08 50.83 -13.38
N ASP J 63 -44.07 51.71 -13.31
CA ASP J 63 -43.98 52.72 -12.30
C ASP J 63 -45.03 52.72 -11.14
N ARG J 64 -46.27 53.04 -11.41
CA ARG J 64 -47.20 53.46 -10.34
C ARG J 64 -48.19 52.35 -9.85
N PHE J 65 -47.90 51.10 -10.18
CA PHE J 65 -48.86 50.05 -10.01
C PHE J 65 -48.17 49.06 -9.08
N SER J 66 -48.89 48.52 -8.11
CA SER J 66 -48.30 47.51 -7.26
C SER J 66 -49.41 46.53 -6.83
N ALA J 67 -49.14 45.23 -6.93
CA ALA J 67 -50.09 44.23 -6.56
C ALA J 67 -49.62 43.41 -5.39
N LYS J 68 -50.56 43.05 -4.53
CA LYS J 68 -50.28 42.22 -3.38
C LYS J 68 -51.37 41.17 -3.18
N MET J 69 -50.96 40.08 -2.56
CA MET J 69 -51.91 39.13 -2.07
C MET J 69 -51.56 38.76 -0.62
N PRO J 70 -52.11 39.49 0.34
CA PRO J 70 -51.64 39.21 1.72
C PRO J 70 -52.15 37.93 2.34
N ASN J 71 -53.18 37.30 1.78
CA ASN J 71 -53.59 35.95 2.22
C ASN J 71 -54.28 35.32 1.06
N ALA J 72 -54.68 34.05 1.21
CA ALA J 72 -55.24 33.29 0.06
C ALA J 72 -56.59 33.81 -0.44
N SER J 73 -57.33 34.60 0.34
CA SER J 73 -58.61 35.09 -0.16
C SER J 73 -58.71 36.58 -0.40
N PHE J 74 -57.58 37.24 -0.67
CA PHE J 74 -57.63 38.70 -0.83
C PHE J 74 -56.41 39.18 -1.60
N SER J 75 -56.66 39.91 -2.69
CA SER J 75 -55.63 40.55 -3.42
C SER J 75 -56.02 42.00 -3.74
N THR J 76 -55.02 42.88 -3.76
CA THR J 76 -55.19 44.29 -4.05
C THR J 76 -54.27 44.70 -5.17
N LEU J 77 -54.78 45.60 -6.00
CA LEU J 77 -53.98 46.24 -6.99
C LEU J 77 -54.12 47.72 -6.72
N LYS J 78 -53.00 48.40 -6.55
CA LYS J 78 -53.00 49.82 -6.20
C LYS J 78 -52.28 50.61 -7.24
N ILE J 79 -52.75 51.83 -7.41
CA ILE J 79 -52.19 52.79 -8.33
C ILE J 79 -52.02 54.07 -7.52
N GLN J 80 -50.77 54.52 -7.37
CA GLN J 80 -50.43 55.76 -6.65
C GLN J 80 -49.27 56.40 -7.41
N PRO J 81 -49.42 57.61 -7.98
CA PRO J 81 -50.71 58.31 -8.20
C PRO J 81 -51.46 57.92 -9.51
N SER J 82 -52.79 58.00 -9.50
CA SER J 82 -53.62 57.64 -10.66
C SER J 82 -53.55 58.70 -11.75
N GLU J 83 -53.65 58.28 -13.00
CA GLU J 83 -53.66 59.20 -14.14
C GLU J 83 -54.81 58.82 -15.07
N PRO J 84 -55.28 59.77 -15.88
CA PRO J 84 -56.34 59.44 -16.82
C PRO J 84 -56.07 58.23 -17.72
N ARG J 85 -54.86 58.04 -18.22
CA ARG J 85 -54.59 56.89 -19.06
C ARG J 85 -54.81 55.56 -18.34
N ASP J 86 -54.95 55.55 -17.03
CA ASP J 86 -55.27 54.32 -16.27
C ASP J 86 -56.72 53.86 -16.29
N SER J 87 -57.62 54.65 -16.85
CA SER J 87 -59.03 54.28 -16.91
C SER J 87 -59.19 53.02 -17.73
N ALA J 88 -59.94 52.06 -17.23
CA ALA J 88 -60.00 50.78 -17.85
C ALA J 88 -61.02 49.96 -17.06
N VAL J 89 -61.35 48.77 -17.54
CA VAL J 89 -62.02 47.81 -16.72
C VAL J 89 -60.88 46.93 -16.25
N TYR J 90 -60.88 46.58 -14.97
CA TYR J 90 -59.85 45.74 -14.39
C TYR J 90 -60.59 44.50 -13.97
N PHE J 91 -60.14 43.35 -14.45
CA PHE J 91 -60.74 42.08 -14.08
C PHE J 91 -59.82 41.28 -13.19
N CYS J 92 -60.42 40.52 -12.32
CA CYS J 92 -59.69 39.59 -11.50
C CYS J 92 -60.25 38.21 -11.91
N ALA J 93 -59.41 37.19 -11.95
CA ALA J 93 -59.88 35.82 -12.12
C ALA J 93 -59.20 34.87 -11.17
N SER J 94 -59.80 33.73 -10.91
CA SER J 94 -59.04 32.72 -10.18
C SER J 94 -59.23 31.37 -10.81
N SER J 95 -58.32 30.44 -10.50
CA SER J 95 -58.41 29.06 -10.95
C SER J 95 -57.63 28.05 -10.09
N LEU J 96 -57.63 26.78 -10.55
CA LEU J 96 -56.89 25.65 -9.96
C LEU J 96 -56.11 25.02 -11.10
N TRP J 97 -55.14 24.19 -10.77
CA TRP J 97 -54.23 23.64 -11.76
C TRP J 97 -55.03 22.85 -12.82
N GLU J 98 -55.88 21.96 -12.36
CA GLU J 98 -56.57 21.04 -13.26
C GLU J 98 -57.59 21.78 -14.17
N LYS J 99 -58.04 22.96 -13.79
CA LYS J 99 -58.84 23.77 -14.69
C LYS J 99 -57.99 24.54 -15.66
N LEU J 100 -56.84 25.01 -15.19
CA LEU J 100 -55.93 25.77 -16.01
C LEU J 100 -55.35 24.90 -17.09
N ALA J 101 -55.27 23.60 -16.85
CA ALA J 101 -54.75 22.68 -17.83
C ALA J 101 -55.70 22.56 -19.04
N LYS J 102 -56.97 22.92 -18.88
CA LYS J 102 -57.95 23.00 -19.99
C LYS J 102 -58.34 24.47 -20.20
N ASN J 103 -57.50 25.35 -19.67
CA ASN J 103 -57.54 26.79 -19.87
C ASN J 103 -58.77 27.45 -19.38
N ILE J 104 -59.28 26.97 -18.25
CA ILE J 104 -60.45 27.57 -17.63
C ILE J 104 -60.00 28.38 -16.45
N GLN J 105 -60.50 29.61 -16.37
CA GLN J 105 -60.33 30.47 -15.22
C GLN J 105 -61.67 31.14 -14.91
N TYR J 106 -61.89 31.68 -13.71
CA TYR J 106 -63.21 32.21 -13.36
C TYR J 106 -63.04 33.68 -13.13
N PHE J 107 -63.83 34.47 -13.81
CA PHE J 107 -63.63 35.90 -13.92
C PHE J 107 -64.57 36.62 -12.98
N GLY J 108 -64.05 37.63 -12.30
CA GLY J 108 -64.94 38.57 -11.59
C GLY J 108 -65.76 39.38 -12.56
N ALA J 109 -66.68 40.20 -12.05
CA ALA J 109 -67.48 41.10 -12.85
C ALA J 109 -66.69 42.32 -13.30
N GLY J 110 -65.53 42.53 -12.75
CA GLY J 110 -64.73 43.69 -13.11
C GLY J 110 -64.98 44.96 -12.30
N THR J 111 -63.99 45.82 -12.21
CA THR J 111 -64.12 47.16 -11.70
C THR J 111 -63.98 48.11 -12.89
N ARG J 112 -64.90 49.05 -13.06
CA ARG J 112 -64.78 50.00 -14.13
C ARG J 112 -64.23 51.31 -13.55
N LEU J 113 -63.05 51.71 -14.00
CA LEU J 113 -62.32 52.86 -13.42
C LEU J 113 -62.17 54.03 -14.35
N SER J 114 -62.69 55.19 -13.92
CA SER J 114 -62.48 56.43 -14.62
C SER J 114 -61.63 57.38 -13.77
N VAL J 115 -60.44 57.70 -14.25
CA VAL J 115 -59.63 58.72 -13.63
C VAL J 115 -59.73 60.00 -14.47
N LEU J 116 -60.14 61.07 -13.82
CA LEU J 116 -60.54 62.28 -14.48
C LEU J 116 -59.52 63.37 -14.24
N GLU J 117 -59.15 64.01 -15.34
CA GLU J 117 -58.46 65.28 -15.35
C GLU J 117 -58.96 66.24 -14.27
N ASP J 118 -60.28 66.35 -14.10
CA ASP J 118 -60.90 67.41 -13.28
C ASP J 118 -62.35 67.06 -12.91
N LEU J 119 -62.69 67.18 -11.65
CA LEU J 119 -64.04 66.82 -11.19
C LEU J 119 -65.15 67.82 -11.55
N LYS J 120 -64.77 69.05 -11.90
CA LYS J 120 -65.71 70.04 -12.44
C LYS J 120 -66.44 69.58 -13.71
N ASN J 121 -65.90 68.58 -14.41
CA ASN J 121 -66.56 67.97 -15.57
C ASN J 121 -67.71 66.99 -15.25
N VAL J 122 -67.86 66.58 -14.00
CA VAL J 122 -68.79 65.49 -13.67
C VAL J 122 -70.22 66.01 -13.55
N PHE J 123 -71.18 65.30 -14.12
CA PHE J 123 -72.62 65.68 -14.01
C PHE J 123 -73.51 64.45 -13.95
N PRO J 124 -74.56 64.48 -13.12
CA PRO J 124 -75.54 63.41 -13.15
C PRO J 124 -76.47 63.59 -14.36
N PRO J 125 -77.20 62.54 -14.75
CA PRO J 125 -78.16 62.69 -15.83
C PRO J 125 -79.45 63.33 -15.37
N GLU J 126 -80.13 63.96 -16.31
CA GLU J 126 -81.54 64.24 -16.14
C GLU J 126 -82.28 63.10 -16.87
N VAL J 127 -83.43 62.70 -16.35
CA VAL J 127 -84.13 61.56 -16.89
C VAL J 127 -85.58 61.88 -17.12
N ALA J 128 -86.08 61.55 -18.30
CA ALA J 128 -87.50 61.70 -18.64
C ALA J 128 -88.05 60.43 -19.27
N VAL J 129 -89.28 60.09 -18.91
CA VAL J 129 -90.03 59.09 -19.64
C VAL J 129 -90.95 59.79 -20.62
N PHE J 130 -91.10 59.21 -21.80
CA PHE J 130 -92.06 59.70 -22.77
C PHE J 130 -93.09 58.61 -23.01
N GLU J 131 -94.33 59.04 -23.21
CA GLU J 131 -95.44 58.11 -23.26
C GLU J 131 -95.76 57.65 -24.70
N PRO J 132 -96.38 56.46 -24.84
CA PRO J 132 -96.80 55.99 -26.16
C PRO J 132 -97.64 57.02 -26.90
N SER J 133 -97.55 57.01 -28.22
CA SER J 133 -98.46 57.80 -29.05
C SER J 133 -99.74 57.01 -29.32
N GLU J 134 -100.85 57.73 -29.49
CA GLU J 134 -102.10 57.12 -29.96
C GLU J 134 -101.90 56.49 -31.33
N ALA J 135 -101.07 57.12 -32.16
CA ALA J 135 -100.76 56.57 -33.47
C ALA J 135 -100.25 55.12 -33.38
N GLU J 136 -99.25 54.88 -32.54
CA GLU J 136 -98.73 53.53 -32.35
C GLU J 136 -99.81 52.55 -31.89
N ILE J 137 -100.55 52.93 -30.85
CA ILE J 137 -101.55 52.01 -30.25
C ILE J 137 -102.68 51.61 -31.21
N SER J 138 -102.97 52.46 -32.19
CA SER J 138 -104.05 52.21 -33.16
C SER J 138 -103.59 51.30 -34.31
N HIS J 139 -102.34 51.50 -34.73
CA HIS J 139 -101.77 50.81 -35.89
C HIS J 139 -101.25 49.41 -35.56
N THR J 140 -100.75 49.23 -34.33
CA THR J 140 -100.04 48.02 -33.91
C THR J 140 -100.58 47.33 -32.65
N GLN J 141 -101.42 48.01 -31.87
CA GLN J 141 -101.91 47.50 -30.57
C GLN J 141 -100.79 47.18 -29.57
N LYS J 142 -99.66 47.84 -29.75
CA LYS J 142 -98.53 47.72 -28.84
C LYS J 142 -98.21 49.15 -28.40
N ALA J 143 -97.49 49.29 -27.29
CA ALA J 143 -97.26 50.61 -26.70
C ALA J 143 -95.82 50.75 -26.24
N THR J 144 -95.11 51.75 -26.77
CA THR J 144 -93.71 51.93 -26.45
C THR J 144 -93.45 53.20 -25.65
N LEU J 145 -92.91 53.00 -24.45
CA LEU J 145 -92.43 54.08 -23.61
C LEU J 145 -90.97 54.27 -23.94
N VAL J 146 -90.48 55.50 -23.84
CA VAL J 146 -89.05 55.76 -23.98
C VAL J 146 -88.53 56.53 -22.79
N CYS J 147 -87.31 56.19 -22.39
CA CYS J 147 -86.60 56.89 -21.34
C CYS J 147 -85.38 57.55 -21.95
N LEU J 148 -85.14 58.79 -21.58
CA LEU J 148 -83.93 59.51 -22.00
C LEU J 148 -83.14 59.98 -20.82
N ALA J 149 -81.88 59.57 -20.77
CA ALA J 149 -80.96 59.99 -19.77
C ALA J 149 -79.97 60.88 -20.48
N THR J 150 -79.91 62.15 -20.09
CA THR J 150 -79.12 63.16 -20.85
C THR J 150 -78.19 63.98 -19.97
N GLY J 151 -77.05 64.37 -20.54
CA GLY J 151 -76.14 65.35 -19.93
C GLY J 151 -75.21 64.82 -18.83
N PHE J 152 -74.90 63.54 -18.85
CA PHE J 152 -74.09 62.98 -17.77
C PHE J 152 -72.65 62.74 -18.18
N TYR J 153 -71.79 62.78 -17.18
CA TYR J 153 -70.37 62.57 -17.35
C TYR J 153 -69.85 62.17 -15.96
N PRO J 154 -69.09 61.10 -15.87
CA PRO J 154 -68.63 60.33 -17.01
C PRO J 154 -69.65 59.28 -17.37
N ASP J 155 -69.22 58.24 -18.07
CA ASP J 155 -70.07 57.23 -18.67
C ASP J 155 -70.26 55.98 -17.75
N HIS J 156 -70.84 56.20 -16.58
CA HIS J 156 -71.09 55.15 -15.61
C HIS J 156 -72.54 55.30 -15.21
N VAL J 157 -73.40 54.64 -15.98
CA VAL J 157 -74.80 54.60 -15.69
C VAL J 157 -75.33 53.21 -15.96
N GLU J 158 -76.33 52.82 -15.17
CA GLU J 158 -77.06 51.58 -15.32
C GLU J 158 -78.52 51.95 -15.26
N LEU J 159 -79.23 51.56 -16.30
CA LEU J 159 -80.60 51.92 -16.50
C LEU J 159 -81.40 50.66 -16.30
N SER J 160 -82.53 50.75 -15.60
CA SER J 160 -83.44 49.62 -15.44
C SER J 160 -84.85 50.15 -15.53
N TRP J 161 -85.81 49.30 -15.90
CA TRP J 161 -87.23 49.65 -15.87
C TRP J 161 -87.93 48.86 -14.78
N TRP J 162 -88.85 49.52 -14.09
CA TRP J 162 -89.67 48.89 -13.06
C TRP J 162 -91.13 49.11 -13.41
N VAL J 163 -91.95 48.07 -13.24
CA VAL J 163 -93.41 48.28 -13.23
C VAL J 163 -93.97 47.69 -11.95
N ASN J 164 -94.92 48.40 -11.37
CA ASN J 164 -95.56 47.99 -10.15
C ASN J 164 -94.56 47.44 -9.13
N GLY J 165 -93.42 48.11 -8.99
CA GLY J 165 -92.42 47.76 -7.98
C GLY J 165 -91.51 46.54 -8.21
N LYS J 166 -91.55 45.95 -9.40
CA LYS J 166 -90.62 44.87 -9.76
C LYS J 166 -89.88 45.27 -11.02
N GLU J 167 -88.56 45.03 -11.04
CA GLU J 167 -87.80 45.30 -12.27
C GLU J 167 -88.15 44.30 -13.37
N VAL J 168 -88.23 44.84 -14.59
CA VAL J 168 -88.75 44.15 -15.75
C VAL J 168 -87.61 43.96 -16.76
N HIS J 169 -87.38 42.71 -17.20
CA HIS J 169 -86.55 42.46 -18.37
C HIS J 169 -87.42 41.76 -19.40
N SER J 170 -88.25 42.51 -20.11
CA SER J 170 -89.10 41.96 -21.16
C SER J 170 -89.65 43.13 -21.91
N GLY J 171 -89.37 43.20 -23.20
CA GLY J 171 -89.77 44.32 -24.03
C GLY J 171 -88.84 45.50 -23.90
N VAL J 172 -87.76 45.35 -23.13
CA VAL J 172 -86.83 46.45 -22.95
C VAL J 172 -85.70 46.34 -23.91
N CYS J 173 -85.26 47.47 -24.39
CA CYS J 173 -84.10 47.55 -25.26
C CYS J 173 -83.40 48.84 -24.92
N THR J 174 -82.13 48.75 -24.56
CA THR J 174 -81.41 49.97 -24.22
C THR J 174 -80.09 50.01 -24.97
N ASP J 175 -79.76 51.19 -25.48
CA ASP J 175 -78.60 51.39 -26.36
C ASP J 175 -77.41 50.68 -25.75
N PRO J 176 -76.58 50.05 -26.58
CA PRO J 176 -75.41 49.38 -26.01
C PRO J 176 -74.38 50.40 -25.54
N GLN J 177 -74.06 51.35 -26.41
CA GLN J 177 -73.18 52.47 -26.07
C GLN J 177 -74.05 53.71 -25.90
N PRO J 178 -73.54 54.76 -25.24
CA PRO J 178 -74.28 56.00 -25.12
C PRO J 178 -73.81 57.02 -26.13
N LEU J 179 -74.69 57.95 -26.47
CA LEU J 179 -74.40 58.98 -27.43
C LEU J 179 -73.57 60.08 -26.75
N LYS J 180 -72.92 60.88 -27.58
CA LYS J 180 -72.03 61.93 -27.13
C LYS J 180 -72.57 63.31 -27.55
N GLU J 181 -72.78 64.21 -26.60
CA GLU J 181 -72.84 65.64 -26.91
C GLU J 181 -71.40 65.83 -27.34
N GLN J 182 -71.22 66.29 -28.59
CA GLN J 182 -70.09 65.88 -29.43
C GLN J 182 -69.07 66.98 -29.78
N PRO J 183 -68.40 67.54 -28.77
CA PRO J 183 -67.10 68.15 -29.04
C PRO J 183 -66.11 67.16 -29.66
N ALA J 184 -65.54 67.52 -30.80
CA ALA J 184 -64.37 66.83 -31.34
C ALA J 184 -63.12 67.09 -30.47
N LEU J 185 -63.23 68.02 -29.50
CA LEU J 185 -62.30 68.07 -28.37
C LEU J 185 -62.67 66.88 -27.47
N ASN J 186 -61.74 66.49 -26.61
CA ASN J 186 -61.81 65.19 -25.95
C ASN J 186 -63.00 65.06 -24.97
N ASP J 187 -63.35 66.16 -24.31
CA ASP J 187 -64.45 66.16 -23.34
C ASP J 187 -65.84 66.21 -24.01
N SER J 188 -66.84 65.64 -23.33
CA SER J 188 -68.20 65.58 -23.83
C SER J 188 -69.10 64.93 -22.81
N ARG J 189 -70.23 65.56 -22.51
CA ARG J 189 -71.27 64.89 -21.75
C ARG J 189 -71.95 63.83 -22.60
N TYR J 190 -72.77 62.97 -22.00
CA TYR J 190 -73.30 61.79 -22.71
C TYR J 190 -74.81 61.69 -22.63
N ALA J 191 -75.36 60.76 -23.40
CA ALA J 191 -76.79 60.49 -23.35
C ALA J 191 -77.12 59.05 -23.76
N LEU J 192 -78.24 58.57 -23.30
CA LEU J 192 -78.58 57.18 -23.41
C LEU J 192 -80.08 57.08 -23.56
N SER J 193 -80.55 56.11 -24.36
CA SER J 193 -81.98 55.85 -24.46
C SER J 193 -82.31 54.41 -24.19
N SER J 194 -83.54 54.18 -23.75
CA SER J 194 -84.07 52.84 -23.56
C SER J 194 -85.53 52.88 -23.97
N ARG J 195 -86.05 51.75 -24.42
CA ARG J 195 -87.46 51.64 -24.76
C ARG J 195 -88.06 50.52 -23.95
N LEU J 196 -89.33 50.67 -23.59
CA LEU J 196 -90.10 49.58 -23.03
C LEU J 196 -91.37 49.44 -23.86
N ARG J 197 -91.57 48.26 -24.45
CA ARG J 197 -92.80 47.95 -25.18
C ARG J 197 -93.67 46.98 -24.40
N VAL J 198 -94.95 47.29 -24.36
CA VAL J 198 -95.90 46.50 -23.58
C VAL J 198 -97.23 46.53 -24.36
N SER J 199 -98.13 45.59 -24.09
CA SER J 199 -99.41 45.53 -24.86
C SER J 199 -100.24 46.82 -24.67
N ALA J 200 -101.02 47.20 -25.69
CA ALA J 200 -101.82 48.41 -25.59
C ALA J 200 -102.71 48.39 -24.35
N THR J 201 -103.43 47.30 -24.16
CA THR J 201 -104.32 47.15 -23.01
C THR J 201 -103.56 47.24 -21.68
N PHE J 202 -102.31 46.80 -21.66
CA PHE J 202 -101.46 47.00 -20.46
C PHE J 202 -101.19 48.47 -20.21
N TRP J 203 -100.94 49.25 -21.26
CA TRP J 203 -100.76 50.67 -21.02
C TRP J 203 -102.05 51.36 -20.60
N GLN J 204 -103.18 50.89 -21.11
CA GLN J 204 -104.49 51.53 -20.87
C GLN J 204 -105.10 51.24 -19.49
N ASP J 205 -104.43 50.42 -18.68
CA ASP J 205 -104.84 50.15 -17.31
C ASP J 205 -104.16 51.13 -16.33
N PRO J 206 -104.95 52.01 -15.66
CA PRO J 206 -104.37 52.99 -14.72
C PRO J 206 -103.74 52.43 -13.43
N ARG J 207 -103.92 51.15 -13.13
CA ARG J 207 -103.26 50.56 -11.97
C ARG J 207 -101.84 50.10 -12.29
N ASN J 208 -101.42 50.19 -13.57
CA ASN J 208 -100.02 49.98 -13.95
C ASN J 208 -99.17 51.26 -13.86
N HIS J 209 -98.06 51.13 -13.15
CA HIS J 209 -97.16 52.24 -12.92
C HIS J 209 -95.72 51.87 -13.41
N PHE J 210 -95.18 52.72 -14.29
CA PHE J 210 -93.91 52.47 -14.94
C PHE J 210 -92.87 53.46 -14.43
N ARG J 211 -91.68 52.96 -14.13
CA ARG J 211 -90.59 53.78 -13.66
C ARG J 211 -89.29 53.44 -14.40
N CYS J 212 -88.69 54.46 -14.99
CA CYS J 212 -87.37 54.35 -15.58
C CYS J 212 -86.30 54.82 -14.56
N GLN J 213 -85.36 53.94 -14.21
CA GLN J 213 -84.37 54.22 -13.15
C GLN J 213 -82.92 54.16 -13.63
N VAL J 214 -82.17 55.22 -13.35
CA VAL J 214 -80.78 55.31 -13.75
C VAL J 214 -79.84 55.52 -12.58
N GLN J 215 -78.96 54.54 -12.37
CA GLN J 215 -77.92 54.64 -11.38
C GLN J 215 -76.72 55.31 -12.04
N PHE J 216 -76.31 56.44 -11.49
CA PHE J 216 -75.12 57.15 -11.92
C PHE J 216 -74.04 56.93 -10.87
N TYR J 217 -72.82 56.59 -11.32
CA TYR J 217 -71.66 56.60 -10.44
C TYR J 217 -70.81 57.84 -10.59
N GLY J 218 -70.66 58.59 -9.50
CA GLY J 218 -69.88 59.83 -9.53
C GLY J 218 -69.01 59.99 -8.30
N LEU J 219 -69.02 61.19 -7.75
CA LEU J 219 -68.21 61.52 -6.57
C LEU J 219 -68.69 60.81 -5.32
N SER J 220 -67.77 60.63 -4.39
CA SER J 220 -68.10 60.01 -3.13
C SER J 220 -67.98 61.10 -2.07
N GLU J 221 -68.18 60.75 -0.81
CA GLU J 221 -68.11 61.76 0.26
C GLU J 221 -66.70 62.26 0.55
N ASN J 222 -65.69 61.47 0.19
CA ASN J 222 -64.29 61.85 0.41
C ASN J 222 -63.73 62.84 -0.61
N ASP J 223 -64.47 63.01 -1.69
CA ASP J 223 -64.10 63.99 -2.70
C ASP J 223 -64.51 65.39 -2.25
N GLU J 224 -63.59 66.33 -2.43
CA GLU J 224 -63.84 67.74 -2.10
C GLU J 224 -64.74 68.38 -3.16
N TRP J 225 -65.55 69.35 -2.76
CA TRP J 225 -66.46 70.03 -3.71
C TRP J 225 -66.90 71.39 -3.18
N THR J 226 -66.75 72.41 -4.04
CA THR J 226 -67.06 73.78 -3.65
C THR J 226 -67.90 74.60 -4.65
N GLN J 227 -68.13 74.10 -5.87
CA GLN J 227 -68.98 74.81 -6.83
C GLN J 227 -70.29 75.14 -6.14
N ASP J 228 -71.01 76.13 -6.68
CA ASP J 228 -72.36 76.44 -6.15
C ASP J 228 -73.43 75.46 -6.62
N ARG J 229 -73.11 74.59 -7.58
CA ARG J 229 -74.05 73.60 -8.04
C ARG J 229 -73.85 72.39 -7.12
N ALA J 230 -74.92 71.60 -7.00
CA ALA J 230 -74.94 70.37 -6.24
C ALA J 230 -73.73 69.52 -6.56
N LYS J 231 -73.14 68.92 -5.53
CA LYS J 231 -72.07 67.96 -5.70
C LYS J 231 -72.61 66.77 -6.50
N PRO J 232 -71.97 66.42 -7.64
CA PRO J 232 -72.45 65.40 -8.59
C PRO J 232 -72.07 64.01 -8.13
N VAL J 233 -72.77 63.62 -7.10
CA VAL J 233 -72.48 62.45 -6.31
C VAL J 233 -73.16 61.24 -6.94
N THR J 234 -72.69 60.04 -6.60
CA THR J 234 -73.31 58.78 -7.00
C THR J 234 -74.76 58.75 -6.50
N GLN J 235 -75.70 58.48 -7.39
CA GLN J 235 -77.09 58.67 -7.06
C GLN J 235 -77.95 58.03 -8.10
N ILE J 236 -79.20 57.85 -7.73
CA ILE J 236 -80.22 57.35 -8.61
C ILE J 236 -81.13 58.44 -9.04
N VAL J 237 -81.37 58.56 -10.33
CA VAL J 237 -82.35 59.49 -10.85
C VAL J 237 -83.40 58.70 -11.61
N SER J 238 -84.67 58.99 -11.37
CA SER J 238 -85.74 58.28 -12.06
C SER J 238 -86.86 59.18 -12.54
N ALA J 239 -87.75 58.58 -13.30
CA ALA J 239 -88.89 59.23 -13.91
C ALA J 239 -89.96 58.16 -14.08
N GLU J 240 -91.21 58.60 -14.16
CA GLU J 240 -92.33 57.72 -13.89
C GLU J 240 -93.53 58.04 -14.78
N ALA J 241 -94.39 57.04 -14.99
CA ALA J 241 -95.61 57.26 -15.73
C ALA J 241 -96.68 56.29 -15.27
N TRP J 242 -97.93 56.68 -15.51
CA TRP J 242 -99.09 55.84 -15.23
C TRP J 242 -99.87 55.59 -16.48
N GLY J 243 -100.47 54.41 -16.55
CA GLY J 243 -101.43 54.08 -17.60
C GLY J 243 -102.65 54.99 -17.66
N ARG J 244 -103.34 54.95 -18.80
CA ARG J 244 -104.57 55.72 -19.02
C ARG J 244 -105.29 55.18 -20.28
N ALA J 245 -106.62 55.11 -20.22
CA ALA J 245 -107.43 54.77 -21.39
C ALA J 245 -108.09 56.04 -21.99
N ASP J 246 -107.67 57.24 -21.56
CA ASP J 246 -108.31 58.52 -21.97
C ASP J 246 -107.47 59.75 -21.65
C1 EDO K . 39.60 -26.35 1.25
O1 EDO K . 40.87 -26.50 1.95
C2 EDO K . 38.40 -25.73 2.02
O2 EDO K . 37.52 -26.70 2.74
C1 EDO L . 40.72 -14.88 4.09
O1 EDO L . 41.78 -15.74 3.70
C2 EDO L . 40.39 -15.10 5.54
O2 EDO L . 39.15 -14.47 5.82
S SO4 M . 37.19 -29.19 -5.27
O1 SO4 M . 37.28 -30.22 -4.19
O2 SO4 M . 36.13 -28.27 -4.83
O3 SO4 M . 38.43 -28.40 -5.44
O4 SO4 M . 36.89 -29.86 -6.56
C1 GOL N . 30.06 -19.04 -1.34
O1 GOL N . 29.49 -17.74 -1.48
C2 GOL N . 29.26 -19.97 -2.23
O2 GOL N . 28.07 -20.22 -1.53
C3 GOL N . 29.97 -21.30 -2.48
O3 GOL N . 30.73 -21.30 -3.70
C1 EDO O . 52.22 -34.20 18.95
O1 EDO O . 51.25 -33.41 19.67
C2 EDO O . 52.37 -35.56 19.60
O2 EDO O . 51.54 -35.64 20.74
C1 EDO P . 56.24 -44.33 44.13
O1 EDO P . 55.21 -45.26 43.79
C2 EDO P . 56.36 -44.30 45.64
O2 EDO P . 55.87 -45.55 46.16
S SO4 Q . 71.35 -39.67 42.91
O1 SO4 Q . 70.13 -39.17 42.26
O2 SO4 Q . 71.66 -38.79 44.05
O3 SO4 Q . 71.07 -41.04 43.44
O4 SO4 Q . 72.56 -39.60 42.03
C1 EDO R . 56.37 -46.08 5.04
O1 EDO R . 57.34 -45.67 5.99
C2 EDO R . 55.78 -47.44 5.35
O2 EDO R . 54.42 -47.41 4.96
S SO4 S . 73.45 -63.29 20.33
O1 SO4 S . 72.53 -63.29 21.48
O2 SO4 S . 73.22 -62.04 19.58
O3 SO4 S . 74.87 -63.35 20.79
O4 SO4 S . 73.19 -64.46 19.47
S SO4 T . 70.44 -16.60 11.98
O1 SO4 T . 69.65 -17.49 12.88
O2 SO4 T . 71.63 -16.08 12.69
O3 SO4 T . 70.84 -17.35 10.76
O4 SO4 T . 69.59 -15.45 11.55
S SO4 U . 66.07 -37.29 -3.27
O1 SO4 U . 64.82 -36.82 -3.95
O2 SO4 U . 66.34 -36.26 -2.21
O3 SO4 U . 65.99 -38.67 -2.74
O4 SO4 U . 67.21 -37.43 -4.19
C1 GOL V . -40.75 35.08 -4.93
O1 GOL V . -41.12 36.05 -5.93
C2 GOL V . -39.85 34.03 -5.58
O2 GOL V . -40.03 32.74 -4.95
C3 GOL V . -38.36 34.42 -5.52
O3 GOL V . -37.54 33.29 -5.19
C1 GOL W . -42.86 16.48 6.40
O1 GOL W . -42.71 15.95 5.04
C2 GOL W . -41.84 17.45 7.04
O2 GOL W . -41.98 18.63 6.28
C3 GOL W . -42.16 17.99 8.46
O3 GOL W . -42.31 17.15 9.64
C1 EDO X . -29.72 29.85 -7.25
O1 EDO X . -29.92 28.96 -8.34
C2 EDO X . -31.07 30.43 -6.84
O2 EDO X . -30.92 31.37 -5.78
C1 EDO Y . -39.23 35.01 -13.54
O1 EDO Y . -38.21 34.70 -14.50
C2 EDO Y . -38.92 34.17 -12.28
O2 EDO Y . -39.33 34.86 -11.09
C1 EDO Z . -53.61 19.40 -2.85
O1 EDO Z . -53.08 20.32 -1.86
C2 EDO Z . -54.89 19.91 -3.54
O2 EDO Z . -54.75 20.31 -4.94
S SO4 AA . -26.95 11.23 -14.86
O1 SO4 AA . -27.48 10.46 -13.70
O2 SO4 AA . -28.01 11.38 -15.90
O3 SO4 AA . -26.52 12.56 -14.37
O4 SO4 AA . -25.76 10.54 -15.39
C1 GOL BA . -5.09 10.55 -11.33
O1 GOL BA . -5.90 11.72 -11.32
C2 GOL BA . -4.78 10.09 -9.92
O2 GOL BA . -4.01 8.90 -10.07
C3 GOL BA . -6.05 9.79 -9.11
O3 GOL BA . -6.09 10.55 -7.89
S SO4 CA . -14.85 28.01 5.85
O1 SO4 CA . -15.64 28.80 6.84
O2 SO4 CA . -14.10 28.83 4.86
O3 SO4 CA . -13.85 27.21 6.61
O4 SO4 CA . -15.79 27.12 5.12
C1 EDO DA . -50.46 22.62 -8.39
O1 EDO DA . -49.20 21.95 -8.19
C2 EDO DA . -50.33 24.12 -8.13
O2 EDO DA . -51.57 24.78 -8.29
C1 EDO EA . -48.88 22.10 -16.20
O1 EDO EA . -47.62 21.47 -16.35
C2 EDO EA . -49.80 21.66 -17.33
O2 EDO EA . -51.02 22.41 -17.24
C1 EDO FA . -49.73 22.37 -39.55
O1 EDO FA . -48.47 22.57 -38.88
C2 EDO FA . -50.80 21.80 -38.61
O2 EDO FA . -51.54 22.86 -38.01
C1 GOL GA . -58.49 47.15 1.79
O1 GOL GA . -59.88 47.21 2.05
C2 GOL GA . -57.85 46.72 3.08
O2 GOL GA . -57.15 45.48 2.88
C3 GOL GA . -58.89 46.56 4.21
O3 GOL GA . -60.19 47.09 3.88
C1 EDO HA . -54.58 30.97 -18.09
O1 EDO HA . -53.57 30.11 -18.66
C2 EDO HA . -55.97 30.53 -18.50
O2 EDO HA . -55.98 29.51 -19.53
C1 EDO IA . -53.14 30.27 -1.64
O1 EDO IA . -53.64 28.93 -1.77
C2 EDO IA . -53.42 31.19 -2.83
O2 EDO IA . -54.82 31.59 -2.94
S SO4 JA . -45.95 53.66 -16.66
O1 SO4 JA . -47.08 53.24 -15.78
O2 SO4 JA . -45.60 55.06 -16.30
O3 SO4 JA . -44.75 52.78 -16.47
O4 SO4 JA . -46.35 53.60 -18.08
#